data_5J78
#
_entry.id   5J78
#
_cell.length_a   98.579
_cell.length_b   109.120
_cell.length_c   196.243
_cell.angle_alpha   90.00
_cell.angle_beta   90.00
_cell.angle_gamma   90.00
#
_symmetry.space_group_name_H-M   'P 21 21 21'
#
loop_
_entity.id
_entity.type
_entity.pdbx_description
1 polymer 'Acetaldehyde dehydrogenase (Acetylating)'
2 non-polymer 'ACETATE ION'
3 non-polymer GLYCEROL
4 non-polymer 'MAGNESIUM ION'
5 water water
#
_entity_poly.entity_id   1
_entity_poly.type   'polypeptide(L)'
_entity_poly.pdbx_seq_one_letter_code
;MGSSHHHHHHSSGLVPRGSHMASMLRDIDLQSIQEVRNYLEEAKAAQKILEKMTQSEIDKIVESMANAAREEAGRLAAMA
VEETGFGNVEDKTLKNLFAANDVYNSIKDVKTVGIIRRDEENRVWEIAQPVGIVAGIIPSTNPTSTVIFKALIAVKARNA
IVFSPHPSAAKCTAEAARIMQEAAERAGAPKGLISCITQPTMAATNELMKHKLTDVILATGGPGLVKAAYSSGKPAYGVG
PGNVPVYIHESANIAKAVQLIIQSKTFDYGTI(CSD)ASEQALLVDESIKEKVVAELKQQGAYFLNEEEKQKVASIIMVN
GSLNAKIVGKAPQVIAEMAGIEIPSDVKLLVAEETEVGKEYPFSIEKLSPILAFYIVKGMEEASELAQKLLEVGGLGHTV
GIHAEDEKVIEAYTIDKPAGRIVVNAGTTFGGIGATVNVKPSLTLGCGAIGNNITSDNVTVTHLFNIKRVAFGVREMPKK
VEGAQKEPALTK
;
_entity_poly.pdbx_strand_id   A,B,C,D
#
# COMPACT_ATOMS: atom_id res chain seq x y z
N LEU A 25 -19.63 16.02 -10.99
N LEU A 25 -11.81 22.56 -10.26
CA LEU A 25 -18.20 15.83 -10.72
CA LEU A 25 -10.37 22.36 -10.09
C LEU A 25 -17.43 17.15 -10.91
C LEU A 25 -10.04 21.42 -8.93
N ARG A 26 -16.76 17.63 -9.86
N ARG A 26 -10.72 21.62 -7.81
CA ARG A 26 -16.19 18.98 -9.83
CA ARG A 26 -10.57 20.76 -6.65
C ARG A 26 -14.66 19.04 -9.84
C ARG A 26 -10.65 19.29 -7.06
N ASP A 27 -14.01 18.18 -9.05
N ASP A 27 -11.53 19.02 -8.03
CA ASP A 27 -12.55 18.23 -8.90
CA ASP A 27 -11.92 17.66 -8.38
C ASP A 27 -11.82 17.52 -10.06
C ASP A 27 -11.51 17.23 -9.79
N ILE A 28 -10.62 18.00 -10.40
CA ILE A 28 -9.96 17.56 -11.63
C ILE A 28 -9.46 16.09 -11.50
N ASP A 29 -8.97 15.67 -10.34
CA ASP A 29 -8.56 14.27 -10.19
C ASP A 29 -9.76 13.32 -10.46
N LEU A 30 -10.92 13.61 -9.88
CA LEU A 30 -12.09 12.75 -10.04
C LEU A 30 -12.59 12.77 -11.48
N GLN A 31 -12.59 13.96 -12.06
CA GLN A 31 -13.00 14.15 -13.45
C GLN A 31 -12.04 13.44 -14.39
N SER A 32 -10.76 13.46 -14.09
CA SER A 32 -9.81 12.78 -14.95
C SER A 32 -10.01 11.25 -14.84
N ILE A 33 -10.33 10.74 -13.65
CA ILE A 33 -10.68 9.32 -13.53
C ILE A 33 -11.91 8.96 -14.37
N GLN A 34 -12.96 9.76 -14.23
N GLN A 34 -12.96 9.76 -14.22
CA GLN A 34 -14.17 9.57 -15.00
CA GLN A 34 -14.19 9.62 -14.98
C GLN A 34 -13.86 9.54 -16.50
C GLN A 34 -13.89 9.58 -16.49
N GLU A 35 -13.03 10.49 -16.94
CA GLU A 35 -12.67 10.55 -18.35
C GLU A 35 -12.01 9.24 -18.82
N VAL A 36 -11.00 8.76 -18.08
CA VAL A 36 -10.38 7.46 -18.37
C VAL A 36 -11.41 6.33 -18.50
N ARG A 37 -12.33 6.27 -17.54
CA ARG A 37 -13.38 5.24 -17.57
C ARG A 37 -14.23 5.36 -18.82
N ASN A 38 -14.65 6.57 -19.17
CA ASN A 38 -15.38 6.78 -20.41
C ASN A 38 -14.60 6.36 -21.66
N TYR A 39 -13.32 6.72 -21.75
CA TYR A 39 -12.50 6.32 -22.88
C TYR A 39 -12.38 4.81 -23.00
N LEU A 40 -12.15 4.13 -21.89
CA LEU A 40 -11.96 2.69 -21.96
C LEU A 40 -13.26 1.98 -22.38
N GLU A 41 -14.40 2.45 -21.93
CA GLU A 41 -15.64 1.79 -22.31
C GLU A 41 -15.94 2.05 -23.78
N GLU A 42 -15.71 3.28 -24.22
CA GLU A 42 -15.86 3.57 -25.63
C GLU A 42 -14.82 2.82 -26.46
N ALA A 43 -13.62 2.67 -25.91
CA ALA A 43 -12.55 1.93 -26.59
C ALA A 43 -12.92 0.44 -26.69
N LYS A 44 -13.58 -0.09 -25.67
CA LYS A 44 -14.04 -1.48 -25.71
C LYS A 44 -15.00 -1.72 -26.86
N ALA A 45 -16.01 -0.87 -26.99
CA ALA A 45 -16.99 -1.05 -28.04
C ALA A 45 -16.37 -0.86 -29.42
N ALA A 46 -15.44 0.09 -29.53
CA ALA A 46 -14.82 0.40 -30.82
C ALA A 46 -13.97 -0.78 -31.30
N GLN A 47 -13.19 -1.34 -30.39
CA GLN A 47 -12.30 -2.45 -30.73
C GLN A 47 -13.09 -3.67 -31.22
N LYS A 48 -14.24 -3.91 -30.61
N LYS A 48 -14.24 -3.92 -30.61
CA LYS A 48 -15.10 -5.02 -31.02
CA LYS A 48 -15.08 -5.03 -31.04
C LYS A 48 -15.58 -4.86 -32.46
C LYS A 48 -15.50 -4.84 -32.50
N ILE A 49 -15.83 -3.61 -32.86
CA ILE A 49 -16.19 -3.30 -34.23
C ILE A 49 -14.97 -3.45 -35.11
N LEU A 50 -13.83 -2.93 -34.65
CA LEU A 50 -12.65 -2.98 -35.48
C LEU A 50 -12.27 -4.44 -35.77
N GLU A 51 -12.39 -5.28 -34.76
CA GLU A 51 -11.90 -6.66 -34.84
C GLU A 51 -12.65 -7.47 -35.90
N LYS A 52 -13.86 -7.04 -36.24
CA LYS A 52 -14.66 -7.73 -37.27
C LYS A 52 -14.23 -7.41 -38.70
N MET A 53 -13.39 -6.41 -38.90
CA MET A 53 -13.04 -5.99 -40.27
C MET A 53 -12.03 -6.91 -40.98
N THR A 54 -12.03 -6.85 -42.32
CA THR A 54 -11.03 -7.52 -43.13
C THR A 54 -9.66 -6.84 -43.08
N GLN A 55 -8.64 -7.59 -43.48
CA GLN A 55 -7.28 -7.08 -43.56
C GLN A 55 -7.25 -5.80 -44.41
N SER A 56 -7.96 -5.82 -45.53
CA SER A 56 -7.94 -4.68 -46.44
C SER A 56 -8.62 -3.45 -45.80
N GLU A 57 -9.65 -3.69 -45.01
CA GLU A 57 -10.36 -2.60 -44.33
C GLU A 57 -9.48 -2.01 -43.25
N ILE A 58 -8.80 -2.89 -42.50
CA ILE A 58 -7.79 -2.46 -41.53
C ILE A 58 -6.69 -1.68 -42.23
N ASP A 59 -6.15 -2.24 -43.32
CA ASP A 59 -5.03 -1.59 -43.99
C ASP A 59 -5.39 -0.21 -44.55
N LYS A 60 -6.62 -0.04 -45.03
CA LYS A 60 -7.07 1.28 -45.49
C LYS A 60 -7.09 2.31 -44.34
N ILE A 61 -7.57 1.88 -43.16
CA ILE A 61 -7.55 2.74 -41.98
C ILE A 61 -6.10 3.14 -41.62
N VAL A 62 -5.19 2.17 -41.59
CA VAL A 62 -3.81 2.46 -41.20
C VAL A 62 -3.16 3.44 -42.18
N GLU A 63 -3.46 3.25 -43.46
CA GLU A 63 -2.90 4.08 -44.52
C GLU A 63 -3.38 5.53 -44.38
N SER A 64 -4.68 5.70 -44.14
CA SER A 64 -5.26 7.02 -43.95
C SER A 64 -4.65 7.71 -42.74
N MET A 65 -4.44 6.96 -41.66
CA MET A 65 -3.78 7.52 -40.47
C MET A 65 -2.36 7.98 -40.83
N ALA A 66 -1.62 7.14 -41.55
CA ALA A 66 -0.26 7.49 -41.93
C ALA A 66 -0.24 8.76 -42.78
N ASN A 67 -1.22 8.88 -43.68
CA ASN A 67 -1.26 10.01 -44.58
C ASN A 67 -1.51 11.29 -43.81
N ALA A 68 -2.39 11.22 -42.84
CA ALA A 68 -2.73 12.40 -42.06
C ALA A 68 -1.55 12.85 -41.20
N ALA A 69 -0.78 11.89 -40.70
CA ALA A 69 0.40 12.23 -39.87
C ALA A 69 1.42 12.98 -40.69
N ARG A 70 1.62 12.50 -41.90
CA ARG A 70 2.53 13.09 -42.86
C ARG A 70 2.14 14.53 -43.13
N GLU A 71 0.86 14.74 -43.35
CA GLU A 71 0.36 16.06 -43.65
C GLU A 71 0.44 16.99 -42.46
N GLU A 72 0.33 16.44 -41.24
CA GLU A 72 0.31 17.28 -40.05
C GLU A 72 1.65 17.31 -39.34
N ALA A 73 2.67 16.69 -39.93
CA ALA A 73 3.97 16.59 -39.28
C ALA A 73 4.54 17.92 -38.78
N GLY A 74 4.44 18.96 -39.61
CA GLY A 74 4.96 20.28 -39.26
C GLY A 74 4.14 20.94 -38.17
N ARG A 75 2.84 20.83 -38.27
CA ARG A 75 1.97 21.49 -37.29
C ARG A 75 2.10 20.85 -35.90
N LEU A 76 2.16 19.52 -35.85
CA LEU A 76 2.42 18.84 -34.58
C LEU A 76 3.80 19.20 -34.07
N ALA A 77 4.79 19.23 -34.97
CA ALA A 77 6.13 19.59 -34.54
C ALA A 77 6.10 20.95 -33.81
N ALA A 78 5.41 21.93 -34.39
CA ALA A 78 5.38 23.29 -33.85
C ALA A 78 4.70 23.33 -32.48
N MET A 79 3.56 22.66 -32.36
CA MET A 79 2.89 22.55 -31.06
C MET A 79 3.81 21.97 -29.98
N ALA A 80 4.60 20.96 -30.35
CA ALA A 80 5.42 20.27 -29.35
C ALA A 80 6.58 21.14 -28.90
N VAL A 81 7.24 21.82 -29.84
CA VAL A 81 8.33 22.72 -29.47
C VAL A 81 7.82 23.84 -28.55
N GLU A 82 6.69 24.46 -28.90
CA GLU A 82 6.23 25.62 -28.16
C GLU A 82 5.74 25.23 -26.78
N GLU A 83 5.10 24.07 -26.67
CA GLU A 83 4.48 23.71 -25.41
C GLU A 83 5.55 23.19 -24.45
N THR A 84 6.49 22.39 -24.95
CA THR A 84 7.49 21.78 -24.07
C THR A 84 8.78 22.59 -23.92
N GLY A 85 9.09 23.43 -24.90
CA GLY A 85 10.36 24.14 -24.90
C GLY A 85 11.54 23.30 -25.36
N PHE A 86 11.27 22.05 -25.73
CA PHE A 86 12.34 21.13 -26.16
C PHE A 86 12.51 21.12 -27.67
N GLY A 87 13.76 21.06 -28.12
CA GLY A 87 14.04 20.78 -29.51
C GLY A 87 13.74 21.93 -30.48
N ASN A 88 13.57 21.60 -31.76
CA ASN A 88 13.29 22.57 -32.82
C ASN A 88 12.35 21.98 -33.86
N VAL A 89 11.65 22.84 -34.59
CA VAL A 89 10.54 22.42 -35.43
C VAL A 89 10.94 21.57 -36.64
N GLU A 90 12.08 21.88 -37.24
N GLU A 90 12.07 21.85 -37.25
CA GLU A 90 12.60 21.12 -38.37
CA GLU A 90 12.51 21.06 -38.40
C GLU A 90 12.79 19.64 -38.01
C GLU A 90 12.75 19.60 -37.98
N ASP A 91 13.50 19.41 -36.91
CA ASP A 91 13.85 18.06 -36.49
C ASP A 91 12.60 17.34 -35.96
N LYS A 92 11.73 18.05 -35.24
CA LYS A 92 10.50 17.41 -34.77
C LYS A 92 9.63 17.00 -35.94
N THR A 93 9.68 17.77 -37.02
CA THR A 93 8.88 17.46 -38.22
C THR A 93 9.41 16.16 -38.84
N LEU A 94 10.73 16.04 -38.91
CA LEU A 94 11.39 14.84 -39.39
C LEU A 94 11.07 13.64 -38.51
N LYS A 95 11.07 13.86 -37.20
CA LYS A 95 10.70 12.84 -36.25
C LYS A 95 9.26 12.35 -36.51
N ASN A 96 8.32 13.26 -36.76
CA ASN A 96 6.94 12.85 -37.06
C ASN A 96 6.85 12.08 -38.37
N LEU A 97 7.69 12.48 -39.34
CA LEU A 97 7.70 11.85 -40.65
C LEU A 97 8.32 10.46 -40.55
N PHE A 98 9.23 10.28 -39.60
CA PHE A 98 9.80 8.96 -39.34
C PHE A 98 8.66 8.03 -38.90
N ALA A 99 7.78 8.53 -38.04
CA ALA A 99 6.68 7.70 -37.58
C ALA A 99 5.68 7.50 -38.70
N ALA A 100 5.45 8.55 -39.48
CA ALA A 100 4.45 8.46 -40.53
C ALA A 100 4.91 7.61 -41.72
N ASN A 101 6.22 7.53 -41.96
CA ASN A 101 6.73 6.84 -43.15
C ASN A 101 7.45 5.54 -42.83
N ASP A 102 8.53 5.60 -42.06
CA ASP A 102 9.32 4.40 -41.73
C ASP A 102 8.51 3.34 -40.95
N VAL A 103 7.75 3.77 -39.96
CA VAL A 103 6.95 2.85 -39.16
C VAL A 103 5.81 2.28 -40.01
N TYR A 104 5.13 3.14 -40.74
CA TYR A 104 4.08 2.68 -41.63
C TYR A 104 4.58 1.63 -42.61
N ASN A 105 5.67 1.93 -43.29
CA ASN A 105 6.22 1.01 -44.29
C ASN A 105 6.62 -0.34 -43.68
N SER A 106 7.05 -0.35 -42.43
CA SER A 106 7.48 -1.59 -41.78
C SER A 106 6.31 -2.47 -41.28
N ILE A 107 5.09 -1.94 -41.28
CA ILE A 107 3.97 -2.72 -40.76
C ILE A 107 2.87 -2.92 -41.80
N LYS A 108 2.90 -2.14 -42.88
CA LYS A 108 1.76 -2.14 -43.81
C LYS A 108 1.53 -3.50 -44.48
N ASP A 109 2.59 -4.28 -44.68
CA ASP A 109 2.44 -5.60 -45.29
C ASP A 109 2.40 -6.76 -44.27
N VAL A 110 2.33 -6.46 -42.97
CA VAL A 110 2.23 -7.53 -41.98
C VAL A 110 0.81 -8.09 -41.92
N LYS A 111 0.68 -9.40 -41.94
CA LYS A 111 -0.64 -10.01 -41.77
C LYS A 111 -1.05 -9.95 -40.30
N THR A 112 -2.26 -9.46 -40.03
CA THR A 112 -2.75 -9.33 -38.65
C THR A 112 -4.20 -9.76 -38.45
N VAL A 113 -4.86 -10.22 -39.52
CA VAL A 113 -6.26 -10.64 -39.43
C VAL A 113 -6.40 -12.14 -39.68
N GLY A 114 -7.11 -12.84 -38.81
CA GLY A 114 -7.45 -14.23 -39.05
C GLY A 114 -6.23 -15.14 -39.01
N ILE A 115 -6.28 -16.15 -39.87
CA ILE A 115 -5.21 -17.12 -39.97
C ILE A 115 -4.07 -16.47 -40.73
N ILE A 116 -2.93 -16.32 -40.07
CA ILE A 116 -1.81 -15.61 -40.66
C ILE A 116 -0.76 -16.61 -41.15
N ARG A 117 -0.95 -17.88 -40.84
CA ARG A 117 0.04 -18.90 -41.19
C ARG A 117 -0.55 -20.30 -41.06
N ARG A 118 -0.32 -21.14 -42.06
N ARG A 118 -0.21 -21.16 -42.01
CA ARG A 118 -0.68 -22.56 -41.98
CA ARG A 118 -0.68 -22.54 -42.04
C ARG A 118 0.59 -23.37 -42.15
C ARG A 118 0.50 -23.51 -42.21
N ASP A 119 0.92 -24.15 -41.12
CA ASP A 119 2.11 -25.01 -41.12
C ASP A 119 1.68 -26.44 -41.36
N GLU A 120 1.75 -26.84 -42.62
CA GLU A 120 1.12 -28.08 -43.05
C GLU A 120 1.87 -29.30 -42.54
N GLU A 121 3.18 -29.19 -42.39
CA GLU A 121 3.95 -30.34 -41.93
C GLU A 121 3.68 -30.59 -40.45
N ASN A 122 3.61 -29.52 -39.65
CA ASN A 122 3.38 -29.65 -38.22
C ASN A 122 1.89 -29.68 -37.85
N ARG A 123 1.03 -29.44 -38.84
CA ARG A 123 -0.43 -29.40 -38.69
C ARG A 123 -0.87 -28.39 -37.60
N VAL A 124 -0.52 -27.13 -37.84
CA VAL A 124 -0.77 -26.02 -36.92
C VAL A 124 -1.15 -24.79 -37.74
N TRP A 125 -2.29 -24.18 -37.41
CA TRP A 125 -2.65 -22.86 -37.95
C TRP A 125 -2.36 -21.80 -36.87
N GLU A 126 -1.81 -20.68 -37.28
CA GLU A 126 -1.65 -19.53 -36.40
C GLU A 126 -2.70 -18.48 -36.68
N ILE A 127 -3.41 -18.08 -35.63
CA ILE A 127 -4.43 -17.05 -35.72
C ILE A 127 -3.94 -15.81 -34.99
N ALA A 128 -4.02 -14.65 -35.65
CA ALA A 128 -3.68 -13.38 -35.01
C ALA A 128 -4.82 -12.96 -34.11
N GLN A 129 -4.50 -12.68 -32.85
CA GLN A 129 -5.48 -12.29 -31.86
C GLN A 129 -5.13 -10.94 -31.21
N PRO A 130 -5.95 -9.90 -31.44
CA PRO A 130 -5.67 -8.59 -30.83
C PRO A 130 -5.63 -8.64 -29.30
N VAL A 131 -4.74 -7.87 -28.68
CA VAL A 131 -4.67 -7.84 -27.23
C VAL A 131 -5.84 -7.12 -26.61
N GLY A 132 -6.48 -6.25 -27.39
CA GLY A 132 -7.69 -5.56 -26.95
C GLY A 132 -7.52 -4.05 -26.85
N ILE A 133 -7.31 -3.55 -25.62
CA ILE A 133 -7.14 -2.12 -25.39
C ILE A 133 -5.74 -1.87 -24.84
N VAL A 134 -5.01 -1.03 -25.55
CA VAL A 134 -3.65 -0.65 -25.17
C VAL A 134 -3.68 0.70 -24.45
N ALA A 135 -2.94 0.77 -23.35
CA ALA A 135 -2.70 2.02 -22.65
C ALA A 135 -1.32 2.54 -23.08
N GLY A 136 -1.30 3.69 -23.74
CA GLY A 136 -0.07 4.23 -24.30
C GLY A 136 0.46 5.41 -23.52
N ILE A 137 1.54 5.21 -22.77
CA ILE A 137 2.15 6.31 -22.01
C ILE A 137 3.15 7.06 -22.87
N ILE A 138 3.00 8.39 -22.93
CA ILE A 138 3.76 9.22 -23.89
C ILE A 138 4.76 10.15 -23.22
N PRO A 139 6.01 10.15 -23.69
CA PRO A 139 7.04 11.00 -23.08
C PRO A 139 6.92 12.45 -23.53
N SER A 140 7.51 13.37 -22.77
CA SER A 140 7.47 14.80 -23.11
C SER A 140 8.49 15.19 -24.21
N THR A 141 9.51 14.35 -24.40
CA THR A 141 10.56 14.55 -25.39
C THR A 141 10.17 14.21 -26.83
N ASN A 142 9.34 13.17 -27.00
CA ASN A 142 8.89 12.71 -28.32
C ASN A 142 7.37 12.60 -28.33
N PRO A 143 6.68 13.67 -27.93
CA PRO A 143 5.25 13.55 -27.67
C PRO A 143 4.43 13.13 -28.90
N THR A 144 4.56 13.84 -30.02
CA THR A 144 3.63 13.64 -31.12
C THR A 144 4.06 12.46 -31.99
N SER A 145 5.36 12.27 -32.16
CA SER A 145 5.86 11.16 -32.96
C SER A 145 5.56 9.81 -32.34
N THR A 146 5.57 9.74 -31.00
CA THR A 146 5.31 8.49 -30.28
C THR A 146 3.82 8.11 -30.38
N VAL A 147 2.97 9.14 -30.39
CA VAL A 147 1.54 8.94 -30.58
C VAL A 147 1.29 8.37 -31.95
N ILE A 148 1.93 8.95 -32.96
CA ILE A 148 1.76 8.49 -34.34
C ILE A 148 2.21 7.03 -34.44
N PHE A 149 3.41 6.77 -33.95
CA PHE A 149 4.01 5.43 -33.96
C PHE A 149 3.10 4.41 -33.27
N LYS A 150 2.67 4.70 -32.05
CA LYS A 150 1.84 3.77 -31.28
C LYS A 150 0.45 3.58 -31.85
N ALA A 151 -0.13 4.66 -32.38
CA ALA A 151 -1.47 4.54 -32.94
C ALA A 151 -1.46 3.65 -34.17
N LEU A 152 -0.46 3.83 -35.04
CA LEU A 152 -0.34 2.99 -36.23
C LEU A 152 -0.16 1.49 -35.86
N ILE A 153 0.76 1.17 -34.96
CA ILE A 153 1.00 -0.25 -34.65
C ILE A 153 -0.16 -0.84 -33.86
N ALA A 154 -0.83 -0.03 -33.04
CA ALA A 154 -1.96 -0.54 -32.28
C ALA A 154 -3.13 -0.86 -33.18
N VAL A 155 -3.43 0.03 -34.12
CA VAL A 155 -4.62 -0.16 -34.97
C VAL A 155 -4.38 -1.26 -36.01
N LYS A 156 -3.17 -1.31 -36.55
CA LYS A 156 -2.81 -2.36 -37.51
C LYS A 156 -3.00 -3.76 -36.90
N ALA A 157 -2.75 -3.90 -35.59
CA ALA A 157 -2.96 -5.19 -34.91
C ALA A 157 -4.39 -5.36 -34.39
N ARG A 158 -5.22 -4.37 -34.70
CA ARG A 158 -6.67 -4.38 -34.49
C ARG A 158 -7.09 -4.11 -33.05
N ASN A 159 -6.32 -3.25 -32.40
CA ASN A 159 -6.61 -2.78 -31.05
C ASN A 159 -7.19 -1.37 -31.01
N ALA A 160 -7.81 -1.03 -29.88
CA ALA A 160 -8.07 0.36 -29.50
C ALA A 160 -6.88 0.82 -28.68
N ILE A 161 -6.68 2.13 -28.56
CA ILE A 161 -5.58 2.64 -27.75
C ILE A 161 -6.00 3.91 -27.03
N VAL A 162 -5.66 4.00 -25.75
CA VAL A 162 -5.91 5.18 -24.91
C VAL A 162 -4.57 5.77 -24.47
N PHE A 163 -4.32 7.01 -24.87
CA PHE A 163 -3.06 7.69 -24.55
C PHE A 163 -3.06 8.48 -23.25
N SER A 164 -1.89 8.50 -22.60
CA SER A 164 -1.66 9.29 -21.39
C SER A 164 -0.41 10.17 -21.60
N PRO A 165 -0.61 11.50 -21.80
CA PRO A 165 0.51 12.44 -21.92
C PRO A 165 1.21 12.77 -20.62
N HIS A 166 2.49 13.05 -20.75
CA HIS A 166 3.23 13.84 -19.78
C HIS A 166 2.52 15.21 -19.60
N PRO A 167 2.41 15.71 -18.37
CA PRO A 167 1.68 16.98 -18.22
C PRO A 167 2.26 18.17 -19.03
N SER A 168 3.58 18.20 -19.24
CA SER A 168 4.16 19.33 -19.96
C SER A 168 3.97 19.24 -21.49
N ALA A 169 3.29 18.17 -21.94
CA ALA A 169 3.03 17.96 -23.37
C ALA A 169 1.57 17.54 -23.63
N ALA A 170 0.66 17.89 -22.73
CA ALA A 170 -0.74 17.42 -22.86
C ALA A 170 -1.45 17.87 -24.14
N LYS A 171 -1.28 19.12 -24.53
CA LYS A 171 -2.00 19.63 -25.71
C LYS A 171 -1.49 19.06 -27.04
N CYS A 172 -0.18 19.02 -27.25
CA CYS A 172 0.31 18.49 -28.52
C CYS A 172 0.05 16.97 -28.61
N THR A 173 0.15 16.26 -27.50
CA THR A 173 -0.14 14.81 -27.46
C THR A 173 -1.62 14.54 -27.82
N ALA A 174 -2.54 15.25 -27.17
CA ALA A 174 -3.95 15.10 -27.48
C ALA A 174 -4.26 15.50 -28.93
N GLU A 175 -3.59 16.51 -29.48
CA GLU A 175 -3.86 16.91 -30.87
C GLU A 175 -3.40 15.82 -31.83
N ALA A 176 -2.27 15.19 -31.53
CA ALA A 176 -1.78 14.09 -32.35
C ALA A 176 -2.76 12.91 -32.34
N ALA A 177 -3.28 12.57 -31.16
CA ALA A 177 -4.30 11.54 -31.07
C ALA A 177 -5.61 11.89 -31.82
N ARG A 178 -6.04 13.15 -31.71
N ARG A 178 -6.05 13.15 -31.71
CA ARG A 178 -7.21 13.67 -32.38
CA ARG A 178 -7.25 13.61 -32.42
C ARG A 178 -7.08 13.48 -33.90
C ARG A 178 -7.07 13.43 -33.92
N ILE A 179 -5.92 13.85 -34.42
CA ILE A 179 -5.63 13.72 -35.84
C ILE A 179 -5.61 12.25 -36.27
N MET A 180 -5.04 11.36 -35.46
CA MET A 180 -5.06 9.93 -35.76
C MET A 180 -6.49 9.36 -35.83
N GLN A 181 -7.35 9.73 -34.87
CA GLN A 181 -8.73 9.23 -34.81
C GLN A 181 -9.57 9.75 -35.98
N GLU A 182 -9.41 11.02 -36.33
CA GLU A 182 -10.16 11.59 -37.44
C GLU A 182 -9.76 10.95 -38.76
N ALA A 183 -8.47 10.75 -38.95
CA ALA A 183 -7.98 10.02 -40.13
C ALA A 183 -8.54 8.58 -40.19
N ALA A 184 -8.62 7.93 -39.04
CA ALA A 184 -9.08 6.55 -39.00
C ALA A 184 -10.58 6.52 -39.30
N GLU A 185 -11.32 7.44 -38.70
CA GLU A 185 -12.75 7.54 -38.95
C GLU A 185 -13.08 7.77 -40.44
N ARG A 186 -12.35 8.68 -41.06
CA ARG A 186 -12.52 8.97 -42.48
C ARG A 186 -12.45 7.71 -43.33
N ALA A 187 -11.61 6.76 -42.95
CA ALA A 187 -11.48 5.53 -43.72
C ALA A 187 -12.31 4.36 -43.16
N GLY A 188 -13.26 4.66 -42.27
CA GLY A 188 -14.21 3.65 -41.81
C GLY A 188 -14.11 3.21 -40.36
N ALA A 189 -13.08 3.67 -39.64
CA ALA A 189 -12.91 3.23 -38.26
C ALA A 189 -14.09 3.72 -37.40
N PRO A 190 -14.41 2.99 -36.31
CA PRO A 190 -15.42 3.43 -35.35
C PRO A 190 -14.97 4.60 -34.46
N LYS A 191 -15.93 5.39 -33.99
CA LYS A 191 -15.62 6.41 -32.98
C LYS A 191 -15.04 5.78 -31.71
N GLY A 192 -14.12 6.48 -31.06
CA GLY A 192 -13.64 6.08 -29.74
C GLY A 192 -12.46 5.13 -29.76
N LEU A 193 -11.95 4.82 -30.96
CA LEU A 193 -10.87 3.86 -31.12
C LEU A 193 -9.55 4.34 -30.53
N ILE A 194 -9.28 5.63 -30.77
CA ILE A 194 -8.07 6.31 -30.34
C ILE A 194 -8.49 7.53 -29.54
N SER A 195 -7.98 7.62 -28.31
CA SER A 195 -8.37 8.68 -27.38
C SER A 195 -7.16 9.12 -26.60
N CYS A 196 -7.26 10.26 -25.92
CA CYS A 196 -6.17 10.78 -25.10
C CYS A 196 -6.69 11.56 -23.90
N ILE A 197 -6.16 11.24 -22.73
CA ILE A 197 -6.42 11.98 -21.50
C ILE A 197 -6.13 13.48 -21.72
N THR A 198 -7.07 14.35 -21.39
CA THR A 198 -6.90 15.78 -21.59
C THR A 198 -6.43 16.50 -20.34
N GLN A 199 -6.72 15.91 -19.19
CA GLN A 199 -6.35 16.47 -17.89
C GLN A 199 -5.43 15.48 -17.17
N PRO A 200 -4.12 15.47 -17.52
CA PRO A 200 -3.23 14.46 -16.92
C PRO A 200 -3.13 14.64 -15.42
N THR A 201 -3.25 13.55 -14.68
CA THR A 201 -3.08 13.55 -13.22
C THR A 201 -2.55 12.19 -12.80
N MET A 202 -2.00 12.12 -11.60
CA MET A 202 -1.54 10.84 -11.07
C MET A 202 -2.69 9.84 -10.99
N ALA A 203 -3.83 10.30 -10.47
CA ALA A 203 -5.02 9.47 -10.38
C ALA A 203 -5.42 8.87 -11.74
N ALA A 204 -5.36 9.66 -12.80
CA ALA A 204 -5.76 9.18 -14.12
C ALA A 204 -4.78 8.15 -14.67
N THR A 205 -3.49 8.42 -14.51
CA THR A 205 -2.46 7.48 -14.94
C THR A 205 -2.65 6.14 -14.25
N ASN A 206 -2.89 6.22 -12.95
CA ASN A 206 -3.14 5.04 -12.13
C ASN A 206 -4.40 4.28 -12.58
N GLU A 207 -5.47 5.01 -12.83
CA GLU A 207 -6.71 4.41 -13.27
C GLU A 207 -6.48 3.70 -14.59
N LEU A 208 -5.80 4.37 -15.51
CA LEU A 208 -5.58 3.80 -16.84
C LEU A 208 -4.74 2.53 -16.79
N MET A 209 -3.73 2.53 -15.93
CA MET A 209 -2.82 1.41 -15.85
C MET A 209 -3.47 0.18 -15.18
N LYS A 210 -4.41 0.39 -14.26
CA LYS A 210 -4.93 -0.71 -13.44
C LYS A 210 -6.36 -1.13 -13.77
N HIS A 211 -7.03 -0.36 -14.62
CA HIS A 211 -8.44 -0.59 -14.88
C HIS A 211 -8.71 -2.00 -15.45
N LYS A 212 -9.87 -2.55 -15.08
N LYS A 212 -9.84 -2.59 -15.08
N LYS A 212 -9.86 -2.59 -15.09
CA LYS A 212 -10.32 -3.86 -15.52
CA LYS A 212 -10.23 -3.91 -15.57
CA LYS A 212 -10.23 -3.92 -15.56
C LYS A 212 -10.29 -4.06 -17.05
C LYS A 212 -10.14 -4.03 -17.08
C LYS A 212 -10.22 -4.06 -17.08
N LEU A 213 -10.61 -3.01 -17.79
CA LEU A 213 -10.65 -3.06 -19.25
C LEU A 213 -9.30 -2.82 -19.97
N THR A 214 -8.27 -2.37 -19.26
CA THR A 214 -6.97 -2.15 -19.89
C THR A 214 -6.27 -3.51 -20.10
N ASP A 215 -5.75 -3.78 -21.30
CA ASP A 215 -5.17 -5.09 -21.60
C ASP A 215 -3.64 -5.15 -21.60
N VAL A 216 -3.02 -4.15 -22.21
CA VAL A 216 -1.56 -4.02 -22.22
C VAL A 216 -1.19 -2.55 -22.07
N ILE A 217 -0.14 -2.31 -21.29
CA ILE A 217 0.46 -0.98 -21.14
C ILE A 217 1.74 -0.89 -21.98
N LEU A 218 1.79 0.06 -22.90
CA LEU A 218 3.06 0.48 -23.51
C LEU A 218 3.56 1.70 -22.76
N ALA A 219 4.64 1.51 -22.01
CA ALA A 219 5.11 2.55 -21.11
C ALA A 219 6.43 3.13 -21.60
N THR A 220 6.33 4.23 -22.34
CA THR A 220 7.50 4.96 -22.78
C THR A 220 7.64 6.20 -21.91
N GLY A 221 8.61 6.16 -21.01
CA GLY A 221 8.80 7.22 -20.03
C GLY A 221 10.00 6.94 -19.17
N GLY A 222 10.14 7.73 -18.09
CA GLY A 222 11.27 7.58 -17.19
C GLY A 222 11.21 6.29 -16.39
N PRO A 223 12.32 5.93 -15.69
CA PRO A 223 12.37 4.67 -14.97
C PRO A 223 11.29 4.56 -13.91
N GLY A 224 10.87 5.70 -13.38
CA GLY A 224 9.82 5.75 -12.38
C GLY A 224 8.49 5.29 -12.91
N LEU A 225 8.15 5.79 -14.10
CA LEU A 225 6.84 5.49 -14.65
C LEU A 225 6.81 4.06 -15.19
N VAL A 226 7.94 3.60 -15.69
CA VAL A 226 8.04 2.23 -16.19
C VAL A 226 7.94 1.22 -15.05
N LYS A 227 8.56 1.55 -13.91
CA LYS A 227 8.49 0.71 -12.73
C LYS A 227 7.03 0.62 -12.31
N ALA A 228 6.32 1.74 -12.42
CA ALA A 228 4.89 1.76 -12.08
C ALA A 228 4.09 0.84 -13.01
N ALA A 229 4.43 0.86 -14.28
CA ALA A 229 3.74 0.01 -15.23
C ALA A 229 4.00 -1.49 -14.91
N TYR A 230 5.20 -1.83 -14.49
CA TYR A 230 5.49 -3.22 -14.08
C TYR A 230 5.00 -3.54 -12.65
N SER A 231 4.31 -2.59 -12.04
CA SER A 231 3.75 -2.74 -10.68
C SER A 231 2.25 -2.69 -10.75
N SER A 232 1.71 -2.58 -11.96
CA SER A 232 0.30 -2.27 -12.17
C SER A 232 -0.64 -3.46 -12.04
N GLY A 233 -0.08 -4.66 -12.06
CA GLY A 233 -0.88 -5.86 -12.12
C GLY A 233 -1.23 -6.24 -13.56
N LYS A 234 -0.74 -5.47 -14.55
CA LYS A 234 -1.02 -5.73 -15.97
C LYS A 234 0.24 -6.08 -16.76
N PRO A 235 0.08 -6.80 -17.86
CA PRO A 235 1.16 -6.97 -18.83
C PRO A 235 1.63 -5.62 -19.37
N ALA A 236 2.94 -5.41 -19.39
CA ALA A 236 3.52 -4.15 -19.88
C ALA A 236 4.76 -4.33 -20.74
N TYR A 237 4.88 -3.45 -21.73
CA TYR A 237 6.12 -3.26 -22.46
C TYR A 237 6.70 -1.93 -22.06
N GLY A 238 7.78 -1.98 -21.31
CA GLY A 238 8.44 -0.77 -20.84
C GLY A 238 9.67 -0.44 -21.65
N VAL A 239 10.26 0.72 -21.39
CA VAL A 239 11.56 1.08 -21.90
C VAL A 239 12.51 1.28 -20.75
N GLY A 240 13.78 1.50 -21.08
CA GLY A 240 14.75 1.95 -20.12
C GLY A 240 15.41 3.18 -20.69
N PRO A 241 16.13 3.93 -19.85
CA PRO A 241 16.86 5.11 -20.31
C PRO A 241 18.16 4.73 -21.05
N GLY A 242 18.62 5.65 -21.89
CA GLY A 242 19.89 5.52 -22.58
C GLY A 242 21.00 6.32 -21.92
N ASN A 243 22.23 5.92 -22.17
CA ASN A 243 23.38 6.75 -21.84
C ASN A 243 24.48 6.30 -22.75
N VAL A 244 24.30 6.59 -24.04
CA VAL A 244 24.98 5.87 -25.11
C VAL A 244 26.45 6.26 -25.29
N PRO A 245 27.36 5.28 -25.09
CA PRO A 245 28.77 5.52 -25.37
C PRO A 245 29.10 5.14 -26.80
N VAL A 246 29.96 5.92 -27.46
CA VAL A 246 30.34 5.63 -28.83
C VAL A 246 31.85 5.62 -28.95
N TYR A 247 32.37 4.52 -29.49
CA TYR A 247 33.82 4.30 -29.66
C TYR A 247 34.25 4.69 -31.07
N ILE A 248 35.22 5.60 -31.17
CA ILE A 248 35.83 5.88 -32.47
C ILE A 248 37.21 5.22 -32.46
N HIS A 249 37.31 4.13 -33.21
CA HIS A 249 38.55 3.36 -33.31
C HIS A 249 39.48 4.01 -34.34
N GLU A 250 40.78 3.82 -34.18
CA GLU A 250 41.78 4.45 -35.05
C GLU A 250 41.54 4.16 -36.53
N SER A 251 40.82 3.07 -36.82
CA SER A 251 40.55 2.69 -38.20
C SER A 251 39.41 3.48 -38.84
N ALA A 252 38.76 4.36 -38.07
CA ALA A 252 37.57 5.08 -38.57
C ALA A 252 37.87 6.13 -39.64
N ASN A 253 36.98 6.21 -40.63
CA ASN A 253 36.85 7.42 -41.45
C ASN A 253 36.40 8.60 -40.56
N ILE A 254 37.34 9.43 -40.10
CA ILE A 254 37.07 10.38 -39.03
C ILE A 254 36.08 11.48 -39.42
N ALA A 255 36.21 12.00 -40.63
CA ALA A 255 35.30 13.05 -41.09
C ALA A 255 33.85 12.55 -41.16
N LYS A 256 33.68 11.35 -41.69
CA LYS A 256 32.35 10.76 -41.86
C LYS A 256 31.74 10.39 -40.48
N ALA A 257 32.59 9.91 -39.59
CA ALA A 257 32.17 9.51 -38.27
C ALA A 257 31.65 10.71 -37.47
N VAL A 258 32.43 11.78 -37.49
CA VAL A 258 32.06 13.01 -36.79
C VAL A 258 30.76 13.58 -37.33
N GLN A 259 30.62 13.56 -38.65
CA GLN A 259 29.41 14.03 -39.29
C GLN A 259 28.19 13.21 -38.84
N LEU A 260 28.32 11.90 -38.81
CA LEU A 260 27.20 11.05 -38.40
C LEU A 260 26.85 11.34 -36.92
N ILE A 261 27.88 11.52 -36.10
CA ILE A 261 27.69 11.75 -34.66
C ILE A 261 27.04 13.11 -34.38
N ILE A 262 27.48 14.15 -35.08
CA ILE A 262 26.94 15.49 -34.84
C ILE A 262 25.50 15.57 -35.33
N GLN A 263 25.24 14.98 -36.49
CA GLN A 263 23.88 14.97 -36.99
C GLN A 263 22.94 14.27 -35.99
N SER A 264 23.38 13.14 -35.45
CA SER A 264 22.59 12.35 -34.52
C SER A 264 22.43 13.04 -33.17
N LYS A 265 23.55 13.57 -32.65
CA LYS A 265 23.57 14.18 -31.31
C LYS A 265 22.74 15.45 -31.23
N THR A 266 22.80 16.26 -32.28
CA THR A 266 22.10 17.54 -32.25
C THR A 266 20.68 17.43 -32.79
N PHE A 267 20.28 16.24 -33.21
CA PHE A 267 18.93 16.07 -33.74
C PHE A 267 17.90 16.35 -32.64
N ASP A 268 16.99 17.26 -32.96
CA ASP A 268 16.03 17.80 -31.99
C ASP A 268 16.70 18.28 -30.72
N TYR A 269 17.90 18.86 -30.86
CA TYR A 269 18.73 19.23 -29.71
C TYR A 269 18.91 18.11 -28.66
N GLY A 270 19.03 16.86 -29.11
CA GLY A 270 19.50 15.78 -28.25
C GLY A 270 18.47 15.10 -27.35
N THR A 271 17.20 15.21 -27.73
CA THR A 271 16.09 14.71 -26.92
C THR A 271 15.84 13.18 -27.00
N ILE A 272 16.46 12.49 -27.94
CA ILE A 272 16.18 11.07 -28.15
C ILE A 272 17.10 10.19 -27.32
N ALA A 274 18.34 7.39 -27.50
CA ALA A 274 19.41 6.65 -28.20
C ALA A 274 20.58 7.54 -28.62
N SER A 275 20.49 8.84 -28.35
CA SER A 275 21.46 9.77 -28.88
C SER A 275 22.79 9.64 -28.11
N GLU A 276 23.89 10.00 -28.77
CA GLU A 276 25.23 9.85 -28.20
C GLU A 276 25.35 10.69 -26.94
N GLN A 277 26.06 10.18 -25.92
CA GLN A 277 26.32 10.94 -24.69
C GLN A 277 27.81 11.09 -24.36
N ALA A 278 28.62 10.16 -24.85
CA ALA A 278 30.05 10.18 -24.58
C ALA A 278 30.77 9.56 -25.74
N LEU A 279 31.86 10.20 -26.16
CA LEU A 279 32.71 9.61 -27.18
C LEU A 279 33.93 9.03 -26.49
N LEU A 280 34.33 7.85 -26.95
CA LEU A 280 35.55 7.19 -26.48
C LEU A 280 36.49 7.15 -27.68
N VAL A 281 37.65 7.80 -27.59
CA VAL A 281 38.49 8.00 -28.77
C VAL A 281 39.92 7.48 -28.60
N ASP A 282 40.37 6.74 -29.60
CA ASP A 282 41.72 6.18 -29.59
C ASP A 282 42.70 7.36 -29.56
N GLU A 283 43.67 7.29 -28.66
CA GLU A 283 44.62 8.36 -28.48
C GLU A 283 45.29 8.69 -29.79
N SER A 284 45.60 7.65 -30.55
CA SER A 284 46.32 7.80 -31.80
C SER A 284 45.63 8.72 -32.82
N ILE A 285 44.34 8.97 -32.66
CA ILE A 285 43.61 9.83 -33.60
C ILE A 285 42.87 10.96 -32.87
N LYS A 286 43.18 11.14 -31.60
CA LYS A 286 42.57 12.17 -30.78
C LYS A 286 42.61 13.56 -31.45
N GLU A 287 43.82 14.03 -31.74
N GLU A 287 43.84 14.04 -31.64
CA GLU A 287 43.99 15.38 -32.28
CA GLU A 287 44.10 15.31 -32.34
C GLU A 287 43.22 15.58 -33.58
C GLU A 287 43.18 15.52 -33.53
N LYS A 288 43.22 14.57 -34.47
CA LYS A 288 42.43 14.68 -35.71
C LYS A 288 40.93 14.76 -35.40
N VAL A 289 40.48 14.00 -34.39
CA VAL A 289 39.06 13.92 -34.09
C VAL A 289 38.59 15.26 -33.52
N VAL A 290 39.35 15.77 -32.56
CA VAL A 290 39.06 17.07 -31.95
C VAL A 290 38.99 18.17 -33.02
N ALA A 291 39.93 18.15 -33.95
CA ALA A 291 40.00 19.18 -34.96
C ALA A 291 38.81 19.05 -35.91
N GLU A 292 38.48 17.82 -36.25
CA GLU A 292 37.35 17.59 -37.13
C GLU A 292 36.02 17.99 -36.45
N LEU A 293 35.91 17.74 -35.15
CA LEU A 293 34.72 18.14 -34.39
C LEU A 293 34.61 19.67 -34.37
N LYS A 294 35.72 20.34 -34.07
CA LYS A 294 35.73 21.81 -34.10
C LYS A 294 35.33 22.32 -35.47
N GLN A 295 35.87 21.71 -36.52
CA GLN A 295 35.58 22.15 -37.88
C GLN A 295 34.11 22.01 -38.22
N GLN A 296 33.43 21.07 -37.58
CA GLN A 296 32.03 20.79 -37.89
C GLN A 296 31.05 21.39 -36.87
N GLY A 297 31.57 22.22 -35.96
CA GLY A 297 30.71 23.04 -35.11
C GLY A 297 30.74 22.76 -33.62
N ALA A 298 31.64 21.90 -33.18
CA ALA A 298 31.77 21.62 -31.75
C ALA A 298 32.57 22.69 -31.04
N TYR A 299 32.13 23.06 -29.83
CA TYR A 299 32.86 23.95 -28.95
C TYR A 299 33.40 23.21 -27.72
N PHE A 300 34.71 23.05 -27.64
CA PHE A 300 35.34 22.41 -26.49
C PHE A 300 35.49 23.36 -25.31
N LEU A 301 34.83 23.00 -24.21
CA LEU A 301 34.85 23.79 -22.98
C LEU A 301 36.21 23.72 -22.30
N ASN A 302 36.69 24.83 -21.74
CA ASN A 302 37.89 24.79 -20.92
C ASN A 302 37.46 24.47 -19.50
N GLU A 303 38.43 24.40 -18.59
N GLU A 303 38.41 24.36 -18.58
CA GLU A 303 38.17 23.91 -17.24
CA GLU A 303 38.09 23.89 -17.23
C GLU A 303 37.17 24.81 -16.49
C GLU A 303 37.11 24.82 -16.50
N GLU A 304 37.29 26.11 -16.65
CA GLU A 304 36.36 27.06 -16.01
C GLU A 304 34.97 26.96 -16.63
N GLU A 305 34.90 26.81 -17.95
CA GLU A 305 33.64 26.63 -18.65
C GLU A 305 32.98 25.29 -18.26
N LYS A 306 33.78 24.23 -18.19
CA LYS A 306 33.25 22.91 -17.80
C LYS A 306 32.49 23.01 -16.48
N GLN A 307 33.14 23.64 -15.50
CA GLN A 307 32.58 23.68 -14.17
C GLN A 307 31.31 24.52 -14.14
N LYS A 308 31.26 25.58 -14.93
CA LYS A 308 30.04 26.37 -15.00
C LYS A 308 28.91 25.56 -15.63
N VAL A 309 29.20 24.86 -16.73
CA VAL A 309 28.17 24.06 -17.38
C VAL A 309 27.73 22.91 -16.45
N ALA A 310 28.70 22.27 -15.77
CA ALA A 310 28.41 21.11 -14.94
C ALA A 310 27.44 21.45 -13.84
N SER A 311 27.42 22.73 -13.48
CA SER A 311 26.59 23.19 -12.36
C SER A 311 25.11 23.22 -12.69
N ILE A 312 24.80 23.31 -13.98
CA ILE A 312 23.42 23.34 -14.41
C ILE A 312 22.97 22.07 -15.12
N ILE A 313 23.87 21.09 -15.23
CA ILE A 313 23.51 19.82 -15.86
C ILE A 313 22.62 19.00 -14.94
N MET A 314 22.90 18.99 -13.64
CA MET A 314 21.95 18.40 -12.70
C MET A 314 21.66 19.30 -11.50
N VAL A 315 20.40 19.23 -11.07
CA VAL A 315 19.92 19.88 -9.86
C VAL A 315 19.33 18.78 -8.98
N ASN A 316 19.57 18.88 -7.68
CA ASN A 316 19.58 17.72 -6.80
C ASN A 316 20.64 16.78 -7.37
N GLY A 317 20.32 15.50 -7.43
CA GLY A 317 21.22 14.53 -8.03
C GLY A 317 20.58 13.92 -9.26
N SER A 318 19.86 14.74 -10.01
CA SER A 318 19.19 14.30 -11.23
C SER A 318 19.33 15.34 -12.34
N LEU A 319 19.21 14.87 -13.59
CA LEU A 319 19.27 15.73 -14.76
C LEU A 319 18.32 16.93 -14.63
N ASN A 320 18.86 18.11 -14.93
CA ASN A 320 18.10 19.36 -14.92
C ASN A 320 17.21 19.49 -16.15
N ALA A 321 15.90 19.46 -15.95
CA ALA A 321 14.95 19.51 -17.06
C ALA A 321 15.07 20.79 -17.89
N LYS A 322 15.64 21.84 -17.30
CA LYS A 322 15.69 23.12 -18.01
C LYS A 322 16.72 23.14 -19.12
N ILE A 323 17.66 22.18 -19.16
CA ILE A 323 18.56 22.11 -20.31
C ILE A 323 18.15 21.07 -21.35
N VAL A 324 17.18 20.23 -21.02
CA VAL A 324 16.74 19.20 -21.98
C VAL A 324 16.26 19.83 -23.28
N GLY A 325 16.83 19.40 -24.39
CA GLY A 325 16.37 19.85 -25.69
C GLY A 325 16.67 21.30 -26.00
N LYS A 326 17.65 21.88 -25.32
CA LYS A 326 18.02 23.30 -25.52
C LYS A 326 19.19 23.47 -26.48
N ALA A 327 19.13 24.51 -27.30
CA ALA A 327 20.24 24.84 -28.18
C ALA A 327 21.48 25.15 -27.33
N PRO A 328 22.69 24.90 -27.88
CA PRO A 328 23.94 25.21 -27.16
C PRO A 328 23.98 26.62 -26.58
N GLN A 329 23.50 27.59 -27.36
CA GLN A 329 23.50 28.99 -26.96
C GLN A 329 22.65 29.25 -25.73
N VAL A 330 21.50 28.58 -25.64
CA VAL A 330 20.63 28.68 -24.47
C VAL A 330 21.34 28.11 -23.26
N ILE A 331 21.96 26.95 -23.44
CA ILE A 331 22.70 26.32 -22.35
C ILE A 331 23.86 27.22 -21.90
N ALA A 332 24.57 27.81 -22.87
CA ALA A 332 25.69 28.72 -22.56
C ALA A 332 25.21 29.87 -21.68
N GLU A 333 24.10 30.48 -22.09
CA GLU A 333 23.51 31.57 -21.36
C GLU A 333 23.17 31.15 -19.95
N MET A 334 22.61 29.94 -19.82
CA MET A 334 22.17 29.41 -18.53
C MET A 334 23.34 29.22 -17.61
N ALA A 335 24.44 28.76 -18.19
CA ALA A 335 25.64 28.49 -17.41
C ALA A 335 26.46 29.77 -17.25
N GLY A 336 26.03 30.85 -17.92
CA GLY A 336 26.75 32.12 -17.84
C GLY A 336 28.11 32.13 -18.50
N ILE A 337 28.21 31.48 -19.65
CA ILE A 337 29.42 31.52 -20.46
C ILE A 337 28.95 32.04 -21.80
N GLU A 338 29.87 32.48 -22.66
CA GLU A 338 29.47 32.89 -24.00
C GLU A 338 30.22 32.12 -25.06
N ILE A 339 29.50 31.82 -26.15
CA ILE A 339 29.97 30.95 -27.21
C ILE A 339 29.56 31.53 -28.54
N PRO A 340 30.26 31.17 -29.61
CA PRO A 340 29.87 31.64 -30.94
C PRO A 340 28.47 31.17 -31.34
N SER A 341 27.83 31.98 -32.17
CA SER A 341 26.45 31.73 -32.57
C SER A 341 26.34 30.54 -33.49
N ASP A 342 27.44 30.13 -34.09
CA ASP A 342 27.43 28.98 -35.01
C ASP A 342 27.73 27.63 -34.31
N VAL A 343 27.99 27.65 -33.01
CA VAL A 343 28.30 26.41 -32.29
C VAL A 343 27.13 25.42 -32.37
N LYS A 344 27.40 24.16 -32.69
CA LYS A 344 26.34 23.15 -32.82
C LYS A 344 26.22 22.22 -31.62
N LEU A 345 27.32 22.06 -30.89
CA LEU A 345 27.32 21.24 -29.70
C LEU A 345 28.50 21.60 -28.84
N LEU A 346 28.31 21.45 -27.54
CA LEU A 346 29.34 21.56 -26.54
C LEU A 346 29.98 20.23 -26.24
N VAL A 347 31.31 20.22 -26.15
CA VAL A 347 32.07 19.02 -25.84
C VAL A 347 32.96 19.29 -24.62
N ALA A 348 33.14 18.27 -23.80
CA ALA A 348 33.92 18.38 -22.56
C ALA A 348 34.76 17.15 -22.34
N GLU A 349 36.07 17.35 -22.35
CA GLU A 349 37.02 16.27 -22.12
C GLU A 349 36.85 15.81 -20.69
N GLU A 350 36.82 14.49 -20.49
CA GLU A 350 36.49 13.94 -19.19
C GLU A 350 37.28 12.67 -18.98
N THR A 351 37.48 12.30 -17.72
CA THR A 351 38.18 11.05 -17.39
C THR A 351 37.37 10.17 -16.42
N GLU A 352 36.48 10.78 -15.64
CA GLU A 352 35.69 10.07 -14.63
C GLU A 352 34.25 9.75 -15.06
N VAL A 353 33.69 8.70 -14.46
CA VAL A 353 32.33 8.23 -14.73
C VAL A 353 31.57 8.03 -13.42
N GLY A 354 30.35 8.56 -13.32
CA GLY A 354 29.56 8.39 -12.13
C GLY A 354 28.48 9.43 -12.03
N LYS A 355 27.45 9.15 -11.24
CA LYS A 355 26.29 10.02 -11.10
C LYS A 355 26.72 11.40 -10.63
N GLU A 356 27.89 11.48 -10.02
CA GLU A 356 28.37 12.72 -9.42
C GLU A 356 29.31 13.47 -10.36
N TYR A 357 29.52 12.90 -11.54
CA TYR A 357 30.28 13.52 -12.62
C TYR A 357 29.31 13.86 -13.75
N PRO A 358 28.69 15.05 -13.65
CA PRO A 358 27.54 15.39 -14.51
C PRO A 358 27.78 15.25 -16.01
N PHE A 359 29.03 15.23 -16.46
CA PHE A 359 29.27 15.09 -17.89
C PHE A 359 29.19 13.62 -18.31
N SER A 360 29.26 12.71 -17.35
CA SER A 360 29.23 11.28 -17.67
C SER A 360 27.80 10.71 -17.72
N ILE A 361 26.81 11.46 -17.23
CA ILE A 361 25.42 10.97 -17.24
C ILE A 361 24.71 11.31 -18.55
N GLU A 362 23.45 10.86 -18.64
CA GLU A 362 22.63 11.08 -19.81
C GLU A 362 22.18 12.55 -19.76
N LYS A 363 22.47 13.30 -20.81
CA LYS A 363 22.28 14.75 -20.76
C LYS A 363 21.10 15.26 -21.57
N LEU A 364 20.60 14.42 -22.48
CA LEU A 364 19.42 14.74 -23.30
C LEU A 364 19.49 16.18 -23.83
N SER A 365 20.66 16.53 -24.35
CA SER A 365 20.90 17.89 -24.85
C SER A 365 22.22 17.87 -25.63
N PRO A 366 22.51 18.96 -26.34
CA PRO A 366 23.68 18.94 -27.23
C PRO A 366 24.97 19.16 -26.43
N ILE A 367 25.19 18.28 -25.47
CA ILE A 367 26.42 18.19 -24.69
C ILE A 367 26.94 16.77 -24.79
N LEU A 368 28.24 16.66 -25.01
CA LEU A 368 28.90 15.41 -25.29
C LEU A 368 30.16 15.32 -24.43
N ALA A 369 30.33 14.23 -23.68
CA ALA A 369 31.60 13.97 -23.00
C ALA A 369 32.60 13.38 -23.98
N PHE A 370 33.89 13.62 -23.72
CA PHE A 370 34.97 13.18 -24.60
C PHE A 370 36.05 12.44 -23.82
N TYR A 371 36.16 11.14 -24.04
CA TYR A 371 37.12 10.31 -23.32
C TYR A 371 38.18 9.81 -24.26
N ILE A 372 39.43 9.91 -23.80
CA ILE A 372 40.60 9.38 -24.49
C ILE A 372 40.89 7.97 -24.01
N VAL A 373 41.13 7.05 -24.94
CA VAL A 373 41.42 5.67 -24.56
C VAL A 373 42.60 5.18 -25.37
N LYS A 374 43.30 4.18 -24.85
CA LYS A 374 44.50 3.67 -25.52
C LYS A 374 44.12 2.70 -26.63
N GLY A 375 43.13 1.87 -26.37
CA GLY A 375 42.62 0.95 -27.38
C GLY A 375 41.22 0.45 -27.08
N MET A 376 40.82 -0.58 -27.83
CA MET A 376 39.52 -1.23 -27.72
C MET A 376 39.20 -1.77 -26.34
N GLU A 377 40.17 -2.39 -25.68
CA GLU A 377 39.93 -2.95 -24.35
C GLU A 377 39.59 -1.85 -23.34
N GLU A 378 40.33 -0.76 -23.36
CA GLU A 378 40.03 0.35 -22.45
C GLU A 378 38.68 0.98 -22.82
N ALA A 379 38.40 1.06 -24.11
CA ALA A 379 37.10 1.52 -24.60
C ALA A 379 35.94 0.67 -24.05
N SER A 380 36.09 -0.65 -24.05
CA SER A 380 35.05 -1.53 -23.51
C SER A 380 34.78 -1.34 -22.03
N GLU A 381 35.85 -1.18 -21.25
N GLU A 381 35.85 -1.21 -21.25
CA GLU A 381 35.72 -0.98 -19.81
CA GLU A 381 35.71 -0.96 -19.82
C GLU A 381 35.00 0.35 -19.50
C GLU A 381 34.90 0.32 -19.59
N LEU A 382 35.29 1.40 -20.26
CA LEU A 382 34.60 2.69 -20.08
C LEU A 382 33.14 2.63 -20.55
N ALA A 383 32.94 2.05 -21.72
CA ALA A 383 31.58 1.82 -22.23
C ALA A 383 30.75 1.12 -21.16
N GLN A 384 31.33 0.08 -20.55
CA GLN A 384 30.60 -0.70 -19.55
C GLN A 384 30.21 0.18 -18.37
N LYS A 385 31.16 1.00 -17.91
CA LYS A 385 30.89 1.92 -16.79
C LYS A 385 29.86 3.01 -17.09
N LEU A 386 29.91 3.56 -18.30
CA LEU A 386 28.92 4.55 -18.73
C LEU A 386 27.50 3.95 -18.80
N LEU A 387 27.37 2.73 -19.32
CA LEU A 387 26.07 2.07 -19.39
C LEU A 387 25.50 1.87 -18.00
N GLU A 388 26.37 1.56 -17.05
CA GLU A 388 25.94 1.37 -15.67
C GLU A 388 25.43 2.66 -15.03
N VAL A 389 25.82 3.82 -15.56
CA VAL A 389 25.20 5.09 -15.12
C VAL A 389 23.92 5.40 -15.93
N GLY A 390 22.97 4.47 -15.95
CA GLY A 390 21.65 4.75 -16.53
C GLY A 390 21.50 4.55 -18.03
N GLY A 391 22.18 3.56 -18.60
CA GLY A 391 22.03 3.20 -20.00
C GLY A 391 21.94 1.70 -20.30
N LEU A 392 21.89 0.84 -19.29
CA LEU A 392 21.95 -0.61 -19.54
C LEU A 392 20.80 -1.13 -20.41
N GLY A 393 21.18 -1.97 -21.37
CA GLY A 393 20.23 -2.60 -22.26
C GLY A 393 19.82 -1.73 -23.43
N HIS A 394 20.23 -0.48 -23.47
CA HIS A 394 19.67 0.43 -24.48
C HIS A 394 20.45 0.39 -25.80
N THR A 395 21.44 1.27 -25.95
CA THR A 395 22.16 1.42 -27.22
C THR A 395 23.64 1.73 -26.99
N VAL A 396 24.49 1.15 -27.84
CA VAL A 396 25.89 1.59 -27.96
C VAL A 396 26.23 1.83 -29.43
N GLY A 397 27.35 2.53 -29.66
CA GLY A 397 27.86 2.74 -31.00
C GLY A 397 29.36 2.51 -31.12
N ILE A 398 29.78 2.21 -32.35
CA ILE A 398 31.20 2.16 -32.68
C ILE A 398 31.42 2.61 -34.12
N HIS A 399 32.47 3.39 -34.35
CA HIS A 399 32.91 3.76 -35.69
C HIS A 399 34.26 3.14 -36.01
N ALA A 400 34.31 2.36 -37.09
CA ALA A 400 35.49 1.56 -37.36
C ALA A 400 35.42 0.92 -38.74
N GLU A 401 36.57 0.67 -39.36
CA GLU A 401 36.60 -0.06 -40.63
C GLU A 401 37.27 -1.43 -40.46
N ASP A 402 37.84 -1.66 -39.29
CA ASP A 402 38.47 -2.93 -38.96
C ASP A 402 37.40 -3.90 -38.47
N GLU A 403 37.00 -4.82 -39.34
CA GLU A 403 35.94 -5.79 -39.06
C GLU A 403 36.19 -6.65 -37.81
N LYS A 404 37.44 -7.01 -37.54
CA LYS A 404 37.73 -7.90 -36.43
C LYS A 404 37.61 -7.16 -35.12
N VAL A 405 37.98 -5.88 -35.14
CA VAL A 405 37.76 -5.01 -34.00
C VAL A 405 36.26 -4.84 -33.70
N ILE A 406 35.49 -4.62 -34.75
CA ILE A 406 34.05 -4.49 -34.64
C ILE A 406 33.47 -5.75 -33.97
N GLU A 407 33.77 -6.90 -34.55
CA GLU A 407 33.35 -8.19 -33.99
C GLU A 407 33.75 -8.35 -32.53
N ALA A 408 34.99 -8.02 -32.21
CA ALA A 408 35.49 -8.14 -30.83
C ALA A 408 34.86 -7.14 -29.85
N TYR A 409 34.60 -5.92 -30.32
CA TYR A 409 34.10 -4.85 -29.44
C TYR A 409 32.62 -5.07 -29.11
N THR A 410 31.87 -5.52 -30.12
CA THR A 410 30.41 -5.57 -30.04
C THR A 410 29.85 -6.80 -29.31
N ILE A 411 30.58 -7.92 -29.30
CA ILE A 411 29.99 -9.19 -28.87
C ILE A 411 29.45 -9.15 -27.42
N ASP A 412 30.12 -8.42 -26.52
CA ASP A 412 29.76 -8.43 -25.10
C ASP A 412 29.13 -7.14 -24.56
N LYS A 413 28.58 -6.30 -25.42
CA LYS A 413 27.97 -5.06 -24.94
C LYS A 413 26.51 -5.31 -24.57
N PRO A 414 26.11 -4.95 -23.33
CA PRO A 414 24.73 -5.10 -22.87
C PRO A 414 23.86 -3.98 -23.39
N ALA A 415 23.51 -4.09 -24.66
CA ALA A 415 22.65 -3.14 -25.33
C ALA A 415 21.85 -3.87 -26.38
N GLY A 416 20.55 -3.59 -26.48
CA GLY A 416 19.73 -4.22 -27.49
C GLY A 416 20.00 -3.75 -28.91
N ARG A 417 20.49 -2.53 -29.02
CA ARG A 417 20.85 -1.92 -30.31
C ARG A 417 22.34 -1.62 -30.29
N ILE A 418 23.12 -2.29 -31.13
CA ILE A 418 24.57 -2.14 -31.19
C ILE A 418 24.89 -1.58 -32.57
N VAL A 419 25.04 -0.25 -32.62
CA VAL A 419 25.03 0.48 -33.90
C VAL A 419 26.44 0.64 -34.45
N VAL A 420 26.66 0.19 -35.69
CA VAL A 420 27.98 0.30 -36.32
C VAL A 420 27.94 1.29 -37.48
N ASN A 421 28.84 2.27 -37.40
CA ASN A 421 29.04 3.26 -38.47
C ASN A 421 27.73 3.92 -38.87
N ALA A 422 27.05 4.46 -37.87
CA ALA A 422 25.86 5.26 -38.06
C ALA A 422 25.64 6.12 -36.84
N GLY A 423 24.78 7.12 -36.95
CA GLY A 423 24.44 7.92 -35.79
C GLY A 423 23.56 7.06 -34.91
N THR A 424 23.74 7.14 -33.60
CA THR A 424 23.04 6.22 -32.74
C THR A 424 21.58 6.62 -32.57
N THR A 425 21.27 7.91 -32.70
CA THR A 425 19.87 8.34 -32.68
C THR A 425 19.11 7.61 -33.77
N PHE A 426 19.62 7.72 -34.98
CA PHE A 426 18.92 7.21 -36.16
C PHE A 426 19.08 5.69 -36.30
N GLY A 427 20.20 5.15 -35.83
CA GLY A 427 20.39 3.72 -35.84
C GLY A 427 19.46 3.05 -34.83
N GLY A 428 19.43 3.58 -33.63
CA GLY A 428 18.69 2.95 -32.55
C GLY A 428 17.24 2.78 -32.90
N ILE A 429 16.66 3.83 -33.47
CA ILE A 429 15.23 3.80 -33.78
C ILE A 429 14.95 3.07 -35.08
N GLY A 430 15.99 2.67 -35.81
CA GLY A 430 15.80 1.93 -37.05
C GLY A 430 15.60 2.77 -38.31
N ALA A 431 15.94 4.06 -38.25
CA ALA A 431 15.93 4.90 -39.43
C ALA A 431 17.06 4.55 -40.40
N THR A 432 18.28 4.43 -39.88
CA THR A 432 19.45 4.23 -40.72
C THR A 432 20.18 2.88 -40.57
N VAL A 433 19.73 2.02 -39.65
CA VAL A 433 20.18 0.62 -39.62
C VAL A 433 18.92 -0.24 -39.55
N ASN A 434 19.04 -1.52 -39.92
CA ASN A 434 17.87 -2.39 -40.05
C ASN A 434 17.48 -3.09 -38.75
N VAL A 435 17.05 -2.31 -37.76
CA VAL A 435 16.17 -2.80 -36.70
C VAL A 435 14.78 -2.24 -36.96
N LYS A 436 13.75 -2.77 -36.32
CA LYS A 436 12.39 -2.34 -36.62
C LYS A 436 12.17 -0.87 -36.27
N PRO A 437 11.65 -0.05 -37.22
CA PRO A 437 11.34 1.33 -36.85
C PRO A 437 10.43 1.45 -35.61
N SER A 438 10.88 2.19 -34.62
CA SER A 438 10.14 2.26 -33.36
C SER A 438 10.60 3.46 -32.53
N LEU A 439 9.69 3.98 -31.71
CA LEU A 439 10.04 4.95 -30.68
C LEU A 439 9.84 4.39 -29.27
N THR A 440 9.76 3.07 -29.15
CA THR A 440 9.67 2.40 -27.87
C THR A 440 10.71 1.31 -27.90
N LEU A 441 11.85 1.63 -27.32
CA LEU A 441 13.03 0.79 -27.41
C LEU A 441 13.18 0.01 -26.12
N GLY A 442 12.87 -1.28 -26.15
CA GLY A 442 12.94 -2.09 -24.94
C GLY A 442 14.39 -2.38 -24.57
N CYS A 443 14.70 -2.36 -23.29
CA CYS A 443 16.08 -2.54 -22.83
C CYS A 443 16.33 -3.90 -22.20
N GLY A 444 15.43 -4.84 -22.45
CA GLY A 444 15.55 -6.20 -21.93
C GLY A 444 15.56 -6.28 -20.41
N ALA A 445 15.85 -7.49 -19.90
CA ALA A 445 15.86 -7.76 -18.48
C ALA A 445 16.86 -6.88 -17.74
N ILE A 446 18.02 -6.61 -18.34
CA ILE A 446 19.04 -5.85 -17.66
C ILE A 446 18.57 -4.42 -17.41
N GLY A 447 17.59 -3.96 -18.19
CA GLY A 447 16.94 -2.69 -17.94
C GLY A 447 15.49 -2.80 -17.50
N ASN A 448 15.16 -3.86 -16.76
CA ASN A 448 13.82 -4.00 -16.15
C ASN A 448 12.70 -4.02 -17.16
N ASN A 449 12.94 -4.63 -18.30
CA ASN A 449 11.95 -4.71 -19.36
C ASN A 449 11.72 -6.15 -19.80
N ILE A 450 10.54 -6.42 -20.34
CA ILE A 450 10.18 -7.75 -20.79
C ILE A 450 10.80 -8.10 -22.16
N THR A 451 11.26 -7.10 -22.91
CA THR A 451 11.92 -7.33 -24.19
C THR A 451 13.02 -6.30 -24.49
N SER A 452 13.94 -6.72 -25.36
CA SER A 452 15.03 -5.85 -25.85
C SER A 452 14.74 -5.40 -27.27
N ASP A 453 13.60 -5.84 -27.81
CA ASP A 453 13.18 -5.45 -29.15
C ASP A 453 12.81 -3.99 -29.25
N ASN A 454 12.94 -3.46 -30.46
CA ASN A 454 12.18 -2.28 -30.87
C ASN A 454 10.73 -2.76 -30.97
N VAL A 455 9.87 -2.19 -30.13
CA VAL A 455 8.48 -2.58 -30.09
C VAL A 455 7.78 -2.18 -31.36
N THR A 456 6.95 -3.07 -31.88
CA THR A 456 6.31 -2.89 -33.17
C THR A 456 4.99 -3.68 -33.17
N VAL A 457 4.35 -3.82 -34.34
CA VAL A 457 2.99 -4.40 -34.41
C VAL A 457 2.86 -5.86 -33.87
N THR A 458 3.92 -6.64 -33.99
CA THR A 458 3.90 -8.02 -33.57
C THR A 458 3.87 -8.15 -32.04
N HIS A 459 4.16 -7.06 -31.33
CA HIS A 459 4.05 -7.06 -29.88
C HIS A 459 2.62 -6.79 -29.40
N LEU A 460 1.73 -6.43 -30.32
CA LEU A 460 0.36 -6.08 -29.95
C LEU A 460 -0.73 -7.03 -30.47
N PHE A 461 -0.37 -8.23 -30.89
CA PHE A 461 -1.34 -9.31 -30.99
C PHE A 461 -0.71 -10.60 -30.50
N ASN A 462 -1.54 -11.42 -29.86
CA ASN A 462 -1.17 -12.76 -29.44
C ASN A 462 -1.33 -13.72 -30.60
N ILE A 463 -0.58 -14.82 -30.58
CA ILE A 463 -0.79 -15.88 -31.55
C ILE A 463 -1.54 -17.02 -30.86
N LYS A 464 -2.71 -17.36 -31.43
CA LYS A 464 -3.44 -18.57 -31.06
C LYS A 464 -3.06 -19.69 -32.02
N ARG A 465 -2.85 -20.89 -31.50
CA ARG A 465 -2.43 -22.01 -32.35
C ARG A 465 -3.47 -23.12 -32.40
N VAL A 466 -4.02 -23.34 -33.59
CA VAL A 466 -4.91 -24.46 -33.83
C VAL A 466 -4.06 -25.67 -34.21
N ALA A 467 -4.05 -26.69 -33.36
CA ALA A 467 -3.06 -27.75 -33.52
C ALA A 467 -3.68 -29.12 -33.45
N PHE A 468 -3.38 -29.95 -34.45
CA PHE A 468 -4.07 -31.22 -34.62
C PHE A 468 -3.29 -32.34 -33.95
N GLY A 469 -4.00 -33.34 -33.47
CA GLY A 469 -3.35 -34.55 -32.98
C GLY A 469 -2.44 -35.19 -34.03
N VAL A 470 -1.16 -35.37 -33.67
CA VAL A 470 -0.19 -35.97 -34.56
C VAL A 470 0.63 -37.07 -33.85
N ARG A 471 0.43 -37.26 -32.55
CA ARG A 471 1.19 -38.25 -31.78
C ARG A 471 0.27 -38.90 -30.77
N GLU A 472 0.61 -40.13 -30.35
CA GLU A 472 -0.09 -40.79 -29.25
C GLU A 472 0.66 -40.65 -27.94
N MET A 473 -0.10 -40.49 -26.87
CA MET A 473 0.46 -40.45 -25.53
C MET A 473 0.61 -41.88 -25.06
N PRO A 474 1.82 -42.28 -24.60
CA PRO A 474 1.94 -43.62 -24.02
C PRO A 474 1.13 -43.72 -22.73
N LYS A 475 0.37 -44.79 -22.56
CA LYS A 475 -0.44 -44.95 -21.36
C LYS A 475 0.43 -45.31 -20.13
N LYS A 476 1.55 -46.00 -20.38
CA LYS A 476 2.42 -46.48 -19.31
C LYS A 476 3.90 -46.15 -19.53
N VAL A 477 4.70 -46.48 -18.52
CA VAL A 477 6.15 -46.22 -18.53
C VAL A 477 6.91 -47.47 -18.97
N LEU B 25 18.90 -14.77 13.49
N LEU B 25 11.10 -20.40 14.89
CA LEU B 25 17.48 -14.71 13.15
CA LEU B 25 9.68 -20.56 14.56
C LEU B 25 16.71 -15.95 13.63
C LEU B 25 8.97 -19.23 14.38
N ARG B 26 15.64 -15.71 14.39
N ARG B 26 8.95 -18.41 15.43
CA ARG B 26 14.85 -16.75 15.05
CA ARG B 26 8.39 -17.07 15.33
C ARG B 26 13.56 -17.13 14.32
C ARG B 26 9.02 -16.32 14.16
N ASP B 27 12.92 -16.15 13.70
N ASP B 27 10.30 -16.58 13.90
CA ASP B 27 11.58 -16.31 13.16
CA ASP B 27 11.10 -15.83 12.92
C ASP B 27 11.60 -16.78 11.70
C ASP B 27 11.37 -16.55 11.59
N ILE B 28 10.63 -17.62 11.31
CA ILE B 28 10.72 -18.29 10.03
C ILE B 28 10.52 -17.31 8.86
N ASP B 29 9.66 -16.31 8.97
CA ASP B 29 9.54 -15.31 7.91
C ASP B 29 10.89 -14.58 7.66
N LEU B 30 11.55 -14.10 8.71
CA LEU B 30 12.86 -13.45 8.52
C LEU B 30 13.93 -14.39 7.98
N GLN B 31 13.93 -15.61 8.47
CA GLN B 31 14.89 -16.60 8.01
C GLN B 31 14.71 -16.85 6.52
N SER B 32 13.44 -16.94 6.11
CA SER B 32 13.14 -17.26 4.71
C SER B 32 13.58 -16.09 3.81
N ILE B 33 13.47 -14.88 4.33
CA ILE B 33 13.90 -13.70 3.58
C ILE B 33 15.42 -13.75 3.43
N GLN B 34 16.07 -14.02 4.55
N GLN B 34 16.13 -13.99 4.53
CA GLN B 34 17.51 -14.22 4.60
CA GLN B 34 17.58 -14.11 4.44
C GLN B 34 17.95 -15.24 3.54
C GLN B 34 17.97 -15.24 3.48
N GLU B 35 17.19 -16.33 3.46
CA GLU B 35 17.53 -17.46 2.60
C GLU B 35 17.42 -17.07 1.12
N VAL B 36 16.37 -16.34 0.77
CA VAL B 36 16.19 -15.84 -0.59
C VAL B 36 17.35 -14.94 -1.00
N ARG B 37 17.74 -14.04 -0.11
CA ARG B 37 18.87 -13.13 -0.41
C ARG B 37 20.16 -13.88 -0.65
N ASN B 38 20.43 -14.88 0.17
CA ASN B 38 21.63 -15.69 -0.01
C ASN B 38 21.62 -16.40 -1.36
N TYR B 39 20.49 -17.02 -1.67
CA TYR B 39 20.34 -17.72 -2.93
C TYR B 39 20.55 -16.80 -4.12
N LEU B 40 20.06 -15.57 -4.04
CA LEU B 40 20.13 -14.69 -5.21
C LEU B 40 21.56 -14.23 -5.41
N GLU B 41 22.24 -13.94 -4.31
CA GLU B 41 23.62 -13.49 -4.42
C GLU B 41 24.47 -14.62 -4.96
N GLU B 42 24.19 -15.84 -4.52
CA GLU B 42 24.96 -16.97 -5.00
C GLU B 42 24.61 -17.24 -6.47
N ALA B 43 23.34 -17.04 -6.82
CA ALA B 43 22.87 -17.24 -8.19
C ALA B 43 23.55 -16.24 -9.13
N LYS B 44 23.73 -15.02 -8.66
CA LYS B 44 24.38 -13.98 -9.45
C LYS B 44 25.80 -14.36 -9.83
N ALA B 45 26.53 -14.85 -8.83
CA ALA B 45 27.90 -15.31 -9.04
C ALA B 45 27.96 -16.52 -9.98
N ALA B 46 27.06 -17.48 -9.77
CA ALA B 46 26.96 -18.66 -10.61
C ALA B 46 26.65 -18.35 -12.06
N GLN B 47 25.67 -17.48 -12.30
CA GLN B 47 25.32 -17.12 -13.66
C GLN B 47 26.48 -16.39 -14.38
N LYS B 48 27.26 -15.58 -13.67
CA LYS B 48 28.42 -14.91 -14.29
C LYS B 48 29.36 -15.96 -14.86
N ILE B 49 29.53 -17.05 -14.11
CA ILE B 49 30.42 -18.14 -14.51
C ILE B 49 29.80 -18.85 -15.71
N LEU B 50 28.50 -19.12 -15.66
CA LEU B 50 27.83 -19.86 -16.71
C LEU B 50 27.86 -19.12 -18.03
N GLU B 51 27.69 -17.80 -17.97
CA GLU B 51 27.59 -16.99 -19.18
C GLU B 51 28.87 -17.04 -20.01
N LYS B 52 29.99 -17.36 -19.36
CA LYS B 52 31.27 -17.44 -20.06
C LYS B 52 31.49 -18.75 -20.83
N MET B 53 30.65 -19.75 -20.61
CA MET B 53 30.85 -21.06 -21.24
C MET B 53 30.45 -21.12 -22.71
N THR B 54 31.02 -22.08 -23.43
CA THR B 54 30.69 -22.33 -24.82
C THR B 54 29.35 -23.06 -24.94
N GLN B 55 28.80 -23.06 -26.15
CA GLN B 55 27.54 -23.75 -26.40
C GLN B 55 27.65 -25.25 -26.04
N SER B 56 28.77 -25.86 -26.41
CA SER B 56 29.03 -27.27 -26.09
C SER B 56 28.98 -27.55 -24.59
N GLU B 57 29.64 -26.67 -23.83
CA GLU B 57 29.66 -26.75 -22.37
C GLU B 57 28.25 -26.62 -21.79
N ILE B 58 27.49 -25.63 -22.24
CA ILE B 58 26.09 -25.45 -21.84
C ILE B 58 25.26 -26.69 -22.19
N ASP B 59 25.38 -27.18 -23.42
CA ASP B 59 24.59 -28.32 -23.88
C ASP B 59 24.88 -29.62 -23.13
N LYS B 60 26.13 -29.75 -22.71
CA LYS B 60 26.54 -30.87 -21.87
C LYS B 60 25.89 -30.74 -20.48
N ILE B 61 25.81 -29.55 -19.93
CA ILE B 61 25.14 -29.39 -18.63
C ILE B 61 23.64 -29.71 -18.78
N VAL B 62 23.00 -29.17 -19.80
CA VAL B 62 21.57 -29.40 -19.99
C VAL B 62 21.30 -30.90 -20.20
N GLU B 63 22.15 -31.57 -20.98
CA GLU B 63 21.97 -33.00 -21.21
C GLU B 63 22.09 -33.79 -19.91
N SER B 64 23.05 -33.47 -19.06
CA SER B 64 23.19 -34.18 -17.80
C SER B 64 21.96 -33.96 -16.91
N MET B 65 21.41 -32.74 -16.91
CA MET B 65 20.22 -32.43 -16.13
C MET B 65 19.05 -33.26 -16.62
N ALA B 66 18.86 -33.30 -17.93
CA ALA B 66 17.77 -34.10 -18.51
C ALA B 66 17.92 -35.58 -18.17
N ASN B 67 19.16 -36.09 -18.17
CA ASN B 67 19.41 -37.50 -17.86
C ASN B 67 19.06 -37.81 -16.42
N ALA B 68 19.43 -36.94 -15.50
CA ALA B 68 19.10 -37.17 -14.09
C ALA B 68 17.58 -37.10 -13.83
N ALA B 69 16.90 -36.14 -14.48
CA ALA B 69 15.44 -36.02 -14.32
C ALA B 69 14.77 -37.34 -14.76
N ARG B 70 15.24 -37.86 -15.88
CA ARG B 70 14.77 -39.13 -16.41
C ARG B 70 14.94 -40.29 -15.40
N GLU B 71 16.17 -40.43 -14.89
CA GLU B 71 16.47 -41.47 -13.92
C GLU B 71 15.63 -41.30 -12.65
N GLU B 72 15.33 -40.06 -12.29
CA GLU B 72 14.69 -39.76 -11.00
C GLU B 72 13.18 -39.61 -11.12
N ALA B 73 12.68 -39.80 -12.33
CA ALA B 73 11.27 -39.50 -12.63
C ALA B 73 10.27 -40.22 -11.71
N GLY B 74 10.44 -41.52 -11.54
CA GLY B 74 9.58 -42.31 -10.67
C GLY B 74 9.66 -41.91 -9.21
N ARG B 75 10.88 -41.76 -8.69
CA ARG B 75 11.06 -41.45 -7.28
C ARG B 75 10.47 -40.08 -6.93
N LEU B 76 10.72 -39.08 -7.78
CA LEU B 76 10.12 -37.75 -7.60
C LEU B 76 8.59 -37.84 -7.66
N ALA B 77 8.08 -38.60 -8.63
CA ALA B 77 6.62 -38.81 -8.73
C ALA B 77 6.02 -39.32 -7.40
N ALA B 78 6.67 -40.30 -6.80
CA ALA B 78 6.15 -40.90 -5.56
C ALA B 78 6.27 -39.93 -4.40
N MET B 79 7.34 -39.13 -4.35
CA MET B 79 7.43 -38.07 -3.35
C MET B 79 6.26 -37.09 -3.49
N ALA B 80 6.00 -36.66 -4.71
CA ALA B 80 4.91 -35.69 -4.93
C ALA B 80 3.54 -36.23 -4.51
N VAL B 81 3.20 -37.47 -4.90
CA VAL B 81 1.88 -38.02 -4.53
C VAL B 81 1.77 -38.13 -3.01
N GLU B 82 2.83 -38.59 -2.36
CA GLU B 82 2.79 -38.79 -0.91
C GLU B 82 2.67 -37.45 -0.19
N GLU B 83 3.42 -36.45 -0.66
CA GLU B 83 3.42 -35.16 0.04
C GLU B 83 2.12 -34.38 -0.18
N THR B 84 1.61 -34.36 -1.41
CA THR B 84 0.47 -33.52 -1.75
C THR B 84 -0.88 -34.25 -1.68
N GLY B 85 -0.87 -35.56 -1.85
CA GLY B 85 -2.11 -36.32 -1.94
C GLY B 85 -2.83 -36.23 -3.27
N PHE B 86 -2.24 -35.50 -4.22
CA PHE B 86 -2.82 -35.36 -5.55
C PHE B 86 -2.27 -36.39 -6.53
N GLY B 87 -3.13 -36.91 -7.37
CA GLY B 87 -2.69 -37.66 -8.54
C GLY B 87 -2.30 -39.09 -8.19
N ASN B 88 -1.53 -39.71 -9.07
CA ASN B 88 -1.07 -41.10 -8.91
C ASN B 88 0.35 -41.18 -9.43
N VAL B 89 1.09 -42.22 -9.00
CA VAL B 89 2.52 -42.28 -9.26
C VAL B 89 2.86 -42.56 -10.72
N GLU B 90 2.05 -43.36 -11.40
N GLU B 90 2.07 -43.38 -11.40
CA GLU B 90 2.38 -43.72 -12.77
CA GLU B 90 2.38 -43.70 -12.79
C GLU B 90 2.26 -42.49 -13.68
C GLU B 90 2.32 -42.43 -13.62
N ASP B 91 1.23 -41.68 -13.46
CA ASP B 91 1.04 -40.50 -14.29
C ASP B 91 2.05 -39.38 -13.94
N LYS B 92 2.34 -39.16 -12.65
CA LYS B 92 3.36 -38.17 -12.31
C LYS B 92 4.71 -38.56 -12.86
N THR B 93 4.97 -39.86 -12.99
CA THR B 93 6.22 -40.31 -13.55
C THR B 93 6.30 -39.88 -15.02
N LEU B 94 5.20 -40.08 -15.74
CA LEU B 94 5.11 -39.68 -17.14
C LEU B 94 5.21 -38.15 -17.31
N LYS B 95 4.65 -37.39 -16.36
CA LYS B 95 4.75 -35.93 -16.39
C LYS B 95 6.22 -35.54 -16.24
N ASN B 96 6.94 -36.17 -15.32
CA ASN B 96 8.35 -35.90 -15.15
C ASN B 96 9.17 -36.29 -16.40
N LEU B 97 8.80 -37.40 -17.03
CA LEU B 97 9.49 -37.83 -18.25
C LEU B 97 9.21 -36.88 -19.41
N PHE B 98 8.01 -36.32 -19.42
CA PHE B 98 7.63 -35.35 -20.45
C PHE B 98 8.59 -34.13 -20.37
N ALA B 99 8.88 -33.72 -19.15
CA ALA B 99 9.81 -32.62 -18.93
C ALA B 99 11.24 -33.05 -19.27
N ALA B 100 11.62 -34.26 -18.88
CA ALA B 100 12.96 -34.74 -19.11
C ALA B 100 13.24 -35.09 -20.57
N ASN B 101 12.19 -35.47 -21.32
CA ASN B 101 12.37 -35.90 -22.70
C ASN B 101 11.82 -34.89 -23.71
N ASP B 102 10.53 -34.59 -23.69
CA ASP B 102 9.95 -33.72 -24.72
C ASP B 102 10.49 -32.30 -24.66
N VAL B 103 10.56 -31.74 -23.46
CA VAL B 103 11.09 -30.41 -23.27
C VAL B 103 12.54 -30.38 -23.66
N TYR B 104 13.30 -31.35 -23.18
CA TYR B 104 14.71 -31.40 -23.51
C TYR B 104 14.92 -31.45 -25.02
N ASN B 105 14.21 -32.34 -25.73
CA ASN B 105 14.38 -32.43 -27.18
C ASN B 105 14.00 -31.15 -27.93
N SER B 106 13.04 -30.37 -27.41
CA SER B 106 12.67 -29.13 -28.09
C SER B 106 13.66 -27.97 -27.92
N ILE B 107 14.58 -28.08 -26.98
CA ILE B 107 15.54 -26.99 -26.77
C ILE B 107 16.98 -27.39 -27.00
N LYS B 108 17.26 -28.68 -27.13
CA LYS B 108 18.65 -29.12 -27.10
C LYS B 108 19.44 -28.55 -28.29
N ASP B 109 18.75 -28.31 -29.42
CA ASP B 109 19.43 -27.79 -30.61
C ASP B 109 19.27 -26.27 -30.82
N VAL B 110 18.66 -25.57 -29.88
CA VAL B 110 18.50 -24.12 -30.00
C VAL B 110 19.83 -23.43 -29.69
N LYS B 111 20.24 -22.53 -30.57
CA LYS B 111 21.45 -21.73 -30.33
C LYS B 111 21.18 -20.65 -29.28
N THR B 112 21.99 -20.58 -28.22
CA THR B 112 21.76 -19.64 -27.12
C THR B 112 23.03 -18.88 -26.69
N VAL B 113 24.16 -19.17 -27.33
CA VAL B 113 25.48 -18.57 -26.99
C VAL B 113 25.99 -17.75 -28.18
N GLY B 114 26.36 -16.51 -27.91
CA GLY B 114 26.92 -15.63 -28.95
C GLY B 114 26.00 -15.26 -30.09
N ILE B 115 26.54 -15.32 -31.30
CA ILE B 115 25.82 -14.93 -32.51
C ILE B 115 24.97 -16.11 -32.94
N ILE B 116 23.65 -15.90 -32.99
CA ILE B 116 22.70 -16.98 -33.24
C ILE B 116 22.07 -16.84 -34.61
N ARG B 117 22.29 -15.69 -35.25
CA ARG B 117 21.76 -15.47 -36.59
C ARG B 117 22.54 -14.35 -37.25
N ARG B 118 22.85 -14.53 -38.53
CA ARG B 118 23.51 -13.49 -39.34
C ARG B 118 22.60 -13.20 -40.53
N ASP B 119 22.49 -11.92 -40.87
CA ASP B 119 21.67 -11.49 -42.00
C ASP B 119 22.52 -10.56 -42.84
N GLU B 120 23.26 -11.13 -43.80
N GLU B 120 23.26 -11.13 -43.80
CA GLU B 120 24.31 -10.38 -44.47
CA GLU B 120 24.32 -10.40 -44.46
C GLU B 120 23.74 -9.24 -45.31
C GLU B 120 23.77 -9.26 -45.33
N GLU B 121 22.62 -9.49 -45.98
CA GLU B 121 22.09 -8.49 -46.89
C GLU B 121 21.40 -7.33 -46.15
N ASN B 122 20.99 -7.54 -44.91
CA ASN B 122 20.45 -6.47 -44.09
C ASN B 122 21.52 -5.89 -43.19
N ARG B 123 22.67 -6.56 -43.18
CA ARG B 123 23.84 -6.13 -42.43
C ARG B 123 23.49 -6.00 -40.95
N VAL B 124 22.86 -7.05 -40.45
CA VAL B 124 22.53 -7.22 -39.04
C VAL B 124 22.95 -8.60 -38.58
N TRP B 125 23.44 -8.72 -37.36
CA TRP B 125 23.44 -10.05 -36.77
C TRP B 125 22.91 -9.97 -35.35
N GLU B 126 22.44 -11.12 -34.86
CA GLU B 126 21.79 -11.26 -33.57
C GLU B 126 22.63 -12.00 -32.58
N ILE B 127 22.70 -11.43 -31.38
CA ILE B 127 23.44 -12.03 -30.29
C ILE B 127 22.50 -12.36 -29.14
N ALA B 128 22.60 -13.58 -28.63
CA ALA B 128 21.78 -14.02 -27.52
C ALA B 128 22.31 -13.43 -26.20
N GLN B 129 21.39 -12.94 -25.38
CA GLN B 129 21.75 -12.31 -24.10
C GLN B 129 20.91 -12.93 -22.97
N PRO B 130 21.54 -13.66 -22.05
CA PRO B 130 20.77 -14.24 -20.95
C PRO B 130 20.05 -13.17 -20.10
N VAL B 131 18.83 -13.45 -19.66
CA VAL B 131 18.12 -12.50 -18.80
C VAL B 131 18.77 -12.37 -17.42
N GLY B 132 19.56 -13.35 -17.00
CA GLY B 132 20.23 -13.32 -15.71
C GLY B 132 19.73 -14.33 -14.68
N ILE B 133 18.99 -13.85 -13.68
CA ILE B 133 18.40 -14.70 -12.65
C ILE B 133 16.89 -14.77 -12.82
N VAL B 134 16.40 -16.00 -12.90
CA VAL B 134 14.97 -16.26 -13.06
C VAL B 134 14.39 -16.68 -11.73
N ALA B 135 13.21 -16.16 -11.41
CA ALA B 135 12.47 -16.58 -10.22
C ALA B 135 11.33 -17.48 -10.68
N GLY B 136 11.41 -18.75 -10.31
CA GLY B 136 10.41 -19.74 -10.69
C GLY B 136 9.45 -20.09 -9.58
N ILE B 137 8.19 -19.74 -9.78
CA ILE B 137 7.14 -20.08 -8.83
C ILE B 137 6.52 -21.39 -9.30
N ILE B 138 6.47 -22.36 -8.39
CA ILE B 138 6.07 -23.74 -8.72
C ILE B 138 4.72 -24.08 -8.11
N PRO B 139 3.81 -24.70 -8.90
CA PRO B 139 2.48 -25.09 -8.43
C PRO B 139 2.49 -26.37 -7.58
N SER B 140 1.47 -26.57 -6.76
CA SER B 140 1.33 -27.82 -5.97
C SER B 140 0.87 -29.04 -6.81
N THR B 141 0.26 -28.76 -7.96
CA THR B 141 -0.29 -29.82 -8.80
C THR B 141 0.75 -30.52 -9.69
N ASN B 142 1.72 -29.73 -10.18
CA ASN B 142 2.79 -30.18 -11.07
C ASN B 142 4.16 -29.83 -10.48
N PRO B 143 4.41 -30.17 -9.22
CA PRO B 143 5.59 -29.59 -8.57
C PRO B 143 6.95 -30.04 -9.15
N THR B 144 7.18 -31.34 -9.31
CA THR B 144 8.51 -31.78 -9.70
C THR B 144 8.70 -31.56 -11.21
N SER B 145 7.66 -31.85 -11.99
CA SER B 145 7.78 -31.73 -13.44
C SER B 145 8.04 -30.25 -13.86
N THR B 146 7.44 -29.30 -13.15
CA THR B 146 7.62 -27.90 -13.51
C THR B 146 9.04 -27.45 -13.18
N VAL B 147 9.59 -27.95 -12.09
CA VAL B 147 11.01 -27.69 -11.76
C VAL B 147 11.95 -28.18 -12.86
N ILE B 148 11.75 -29.42 -13.30
CA ILE B 148 12.60 -30.01 -14.33
C ILE B 148 12.52 -29.17 -15.59
N PHE B 149 11.29 -28.91 -16.02
CA PHE B 149 11.06 -28.09 -17.20
C PHE B 149 11.72 -26.69 -17.08
N LYS B 150 11.49 -25.98 -15.98
CA LYS B 150 12.01 -24.62 -15.85
C LYS B 150 13.52 -24.63 -15.70
N ALA B 151 14.06 -25.61 -15.00
CA ALA B 151 15.51 -25.69 -14.85
C ALA B 151 16.18 -25.88 -16.21
N LEU B 152 15.58 -26.72 -17.06
CA LEU B 152 16.17 -27.00 -18.36
C LEU B 152 16.16 -25.75 -19.26
N ILE B 153 15.03 -25.05 -19.33
CA ILE B 153 14.95 -23.94 -20.26
C ILE B 153 15.78 -22.77 -19.69
N ALA B 154 15.81 -22.59 -18.38
CA ALA B 154 16.56 -21.48 -17.81
C ALA B 154 18.06 -21.63 -18.04
N VAL B 155 18.59 -22.83 -17.77
CA VAL B 155 20.03 -23.06 -17.86
C VAL B 155 20.50 -23.15 -19.33
N LYS B 156 19.67 -23.69 -20.21
CA LYS B 156 20.00 -23.70 -21.64
C LYS B 156 20.19 -22.28 -22.18
N ALA B 157 19.41 -21.33 -21.66
CA ALA B 157 19.51 -19.92 -22.08
C ALA B 157 20.57 -19.16 -21.27
N ARG B 158 21.27 -19.91 -20.42
CA ARG B 158 22.46 -19.45 -19.66
C ARG B 158 22.10 -18.55 -18.46
N ASN B 159 20.97 -18.88 -17.81
CA ASN B 159 20.53 -18.20 -16.60
C ASN B 159 20.72 -19.02 -15.32
N ALA B 160 20.67 -18.34 -14.18
CA ALA B 160 20.52 -19.03 -12.89
C ALA B 160 19.02 -19.05 -12.59
N ILE B 161 18.58 -19.94 -11.71
CA ILE B 161 17.17 -19.94 -11.36
C ILE B 161 16.97 -20.27 -9.89
N VAL B 162 16.12 -19.47 -9.25
CA VAL B 162 15.72 -19.66 -7.85
C VAL B 162 14.24 -20.01 -7.77
N PHE B 163 13.92 -21.15 -7.17
CA PHE B 163 12.54 -21.67 -7.12
C PHE B 163 11.80 -21.34 -5.81
N SER B 164 10.53 -21.04 -5.95
CA SER B 164 9.63 -20.90 -4.81
C SER B 164 8.52 -21.95 -4.89
N PRO B 165 8.56 -22.94 -3.98
CA PRO B 165 7.49 -23.95 -4.00
C PRO B 165 6.21 -23.50 -3.32
N HIS B 166 5.12 -24.15 -3.69
CA HIS B 166 3.91 -24.16 -2.91
C HIS B 166 4.16 -24.86 -1.56
N PRO B 167 3.56 -24.34 -0.48
CA PRO B 167 3.88 -24.96 0.82
C PRO B 167 3.45 -26.45 0.97
N SER B 168 2.37 -26.85 0.29
CA SER B 168 1.95 -28.24 0.24
C SER B 168 2.91 -29.19 -0.47
N ALA B 169 3.85 -28.62 -1.23
CA ALA B 169 4.72 -29.44 -2.09
C ALA B 169 6.18 -29.09 -1.89
N ALA B 170 6.50 -28.54 -0.72
CA ALA B 170 7.80 -27.96 -0.46
C ALA B 170 8.95 -28.98 -0.60
N LYS B 171 8.75 -30.18 -0.06
CA LYS B 171 9.84 -31.13 0.01
C LYS B 171 10.17 -31.72 -1.35
N CYS B 172 9.15 -32.12 -2.11
CA CYS B 172 9.42 -32.71 -3.43
C CYS B 172 9.93 -31.64 -4.42
N THR B 173 9.47 -30.40 -4.28
CA THR B 173 9.93 -29.34 -5.16
C THR B 173 11.42 -29.13 -4.94
N ALA B 174 11.80 -29.02 -3.68
CA ALA B 174 13.18 -28.84 -3.30
C ALA B 174 14.07 -30.00 -3.73
N GLU B 175 13.54 -31.22 -3.68
CA GLU B 175 14.34 -32.39 -4.04
C GLU B 175 14.56 -32.38 -5.56
N ALA B 176 13.54 -32.01 -6.31
CA ALA B 176 13.69 -31.91 -7.76
C ALA B 176 14.77 -30.85 -8.11
N ALA B 177 14.76 -29.71 -7.41
CA ALA B 177 15.76 -28.66 -7.64
C ALA B 177 17.19 -29.16 -7.33
N ARG B 178 17.33 -29.85 -6.21
CA ARG B 178 18.62 -30.41 -5.80
C ARG B 178 19.18 -31.41 -6.81
N ILE B 179 18.32 -32.29 -7.30
CA ILE B 179 18.72 -33.24 -8.34
C ILE B 179 19.19 -32.54 -9.61
N MET B 180 18.51 -31.45 -9.99
CA MET B 180 18.94 -30.72 -11.17
C MET B 180 20.30 -30.02 -10.96
N GLN B 181 20.50 -29.40 -9.81
CA GLN B 181 21.75 -28.72 -9.51
C GLN B 181 22.93 -29.68 -9.42
N GLU B 182 22.71 -30.81 -8.78
CA GLU B 182 23.76 -31.81 -8.63
C GLU B 182 24.08 -32.42 -10.01
N ALA B 183 23.07 -32.67 -10.84
CA ALA B 183 23.33 -33.15 -12.18
C ALA B 183 24.06 -32.08 -13.02
N ALA B 184 23.74 -30.82 -12.79
CA ALA B 184 24.40 -29.72 -13.51
C ALA B 184 25.89 -29.63 -13.13
N GLU B 185 26.16 -29.69 -11.82
CA GLU B 185 27.53 -29.65 -11.33
C GLU B 185 28.39 -30.79 -11.82
N ARG B 186 27.82 -31.98 -11.90
CA ARG B 186 28.59 -33.12 -12.38
C ARG B 186 29.09 -32.86 -13.78
N ALA B 187 28.34 -32.07 -14.55
CA ALA B 187 28.74 -31.77 -15.91
C ALA B 187 29.50 -30.44 -16.02
N GLY B 188 29.92 -29.89 -14.88
CA GLY B 188 30.80 -28.72 -14.89
C GLY B 188 30.15 -27.39 -14.50
N ALA B 189 28.88 -27.40 -14.11
CA ALA B 189 28.21 -26.15 -13.77
C ALA B 189 28.68 -25.70 -12.40
N PRO B 190 28.60 -24.39 -12.15
CA PRO B 190 28.92 -23.79 -10.84
C PRO B 190 27.90 -24.06 -9.74
N LYS B 191 28.39 -24.08 -8.51
CA LYS B 191 27.52 -24.12 -7.34
C LYS B 191 26.55 -22.93 -7.31
N GLY B 192 25.37 -23.15 -6.72
CA GLY B 192 24.40 -22.08 -6.54
C GLY B 192 23.61 -21.68 -7.78
N LEU B 193 23.79 -22.40 -8.89
CA LEU B 193 23.11 -22.08 -10.14
C LEU B 193 21.59 -22.29 -10.05
N ILE B 194 21.21 -23.37 -9.37
CA ILE B 194 19.81 -23.77 -9.23
C ILE B 194 19.51 -23.92 -7.74
N SER B 195 18.53 -23.19 -7.22
CA SER B 195 18.21 -23.26 -5.80
C SER B 195 16.71 -23.25 -5.54
N CYS B 196 16.33 -23.52 -4.30
CA CYS B 196 14.91 -23.65 -3.95
C CYS B 196 14.68 -23.26 -2.50
N ILE B 197 13.74 -22.35 -2.31
CA ILE B 197 13.31 -21.94 -0.98
C ILE B 197 12.87 -23.18 -0.22
N THR B 198 13.45 -23.37 0.96
CA THR B 198 13.19 -24.59 1.74
C THR B 198 12.00 -24.38 2.67
N GLN B 199 11.82 -23.14 3.09
CA GLN B 199 10.75 -22.74 4.01
C GLN B 199 9.84 -21.69 3.36
N PRO B 200 8.88 -22.13 2.53
CA PRO B 200 8.02 -21.15 1.85
C PRO B 200 7.18 -20.30 2.79
N THR B 201 7.17 -19.00 2.53
CA THR B 201 6.38 -18.02 3.27
C THR B 201 5.97 -16.92 2.32
N MET B 202 4.92 -16.18 2.66
CA MET B 202 4.54 -15.01 1.88
C MET B 202 5.70 -14.03 1.79
N ALA B 203 6.39 -13.85 2.90
CA ALA B 203 7.51 -12.90 2.97
C ALA B 203 8.59 -13.26 1.96
N ALA B 204 8.92 -14.55 1.86
CA ALA B 204 10.00 -15.00 0.97
C ALA B 204 9.61 -14.88 -0.49
N THR B 205 8.37 -15.24 -0.79
CA THR B 205 7.84 -15.10 -2.14
C THR B 205 7.90 -13.65 -2.58
N ASN B 206 7.47 -12.76 -1.68
CA ASN B 206 7.51 -11.33 -1.93
C ASN B 206 8.93 -10.81 -2.12
N GLU B 207 9.86 -11.27 -1.28
CA GLU B 207 11.28 -10.93 -1.45
C GLU B 207 11.82 -11.42 -2.79
N LEU B 208 11.51 -12.67 -3.15
CA LEU B 208 12.05 -13.24 -4.39
C LEU B 208 11.55 -12.47 -5.60
N MET B 209 10.28 -12.11 -5.60
CA MET B 209 9.69 -11.41 -6.74
C MET B 209 10.17 -9.95 -6.85
N LYS B 210 10.43 -9.27 -5.73
CA LYS B 210 10.80 -7.85 -5.78
C LYS B 210 12.29 -7.54 -5.65
N HIS B 211 13.13 -8.53 -5.37
CA HIS B 211 14.54 -8.24 -5.07
C HIS B 211 15.28 -7.62 -6.26
N LYS B 212 16.20 -6.71 -5.95
CA LYS B 212 17.06 -6.08 -6.93
C LYS B 212 17.68 -7.05 -7.94
N LEU B 213 18.14 -8.20 -7.46
CA LEU B 213 18.90 -9.14 -8.30
C LEU B 213 18.01 -10.03 -9.17
N THR B 214 16.72 -10.07 -8.87
CA THR B 214 15.80 -10.86 -9.67
C THR B 214 15.53 -10.22 -11.03
N ASP B 215 15.73 -10.94 -12.13
CA ASP B 215 15.57 -10.34 -13.47
C ASP B 215 14.21 -10.61 -14.11
N VAL B 216 13.77 -11.86 -14.09
CA VAL B 216 12.50 -12.28 -14.69
C VAL B 216 11.78 -13.26 -13.79
N ILE B 217 10.48 -13.04 -13.62
CA ILE B 217 9.62 -13.99 -12.91
C ILE B 217 8.84 -14.92 -13.86
N LEU B 218 8.94 -16.23 -13.63
CA LEU B 218 8.08 -17.22 -14.26
C LEU B 218 7.09 -17.67 -13.20
N ALA B 219 5.87 -17.19 -13.31
CA ALA B 219 4.87 -17.38 -12.27
C ALA B 219 3.84 -18.39 -12.73
N THR B 220 4.01 -19.63 -12.30
CA THR B 220 3.08 -20.69 -12.60
C THR B 220 2.27 -21.04 -11.35
N GLY B 221 1.11 -20.40 -11.19
CA GLY B 221 0.32 -20.59 -9.99
C GLY B 221 -1.07 -20.05 -10.20
N GLY B 222 -1.82 -19.90 -9.10
CA GLY B 222 -3.16 -19.33 -9.14
C GLY B 222 -3.17 -17.87 -9.57
N PRO B 223 -4.37 -17.36 -9.90
CA PRO B 223 -4.54 -15.98 -10.38
C PRO B 223 -4.02 -14.91 -9.45
N GLY B 224 -4.02 -15.19 -8.16
CA GLY B 224 -3.56 -14.22 -7.19
C GLY B 224 -2.05 -14.13 -7.15
N LEU B 225 -1.40 -15.26 -7.31
CA LEU B 225 0.05 -15.27 -7.32
C LEU B 225 0.58 -14.62 -8.61
N VAL B 226 -0.11 -14.87 -9.71
CA VAL B 226 0.23 -14.24 -10.99
C VAL B 226 -0.01 -12.75 -10.93
N LYS B 227 -1.12 -12.34 -10.31
CA LYS B 227 -1.37 -10.92 -10.15
C LYS B 227 -0.21 -10.25 -9.39
N ALA B 228 0.27 -10.89 -8.33
CA ALA B 228 1.41 -10.39 -7.58
C ALA B 228 2.67 -10.30 -8.44
N ALA B 229 2.88 -11.29 -9.29
CA ALA B 229 4.02 -11.27 -10.18
C ALA B 229 3.96 -10.02 -11.11
N TYR B 230 2.77 -9.72 -11.64
CA TYR B 230 2.61 -8.53 -12.50
C TYR B 230 2.43 -7.22 -11.70
N SER B 231 2.52 -7.32 -10.37
CA SER B 231 2.56 -6.15 -9.49
C SER B 231 3.93 -5.93 -8.84
N SER B 232 4.92 -6.69 -9.28
CA SER B 232 6.19 -6.82 -8.56
C SER B 232 7.23 -5.76 -8.93
N GLY B 233 6.97 -5.03 -10.00
CA GLY B 233 7.95 -4.13 -10.54
C GLY B 233 8.92 -4.83 -11.45
N LYS B 234 8.74 -6.14 -11.64
CA LYS B 234 9.65 -6.95 -12.47
C LYS B 234 8.94 -7.46 -13.71
N PRO B 235 9.69 -7.64 -14.81
CA PRO B 235 9.17 -8.40 -15.96
C PRO B 235 8.74 -9.83 -15.53
N ALA B 236 7.56 -10.25 -15.96
CA ALA B 236 7.00 -11.53 -15.55
C ALA B 236 6.28 -12.24 -16.69
N TYR B 237 6.51 -13.56 -16.81
CA TYR B 237 5.65 -14.43 -17.60
C TYR B 237 4.76 -15.23 -16.66
N GLY B 238 3.49 -14.89 -16.65
CA GLY B 238 2.52 -15.58 -15.81
C GLY B 238 1.70 -16.53 -16.64
N VAL B 239 0.85 -17.26 -15.95
CA VAL B 239 -0.16 -18.08 -16.59
C VAL B 239 -1.52 -17.58 -16.16
N GLY B 240 -2.54 -18.30 -16.63
CA GLY B 240 -3.89 -18.10 -16.19
C GLY B 240 -4.46 -19.49 -16.00
N PRO B 241 -5.61 -19.58 -15.33
CA PRO B 241 -6.24 -20.90 -15.14
C PRO B 241 -6.96 -21.37 -16.40
N GLY B 242 -7.25 -22.66 -16.46
CA GLY B 242 -8.07 -23.21 -17.53
C GLY B 242 -9.45 -23.61 -17.07
N ASN B 243 -10.37 -23.71 -18.01
CA ASN B 243 -11.66 -24.32 -17.74
C ASN B 243 -12.15 -24.88 -19.06
N VAL B 244 -11.50 -25.96 -19.50
CA VAL B 244 -11.45 -26.31 -20.91
C VAL B 244 -12.74 -26.95 -21.41
N PRO B 245 -13.45 -26.24 -22.31
CA PRO B 245 -14.62 -26.85 -22.94
C PRO B 245 -14.22 -27.58 -24.22
N VAL B 246 -14.80 -28.75 -24.45
CA VAL B 246 -14.51 -29.55 -25.64
C VAL B 246 -15.80 -29.87 -26.41
N TYR B 247 -15.83 -29.47 -27.68
CA TYR B 247 -16.97 -29.70 -28.56
C TYR B 247 -16.81 -31.03 -29.30
N ILE B 248 -17.78 -31.93 -29.17
CA ILE B 248 -17.83 -33.13 -29.99
C ILE B 248 -18.90 -32.93 -31.04
N HIS B 249 -18.43 -32.68 -32.25
CA HIS B 249 -19.30 -32.42 -33.39
C HIS B 249 -19.80 -33.75 -33.95
N GLU B 250 -20.97 -33.73 -34.60
CA GLU B 250 -21.61 -34.96 -35.06
C GLU B 250 -20.76 -35.72 -36.08
N SER B 251 -19.76 -35.06 -36.66
CA SER B 251 -18.83 -35.74 -37.59
C SER B 251 -17.69 -36.46 -36.86
N ALA B 252 -17.67 -36.41 -35.54
CA ALA B 252 -16.54 -36.98 -34.80
C ALA B 252 -16.42 -38.47 -34.95
N ASN B 253 -15.19 -38.96 -34.80
CA ASN B 253 -14.98 -40.37 -34.56
C ASN B 253 -15.23 -40.60 -33.07
N ILE B 254 -16.43 -41.04 -32.73
CA ILE B 254 -16.90 -41.03 -31.34
C ILE B 254 -16.09 -41.93 -30.40
N ALA B 255 -15.74 -43.14 -30.82
CA ALA B 255 -14.98 -44.04 -29.95
C ALA B 255 -13.59 -43.48 -29.66
N LYS B 256 -12.98 -42.93 -30.71
CA LYS B 256 -11.64 -42.38 -30.62
C LYS B 256 -11.65 -41.11 -29.78
N ALA B 257 -12.61 -40.23 -30.04
CA ALA B 257 -12.75 -38.99 -29.28
C ALA B 257 -12.89 -39.30 -27.79
N VAL B 258 -13.78 -40.24 -27.47
CA VAL B 258 -14.02 -40.58 -26.08
C VAL B 258 -12.77 -41.13 -25.44
N GLN B 259 -12.02 -41.91 -26.20
CA GLN B 259 -10.79 -42.50 -25.72
C GLN B 259 -9.77 -41.39 -25.37
N LEU B 260 -9.61 -40.45 -26.29
CA LEU B 260 -8.67 -39.36 -26.14
C LEU B 260 -9.04 -38.49 -24.93
N ILE B 261 -10.33 -38.19 -24.80
CA ILE B 261 -10.83 -37.36 -23.71
C ILE B 261 -10.59 -38.05 -22.38
N ILE B 262 -10.93 -39.33 -22.28
CA ILE B 262 -10.81 -40.03 -21.01
C ILE B 262 -9.35 -40.17 -20.58
N GLN B 263 -8.48 -40.51 -21.51
CA GLN B 263 -7.06 -40.60 -21.18
C GLN B 263 -6.52 -39.24 -20.70
N SER B 264 -6.94 -38.16 -21.34
CA SER B 264 -6.42 -36.84 -20.98
C SER B 264 -7.01 -36.36 -19.64
N LYS B 265 -8.32 -36.52 -19.49
CA LYS B 265 -9.04 -36.05 -18.31
C LYS B 265 -8.63 -36.74 -17.02
N THR B 266 -8.42 -38.05 -17.09
CA THR B 266 -8.07 -38.81 -15.90
C THR B 266 -6.58 -38.83 -15.63
N PHE B 267 -5.79 -38.19 -16.49
CA PHE B 267 -4.34 -38.19 -16.34
C PHE B 267 -3.96 -37.46 -15.06
N ASP B 268 -3.17 -38.11 -14.21
CA ASP B 268 -2.86 -37.63 -12.86
C ASP B 268 -4.12 -37.20 -12.09
N TYR B 269 -5.22 -37.90 -12.35
CA TYR B 269 -6.56 -37.55 -11.83
C TYR B 269 -6.95 -36.09 -12.04
N GLY B 270 -6.63 -35.54 -13.21
CA GLY B 270 -7.18 -34.27 -13.65
C GLY B 270 -6.51 -33.02 -13.10
N THR B 271 -5.23 -33.13 -12.73
CA THR B 271 -4.56 -32.02 -12.08
C THR B 271 -4.05 -30.95 -13.05
N ILE B 272 -4.02 -31.23 -14.34
CA ILE B 272 -3.43 -30.28 -15.28
C ILE B 272 -4.44 -29.26 -15.81
N ALA B 274 -4.91 -27.67 -18.47
CA ALA B 274 -5.42 -27.89 -19.84
C ALA B 274 -6.40 -29.08 -19.99
N SER B 275 -6.68 -29.79 -18.89
CA SER B 275 -7.58 -30.94 -18.96
C SER B 275 -9.05 -30.54 -19.20
N GLU B 276 -9.77 -31.41 -19.89
CA GLU B 276 -11.21 -31.23 -20.16
C GLU B 276 -12.01 -30.96 -18.89
N GLN B 277 -12.99 -30.05 -18.99
CA GLN B 277 -13.89 -29.73 -17.89
C GLN B 277 -15.34 -29.88 -18.29
N ALA B 278 -15.64 -29.64 -19.56
CA ALA B 278 -17.00 -29.85 -20.04
C ALA B 278 -16.98 -30.38 -21.46
N LEU B 279 -17.88 -31.33 -21.73
CA LEU B 279 -18.16 -31.77 -23.10
C LEU B 279 -19.40 -31.09 -23.63
N LEU B 280 -19.30 -30.54 -24.84
CA LEU B 280 -20.43 -29.98 -25.56
C LEU B 280 -20.73 -30.94 -26.71
N VAL B 281 -21.92 -31.53 -26.72
CA VAL B 281 -22.20 -32.65 -27.60
C VAL B 281 -23.42 -32.36 -28.48
N ASP B 282 -23.23 -32.49 -29.80
CA ASP B 282 -24.33 -32.38 -30.75
C ASP B 282 -25.47 -33.36 -30.38
N GLU B 283 -26.71 -32.86 -30.33
N GLU B 283 -26.71 -32.84 -30.33
CA GLU B 283 -27.85 -33.70 -29.93
CA GLU B 283 -27.89 -33.63 -30.01
C GLU B 283 -28.03 -34.91 -30.83
C GLU B 283 -27.97 -34.91 -30.82
N SER B 284 -27.66 -34.81 -32.10
CA SER B 284 -27.79 -35.94 -33.02
C SER B 284 -26.92 -37.14 -32.68
N ILE B 285 -25.89 -36.97 -31.85
CA ILE B 285 -25.04 -38.11 -31.48
C ILE B 285 -24.95 -38.32 -29.99
N LYS B 286 -25.80 -37.64 -29.22
CA LYS B 286 -25.65 -37.68 -27.77
C LYS B 286 -25.78 -39.08 -27.20
N GLU B 287 -26.71 -39.86 -27.73
N GLU B 287 -26.73 -39.88 -27.70
CA GLU B 287 -26.95 -41.19 -27.22
CA GLU B 287 -26.91 -41.22 -27.15
C GLU B 287 -25.71 -42.05 -27.44
C GLU B 287 -25.68 -42.08 -27.43
N LYS B 288 -25.12 -41.96 -28.63
CA LYS B 288 -23.88 -42.70 -28.94
C LYS B 288 -22.69 -42.29 -28.08
N VAL B 289 -22.58 -40.99 -27.79
CA VAL B 289 -21.45 -40.48 -27.00
C VAL B 289 -21.63 -40.96 -25.56
N VAL B 290 -22.85 -40.88 -25.04
CA VAL B 290 -23.11 -41.37 -23.68
C VAL B 290 -22.76 -42.85 -23.56
N ALA B 291 -23.23 -43.65 -24.52
CA ALA B 291 -23.01 -45.09 -24.46
C ALA B 291 -21.53 -45.38 -24.52
N GLU B 292 -20.84 -44.65 -25.39
CA GLU B 292 -19.41 -44.86 -25.55
C GLU B 292 -18.66 -44.45 -24.26
N LEU B 293 -19.04 -43.32 -23.69
CA LEU B 293 -18.42 -42.90 -22.42
C LEU B 293 -18.62 -43.98 -21.33
N LYS B 294 -19.84 -44.50 -21.21
CA LYS B 294 -20.14 -45.51 -20.21
C LYS B 294 -19.29 -46.75 -20.45
N GLN B 295 -19.23 -47.18 -21.70
CA GLN B 295 -18.42 -48.33 -22.05
C GLN B 295 -16.95 -48.14 -21.64
N GLN B 296 -16.42 -46.95 -21.81
CA GLN B 296 -14.98 -46.72 -21.56
C GLN B 296 -14.64 -46.27 -20.13
N GLY B 297 -15.59 -46.43 -19.21
CA GLY B 297 -15.33 -46.26 -17.80
C GLY B 297 -15.93 -45.05 -17.11
N ALA B 298 -16.88 -44.39 -17.75
CA ALA B 298 -17.51 -43.22 -17.14
C ALA B 298 -18.78 -43.59 -16.40
N TYR B 299 -18.97 -43.02 -15.23
CA TYR B 299 -20.18 -43.17 -14.45
C TYR B 299 -21.05 -41.92 -14.52
N PHE B 300 -22.22 -42.05 -15.13
CA PHE B 300 -23.17 -40.93 -15.20
C PHE B 300 -24.01 -40.77 -13.95
N LEU B 301 -23.81 -39.66 -13.26
CA LEU B 301 -24.51 -39.36 -12.02
C LEU B 301 -25.99 -39.11 -12.30
N ASN B 302 -26.89 -39.69 -11.52
CA ASN B 302 -28.30 -39.30 -11.61
C ASN B 302 -28.51 -37.97 -10.89
N GLU B 303 -29.71 -37.43 -11.01
CA GLU B 303 -29.98 -36.11 -10.46
C GLU B 303 -29.63 -36.03 -8.98
N GLU B 304 -29.88 -37.09 -8.21
CA GLU B 304 -29.58 -37.06 -6.77
C GLU B 304 -28.07 -37.19 -6.48
N GLU B 305 -27.40 -38.09 -7.21
CA GLU B 305 -25.96 -38.26 -7.08
C GLU B 305 -25.21 -36.96 -7.47
N LYS B 306 -25.75 -36.25 -8.46
CA LYS B 306 -25.17 -34.98 -8.95
C LYS B 306 -25.18 -33.90 -7.88
N GLN B 307 -26.32 -33.75 -7.22
CA GLN B 307 -26.44 -32.80 -6.12
C GLN B 307 -25.43 -33.07 -5.01
N LYS B 308 -25.26 -34.35 -4.66
CA LYS B 308 -24.33 -34.72 -3.60
C LYS B 308 -22.87 -34.47 -4.00
N VAL B 309 -22.52 -34.78 -5.24
CA VAL B 309 -21.16 -34.50 -5.70
C VAL B 309 -20.98 -32.99 -5.79
N ALA B 310 -21.97 -32.31 -6.37
CA ALA B 310 -21.95 -30.85 -6.47
C ALA B 310 -21.66 -30.19 -5.13
N SER B 311 -22.20 -30.74 -4.06
CA SER B 311 -22.08 -30.07 -2.78
C SER B 311 -20.66 -30.15 -2.20
N ILE B 312 -19.82 -31.04 -2.72
CA ILE B 312 -18.39 -31.03 -2.29
C ILE B 312 -17.42 -30.44 -3.34
N ILE B 313 -17.89 -30.05 -4.51
CA ILE B 313 -16.99 -29.48 -5.51
C ILE B 313 -16.45 -28.14 -5.01
N MET B 314 -17.34 -27.32 -4.48
CA MET B 314 -17.00 -26.01 -3.94
C MET B 314 -17.20 -25.96 -2.42
N VAL B 315 -16.26 -25.34 -1.70
CA VAL B 315 -16.51 -24.92 -0.32
C VAL B 315 -16.18 -23.44 -0.20
N ASN B 316 -17.13 -22.69 0.36
CA ASN B 316 -16.96 -21.26 0.62
C ASN B 316 -16.62 -20.48 -0.64
N GLY B 317 -17.28 -20.83 -1.74
CA GLY B 317 -17.24 -20.02 -2.95
C GLY B 317 -16.14 -20.33 -3.94
N SER B 318 -15.33 -21.35 -3.66
CA SER B 318 -14.36 -21.80 -4.66
C SER B 318 -14.08 -23.30 -4.57
N LEU B 319 -13.21 -23.77 -5.46
CA LEU B 319 -12.87 -25.19 -5.56
C LEU B 319 -12.37 -25.77 -4.25
N ASN B 320 -12.94 -26.92 -3.89
CA ASN B 320 -12.54 -27.67 -2.71
C ASN B 320 -11.23 -28.43 -2.92
N ALA B 321 -10.19 -27.95 -2.26
CA ALA B 321 -8.87 -28.56 -2.35
C ALA B 321 -8.89 -30.07 -2.06
N LYS B 322 -9.87 -30.52 -1.28
CA LYS B 322 -9.90 -31.91 -0.84
C LYS B 322 -10.26 -32.91 -1.96
N ILE B 323 -10.86 -32.43 -3.06
CA ILE B 323 -11.17 -33.28 -4.22
C ILE B 323 -10.09 -33.19 -5.33
N VAL B 324 -9.24 -32.17 -5.28
CA VAL B 324 -8.22 -31.98 -6.31
C VAL B 324 -7.34 -33.22 -6.50
N GLY B 325 -7.32 -33.73 -7.72
CA GLY B 325 -6.43 -34.83 -8.09
C GLY B 325 -6.73 -36.15 -7.40
N LYS B 326 -8.00 -36.36 -7.05
CA LYS B 326 -8.42 -37.57 -6.34
C LYS B 326 -9.14 -38.56 -7.23
N ALA B 327 -8.95 -39.84 -6.96
CA ALA B 327 -9.60 -40.86 -7.74
C ALA B 327 -11.12 -40.74 -7.59
N PRO B 328 -11.87 -41.15 -8.63
CA PRO B 328 -13.33 -41.07 -8.66
C PRO B 328 -13.97 -41.76 -7.44
N GLN B 329 -13.36 -42.84 -6.98
CA GLN B 329 -13.85 -43.58 -5.82
C GLN B 329 -13.70 -42.80 -4.52
N VAL B 330 -12.63 -42.02 -4.40
CA VAL B 330 -12.43 -41.17 -3.22
C VAL B 330 -13.47 -40.05 -3.21
N ILE B 331 -13.68 -39.46 -4.38
CA ILE B 331 -14.69 -38.43 -4.53
C ILE B 331 -16.06 -39.00 -4.22
N ALA B 332 -16.36 -40.18 -4.75
CA ALA B 332 -17.65 -40.82 -4.50
C ALA B 332 -17.89 -40.95 -3.01
N GLU B 333 -16.88 -41.45 -2.31
CA GLU B 333 -16.96 -41.66 -0.87
C GLU B 333 -17.19 -40.35 -0.14
N MET B 334 -16.45 -39.31 -0.53
CA MET B 334 -16.60 -38.01 0.11
C MET B 334 -18.01 -37.49 -0.06
N ALA B 335 -18.61 -37.78 -1.21
CA ALA B 335 -19.94 -37.28 -1.54
C ALA B 335 -21.05 -38.18 -0.99
N GLY B 336 -20.72 -39.41 -0.59
CA GLY B 336 -21.71 -40.32 -0.05
C GLY B 336 -22.52 -41.05 -1.12
N ILE B 337 -21.87 -41.33 -2.25
CA ILE B 337 -22.50 -42.09 -3.31
C ILE B 337 -21.73 -43.38 -3.46
N GLU B 338 -22.23 -44.28 -4.31
CA GLU B 338 -21.70 -45.64 -4.41
C GLU B 338 -21.43 -45.98 -5.86
N ILE B 339 -20.17 -46.23 -6.20
CA ILE B 339 -19.82 -46.53 -7.59
C ILE B 339 -18.94 -47.77 -7.69
N PRO B 340 -18.91 -48.38 -8.87
CA PRO B 340 -18.02 -49.54 -9.13
C PRO B 340 -16.55 -49.19 -9.03
N SER B 341 -15.72 -50.18 -8.72
CA SER B 341 -14.32 -49.93 -8.49
C SER B 341 -13.56 -49.68 -9.79
N ASP B 342 -14.17 -49.98 -10.93
CA ASP B 342 -13.49 -49.82 -12.20
C ASP B 342 -13.87 -48.50 -12.92
N VAL B 343 -14.64 -47.64 -12.26
CA VAL B 343 -15.01 -46.34 -12.81
C VAL B 343 -13.78 -45.41 -12.96
N LYS B 344 -13.65 -44.80 -14.13
CA LYS B 344 -12.51 -43.94 -14.42
C LYS B 344 -12.83 -42.46 -14.24
N LEU B 345 -14.09 -42.08 -14.42
CA LEU B 345 -14.48 -40.70 -14.21
C LEU B 345 -15.97 -40.56 -13.99
N LEU B 346 -16.35 -39.49 -13.31
CA LEU B 346 -17.75 -39.12 -13.10
C LEU B 346 -18.17 -38.08 -14.09
N VAL B 347 -19.39 -38.22 -14.59
CA VAL B 347 -19.98 -37.28 -15.53
C VAL B 347 -21.34 -36.85 -15.05
N ALA B 348 -21.65 -35.57 -15.14
CA ALA B 348 -23.01 -35.10 -14.88
C ALA B 348 -23.54 -34.23 -16.03
N GLU B 349 -24.79 -34.45 -16.39
CA GLU B 349 -25.43 -33.62 -17.39
C GLU B 349 -25.66 -32.23 -16.78
N GLU B 350 -25.53 -31.20 -17.61
CA GLU B 350 -25.64 -29.82 -17.12
C GLU B 350 -26.22 -28.96 -18.22
N THR B 351 -26.91 -27.89 -17.80
CA THR B 351 -27.50 -26.90 -18.69
C THR B 351 -27.00 -25.48 -18.39
N GLU B 352 -26.62 -25.23 -17.15
CA GLU B 352 -26.23 -23.90 -16.71
C GLU B 352 -24.71 -23.72 -16.62
N VAL B 353 -24.28 -22.47 -16.66
CA VAL B 353 -22.88 -22.08 -16.55
C VAL B 353 -22.75 -20.90 -15.59
N GLY B 354 -21.84 -20.99 -14.64
CA GLY B 354 -21.57 -19.90 -13.71
C GLY B 354 -21.02 -20.42 -12.40
N LYS B 355 -20.51 -19.52 -11.55
CA LYS B 355 -19.96 -19.91 -10.25
C LYS B 355 -20.97 -20.59 -9.32
N GLU B 356 -22.25 -20.30 -9.51
CA GLU B 356 -23.25 -20.91 -8.66
C GLU B 356 -23.60 -22.33 -9.13
N TYR B 357 -22.93 -22.78 -10.21
CA TYR B 357 -23.18 -24.08 -10.78
C TYR B 357 -21.88 -24.92 -10.80
N PRO B 358 -21.59 -25.61 -9.69
CA PRO B 358 -20.29 -26.27 -9.45
C PRO B 358 -19.79 -27.17 -10.60
N PHE B 359 -20.68 -27.79 -11.36
CA PHE B 359 -20.22 -28.65 -12.43
C PHE B 359 -19.70 -27.88 -13.64
N SER B 360 -19.93 -26.56 -13.70
CA SER B 360 -19.52 -25.72 -14.82
C SER B 360 -18.16 -25.02 -14.61
N ILE B 361 -17.58 -25.13 -13.42
CA ILE B 361 -16.28 -24.51 -13.14
C ILE B 361 -15.11 -25.48 -13.38
N GLU B 362 -13.88 -24.99 -13.21
CA GLU B 362 -12.73 -25.88 -13.30
C GLU B 362 -12.63 -26.80 -12.08
N LYS B 363 -12.59 -28.12 -12.31
CA LYS B 363 -12.76 -29.08 -11.21
C LYS B 363 -11.45 -29.73 -10.76
N LEU B 364 -10.44 -29.72 -11.64
CA LEU B 364 -9.11 -30.28 -11.34
C LEU B 364 -9.24 -31.68 -10.70
N SER B 365 -10.10 -32.49 -11.30
CA SER B 365 -10.41 -33.82 -10.76
C SER B 365 -11.14 -34.58 -11.86
N PRO B 366 -11.26 -35.92 -11.73
CA PRO B 366 -11.93 -36.72 -12.74
C PRO B 366 -13.44 -36.55 -12.79
N ILE B 367 -13.88 -35.31 -12.93
CA ILE B 367 -15.30 -34.98 -13.07
C ILE B 367 -15.51 -34.16 -14.35
N LEU B 368 -16.51 -34.54 -15.14
CA LEU B 368 -16.86 -33.82 -16.37
C LEU B 368 -18.29 -33.35 -16.35
N ALA B 369 -18.54 -32.14 -16.84
CA ALA B 369 -19.89 -31.68 -17.17
C ALA B 369 -20.24 -32.14 -18.59
N PHE B 370 -21.53 -32.34 -18.83
CA PHE B 370 -22.02 -32.86 -20.12
C PHE B 370 -23.18 -31.98 -20.60
N TYR B 371 -22.92 -31.13 -21.59
CA TYR B 371 -23.96 -30.24 -22.15
C TYR B 371 -24.40 -30.74 -23.53
N ILE B 372 -25.71 -30.81 -23.75
CA ILE B 372 -26.25 -31.10 -25.08
C ILE B 372 -26.44 -29.80 -25.87
N VAL B 373 -26.08 -29.83 -27.14
CA VAL B 373 -26.19 -28.63 -27.98
C VAL B 373 -26.85 -28.97 -29.31
N LYS B 374 -27.53 -28.00 -29.90
CA LYS B 374 -28.26 -28.23 -31.14
C LYS B 374 -27.29 -28.32 -32.31
N GLY B 375 -26.26 -27.47 -32.29
CA GLY B 375 -25.25 -27.47 -33.32
C GLY B 375 -24.08 -26.60 -32.92
N MET B 376 -23.24 -26.29 -33.90
CA MET B 376 -22.02 -25.53 -33.71
C MET B 376 -22.24 -24.16 -33.07
N GLU B 377 -23.30 -23.46 -33.46
CA GLU B 377 -23.46 -22.10 -32.95
C GLU B 377 -23.76 -22.11 -31.46
N GLU B 378 -24.58 -23.07 -31.03
CA GLU B 378 -24.89 -23.16 -29.61
C GLU B 378 -23.66 -23.63 -28.84
N ALA B 379 -22.84 -24.49 -29.45
CA ALA B 379 -21.60 -24.93 -28.82
C ALA B 379 -20.69 -23.73 -28.57
N SER B 380 -20.52 -22.88 -29.59
CA SER B 380 -19.64 -21.72 -29.46
C SER B 380 -20.10 -20.79 -28.37
N GLU B 381 -21.41 -20.61 -28.24
N GLU B 381 -21.42 -20.59 -28.30
CA GLU B 381 -21.92 -19.68 -27.25
CA GLU B 381 -22.01 -19.74 -27.26
C GLU B 381 -21.73 -20.25 -25.84
C GLU B 381 -21.60 -20.28 -25.90
N LEU B 382 -21.91 -21.55 -25.69
CA LEU B 382 -21.61 -22.21 -24.40
C LEU B 382 -20.12 -22.20 -24.07
N ALA B 383 -19.29 -22.52 -25.05
CA ALA B 383 -17.83 -22.48 -24.88
C ALA B 383 -17.35 -21.10 -24.39
N GLN B 384 -17.90 -20.03 -24.94
N GLN B 384 -17.91 -20.03 -24.95
CA GLN B 384 -17.48 -18.69 -24.55
CA GLN B 384 -17.52 -18.67 -24.58
C GLN B 384 -17.86 -18.44 -23.08
C GLN B 384 -17.87 -18.41 -23.11
N LYS B 385 -19.08 -18.81 -22.72
CA LYS B 385 -19.52 -18.69 -21.33
C LYS B 385 -18.65 -19.50 -20.36
N LEU B 386 -18.32 -20.73 -20.71
CA LEU B 386 -17.50 -21.57 -19.84
C LEU B 386 -16.07 -20.97 -19.70
N LEU B 387 -15.49 -20.52 -20.79
CA LEU B 387 -14.19 -19.85 -20.70
C LEU B 387 -14.25 -18.63 -19.77
N GLU B 388 -15.32 -17.85 -19.86
CA GLU B 388 -15.50 -16.70 -19.00
C GLU B 388 -15.58 -17.05 -17.51
N VAL B 389 -15.99 -18.28 -17.18
CA VAL B 389 -15.83 -18.75 -15.80
C VAL B 389 -14.44 -19.35 -15.56
N GLY B 390 -13.41 -18.53 -15.64
CA GLY B 390 -12.06 -18.93 -15.21
C GLY B 390 -11.21 -19.74 -16.18
N GLY B 391 -11.41 -19.53 -17.48
CA GLY B 391 -10.62 -20.23 -18.50
C GLY B 391 -10.10 -19.39 -19.67
N LEU B 392 -10.34 -18.08 -19.66
CA LEU B 392 -9.99 -17.24 -20.83
C LEU B 392 -8.53 -17.34 -21.21
N GLY B 393 -8.29 -17.61 -22.49
CA GLY B 393 -6.95 -17.51 -23.04
C GLY B 393 -6.18 -18.80 -22.93
N HIS B 394 -6.76 -19.80 -22.28
CA HIS B 394 -6.00 -21.01 -21.98
C HIS B 394 -6.16 -22.06 -23.10
N THR B 395 -7.13 -22.95 -22.99
CA THR B 395 -7.26 -24.05 -23.94
C THR B 395 -8.73 -24.39 -24.22
N VAL B 396 -9.01 -24.73 -25.48
CA VAL B 396 -10.27 -25.35 -25.89
C VAL B 396 -9.97 -26.58 -26.72
N GLY B 397 -10.97 -27.46 -26.85
CA GLY B 397 -10.85 -28.61 -27.72
C GLY B 397 -12.00 -28.80 -28.68
N ILE B 398 -11.72 -29.48 -29.77
CA ILE B 398 -12.78 -29.91 -30.66
C ILE B 398 -12.43 -31.26 -31.29
N HIS B 399 -13.46 -32.10 -31.39
CA HIS B 399 -13.38 -33.40 -32.06
C HIS B 399 -14.33 -33.40 -33.25
N ALA B 400 -13.77 -33.54 -34.44
CA ALA B 400 -14.54 -33.44 -35.67
C ALA B 400 -13.70 -33.90 -36.86
N GLU B 401 -14.37 -34.34 -37.92
CA GLU B 401 -13.69 -34.77 -39.14
C GLU B 401 -13.97 -33.82 -40.31
N ASP B 402 -14.77 -32.80 -40.04
CA ASP B 402 -15.12 -31.79 -41.04
C ASP B 402 -14.27 -30.53 -40.86
N GLU B 403 -13.36 -30.28 -41.81
CA GLU B 403 -12.43 -29.14 -41.74
C GLU B 403 -13.13 -27.79 -41.76
N LYS B 404 -14.21 -27.70 -42.53
CA LYS B 404 -14.98 -26.45 -42.58
C LYS B 404 -15.54 -26.11 -41.21
N VAL B 405 -16.12 -27.11 -40.56
CA VAL B 405 -16.67 -26.94 -39.24
C VAL B 405 -15.55 -26.57 -38.24
N ILE B 406 -14.40 -27.23 -38.40
CA ILE B 406 -13.28 -26.98 -37.51
C ILE B 406 -12.83 -25.55 -37.67
N GLU B 407 -12.68 -25.11 -38.91
CA GLU B 407 -12.25 -23.74 -39.16
C GLU B 407 -13.26 -22.72 -38.62
N ALA B 408 -14.55 -22.92 -38.89
CA ALA B 408 -15.54 -21.94 -38.44
C ALA B 408 -15.66 -21.92 -36.91
N TYR B 409 -15.50 -23.07 -36.27
CA TYR B 409 -15.62 -23.14 -34.82
C TYR B 409 -14.40 -22.54 -34.10
N THR B 410 -13.20 -22.81 -34.60
CA THR B 410 -12.00 -22.47 -33.85
C THR B 410 -11.61 -20.99 -33.96
N ILE B 411 -11.94 -20.37 -35.09
CA ILE B 411 -11.40 -19.06 -35.46
C ILE B 411 -11.51 -18.00 -34.36
N ASP B 412 -12.66 -17.95 -33.68
CA ASP B 412 -12.93 -16.87 -32.73
C ASP B 412 -12.88 -17.31 -31.25
N LYS B 413 -12.20 -18.40 -30.95
CA LYS B 413 -12.12 -18.87 -29.58
C LYS B 413 -10.93 -18.22 -28.85
N PRO B 414 -11.21 -17.59 -27.69
CA PRO B 414 -10.12 -16.97 -26.92
C PRO B 414 -9.29 -17.98 -26.14
N ALA B 415 -8.42 -18.69 -26.85
CA ALA B 415 -7.49 -19.63 -26.22
C ALA B 415 -6.19 -19.68 -27.02
N GLY B 416 -5.06 -19.68 -26.31
CA GLY B 416 -3.77 -19.81 -26.96
C GLY B 416 -3.53 -21.18 -27.59
N ARG B 417 -4.10 -22.21 -26.97
CA ARG B 417 -4.08 -23.58 -27.51
C ARG B 417 -5.48 -24.04 -27.89
N ILE B 418 -5.67 -24.27 -29.18
CA ILE B 418 -6.94 -24.74 -29.72
C ILE B 418 -6.71 -26.15 -30.27
N VAL B 419 -7.04 -27.15 -29.45
CA VAL B 419 -6.63 -28.53 -29.67
C VAL B 419 -7.66 -29.29 -30.51
N VAL B 420 -7.22 -29.82 -31.64
CA VAL B 420 -8.12 -30.54 -32.54
C VAL B 420 -7.83 -32.06 -32.55
N ASN B 421 -8.86 -32.85 -32.28
CA ASN B 421 -8.74 -34.30 -32.34
C ASN B 421 -7.58 -34.84 -31.52
N ALA B 422 -7.55 -34.41 -30.26
CA ALA B 422 -6.54 -34.84 -29.33
C ALA B 422 -7.03 -34.57 -27.93
N GLY B 423 -6.46 -35.23 -26.92
CA GLY B 423 -6.81 -34.94 -25.54
C GLY B 423 -6.25 -33.55 -25.19
N THR B 424 -6.98 -32.72 -24.45
CA THR B 424 -6.54 -31.32 -24.28
C THR B 424 -5.37 -31.21 -23.27
N THR B 425 -5.28 -32.14 -22.33
CA THR B 425 -4.13 -32.18 -21.42
C THR B 425 -2.85 -32.31 -22.22
N PHE B 426 -2.78 -33.36 -23.01
CA PHE B 426 -1.60 -33.67 -23.78
C PHE B 426 -1.39 -32.72 -24.99
N GLY B 427 -2.46 -32.16 -25.53
CA GLY B 427 -2.32 -31.18 -26.60
C GLY B 427 -1.79 -29.85 -26.07
N GLY B 428 -2.39 -29.39 -24.98
CA GLY B 428 -2.06 -28.09 -24.41
C GLY B 428 -0.58 -27.95 -24.12
N ILE B 429 0.03 -28.98 -23.55
CA ILE B 429 1.40 -28.92 -23.11
C ILE B 429 2.36 -29.28 -24.24
N GLY B 430 1.82 -29.76 -25.35
CA GLY B 430 2.61 -30.04 -26.53
C GLY B 430 3.15 -31.45 -26.63
N ALA B 431 2.56 -32.36 -25.86
CA ALA B 431 2.89 -33.77 -25.94
C ALA B 431 2.38 -34.36 -27.25
N THR B 432 1.11 -34.14 -27.59
CA THR B 432 0.48 -34.82 -28.72
C THR B 432 0.06 -33.89 -29.87
N VAL B 433 0.23 -32.59 -29.71
CA VAL B 433 0.12 -31.65 -30.84
C VAL B 433 1.36 -30.80 -30.84
N ASN B 434 1.67 -30.18 -31.98
CA ASN B 434 2.91 -29.47 -32.12
C ASN B 434 2.87 -28.02 -31.65
N VAL B 435 2.60 -27.80 -30.35
CA VAL B 435 3.01 -26.55 -29.72
C VAL B 435 4.27 -26.84 -28.89
N LYS B 436 5.00 -25.82 -28.47
CA LYS B 436 6.23 -26.06 -27.73
C LYS B 436 5.98 -26.80 -26.41
N PRO B 437 6.71 -27.91 -26.16
CA PRO B 437 6.55 -28.60 -24.87
C PRO B 437 6.79 -27.66 -23.72
N SER B 438 5.82 -27.57 -22.80
CA SER B 438 5.90 -26.59 -21.73
C SER B 438 4.93 -26.91 -20.60
N LEU B 439 5.27 -26.49 -19.37
CA LEU B 439 4.29 -26.58 -18.26
C LEU B 439 3.93 -25.20 -17.73
N THR B 440 4.22 -24.17 -18.53
CA THR B 440 3.86 -22.79 -18.22
C THR B 440 3.16 -22.21 -19.43
N LEU B 441 1.84 -22.27 -19.42
CA LEU B 441 1.03 -21.96 -20.58
C LEU B 441 0.48 -20.54 -20.46
N GLY B 442 1.11 -19.58 -21.15
CA GLY B 442 0.62 -18.20 -21.16
C GLY B 442 -0.79 -18.11 -21.74
N CYS B 443 -1.66 -17.34 -21.10
CA CYS B 443 -3.04 -17.15 -21.54
C CYS B 443 -3.31 -15.79 -22.22
N GLY B 444 -2.25 -15.12 -22.64
CA GLY B 444 -2.37 -13.88 -23.41
C GLY B 444 -2.98 -12.71 -22.63
N ALA B 445 -3.22 -11.61 -23.32
CA ALA B 445 -3.79 -10.41 -22.70
C ALA B 445 -5.16 -10.69 -22.07
N ILE B 446 -5.96 -11.51 -22.72
CA ILE B 446 -7.28 -11.81 -22.20
C ILE B 446 -7.18 -12.53 -20.86
N GLY B 447 -6.06 -13.22 -20.64
CA GLY B 447 -5.82 -13.88 -19.36
C GLY B 447 -4.88 -13.12 -18.42
N ASN B 448 -4.62 -11.85 -18.72
CA ASN B 448 -3.74 -11.02 -17.91
C ASN B 448 -2.31 -11.52 -17.93
N ASN B 449 -1.89 -11.95 -19.12
CA ASN B 449 -0.55 -12.47 -19.33
C ASN B 449 0.13 -11.70 -20.47
N ILE B 450 1.47 -11.68 -20.47
CA ILE B 450 2.24 -10.95 -21.47
C ILE B 450 2.32 -11.76 -22.75
N THR B 451 2.13 -13.08 -22.67
CA THR B 451 2.10 -13.90 -23.87
C THR B 451 1.06 -15.01 -23.82
N SER B 452 0.65 -15.45 -25.01
CA SER B 452 -0.22 -16.60 -25.18
C SER B 452 0.60 -17.85 -25.50
N ASP B 453 1.92 -17.70 -25.56
CA ASP B 453 2.77 -18.83 -25.90
C ASP B 453 2.87 -19.87 -24.78
N ASN B 454 3.16 -21.09 -25.19
CA ASN B 454 3.80 -22.07 -24.32
C ASN B 454 5.24 -21.59 -24.01
N VAL B 455 5.50 -21.23 -22.76
CA VAL B 455 6.76 -20.59 -22.42
C VAL B 455 7.90 -21.58 -22.59
N THR B 456 9.01 -21.14 -23.19
CA THR B 456 10.11 -22.03 -23.51
C THR B 456 11.41 -21.25 -23.46
N VAL B 457 12.49 -21.87 -23.94
CA VAL B 457 13.83 -21.31 -23.78
C VAL B 457 14.02 -19.90 -24.43
N THR B 458 13.32 -19.63 -25.52
CA THR B 458 13.45 -18.34 -26.21
C THR B 458 12.85 -17.19 -25.42
N HIS B 459 12.06 -17.51 -24.40
CA HIS B 459 11.54 -16.49 -23.51
C HIS B 459 12.52 -16.06 -22.44
N LEU B 460 13.63 -16.76 -22.35
CA LEU B 460 14.59 -16.51 -21.27
C LEU B 460 15.96 -16.04 -21.73
N PHE B 461 16.02 -15.54 -22.95
CA PHE B 461 17.15 -14.72 -23.38
C PHE B 461 16.67 -13.59 -24.30
N ASN B 462 17.33 -12.44 -24.17
CA ASN B 462 17.08 -11.27 -25.00
C ASN B 462 17.94 -11.35 -26.27
N ILE B 463 17.45 -10.75 -27.35
CA ILE B 463 18.24 -10.62 -28.56
C ILE B 463 18.81 -9.21 -28.69
N LYS B 464 20.13 -9.13 -28.85
CA LYS B 464 20.85 -7.91 -29.18
C LYS B 464 21.15 -7.89 -30.66
N ARG B 465 20.96 -6.75 -31.28
CA ARG B 465 21.16 -6.62 -32.71
C ARG B 465 22.32 -5.68 -33.01
N VAL B 466 23.31 -6.23 -33.69
CA VAL B 466 24.44 -5.46 -34.19
C VAL B 466 24.03 -5.07 -35.60
N ALA B 467 23.89 -3.79 -35.88
CA ALA B 467 23.38 -3.36 -37.17
C ALA B 467 24.22 -2.24 -37.76
N PHE B 468 24.51 -2.33 -39.06
CA PHE B 468 25.39 -1.38 -39.73
C PHE B 468 24.57 -0.31 -40.46
N GLY B 469 25.12 0.90 -40.55
CA GLY B 469 24.47 1.97 -41.29
C GLY B 469 24.32 1.57 -42.74
N VAL B 470 23.10 1.66 -43.27
CA VAL B 470 22.81 1.27 -44.63
C VAL B 470 21.98 2.33 -45.35
N ARG B 471 21.55 3.35 -44.62
CA ARG B 471 20.80 4.47 -45.21
C ARG B 471 21.26 5.81 -44.62
N GLU B 472 21.02 6.89 -45.35
CA GLU B 472 21.37 8.23 -44.87
C GLU B 472 20.14 8.95 -44.41
N MET B 473 20.27 9.64 -43.28
CA MET B 473 19.19 10.44 -42.73
C MET B 473 19.16 11.81 -43.40
N PRO B 474 18.01 12.25 -43.93
CA PRO B 474 17.95 13.63 -44.43
C PRO B 474 17.87 14.60 -43.24
N LYS B 475 18.31 15.84 -43.39
CA LYS B 475 18.11 16.82 -42.33
C LYS B 475 17.44 18.07 -42.88
N LYS B 476 16.83 17.92 -44.06
CA LYS B 476 15.94 18.93 -44.64
C LYS B 476 14.60 18.24 -44.93
N VAL B 477 13.50 18.94 -44.68
CA VAL B 477 12.17 18.39 -44.93
C VAL B 477 11.76 18.62 -46.38
N LEU C 25 -24.38 4.28 -12.62
N LEU C 25 -19.25 13.67 -13.18
CA LEU C 25 -23.99 3.41 -11.52
CA LEU C 25 -19.13 12.44 -12.40
C LEU C 25 -22.47 3.25 -11.45
C LEU C 25 -20.38 11.59 -12.54
N ARG C 26 -21.82 3.09 -12.59
N ARG C 26 -20.22 10.38 -13.06
CA ARG C 26 -20.37 2.84 -12.63
CA ARG C 26 -21.32 9.45 -13.30
C ARG C 26 -19.60 3.76 -11.67
C ARG C 26 -21.30 8.24 -12.34
N ASP C 27 -20.03 5.02 -11.56
N ASP C 27 -20.11 7.76 -12.02
CA ASP C 27 -19.23 6.08 -10.92
CA ASP C 27 -19.98 6.54 -11.23
C ASP C 27 -19.76 6.60 -9.60
C ASP C 27 -20.18 6.83 -9.75
N ILE C 28 -20.66 5.83 -9.01
CA ILE C 28 -21.09 6.07 -7.64
C ILE C 28 -19.91 6.25 -6.68
N ASP C 29 -18.84 5.51 -6.88
CA ASP C 29 -17.67 5.70 -6.03
C ASP C 29 -17.18 7.15 -6.18
N LEU C 30 -17.04 7.64 -7.41
CA LEU C 30 -16.51 8.98 -7.62
C LEU C 30 -17.49 10.06 -7.12
N GLN C 31 -18.78 9.82 -7.33
CA GLN C 31 -19.78 10.76 -6.82
C GLN C 31 -19.76 10.86 -5.31
N SER C 32 -19.61 9.71 -4.64
CA SER C 32 -19.62 9.70 -3.18
C SER C 32 -18.35 10.42 -2.66
N ILE C 33 -17.21 10.27 -3.33
CA ILE C 33 -16.02 11.04 -2.95
C ILE C 33 -16.27 12.54 -3.07
N GLN C 34 -16.82 12.97 -4.20
N GLN C 34 -16.84 12.94 -4.21
CA GLN C 34 -17.14 14.40 -4.37
CA GLN C 34 -17.21 14.32 -4.46
C GLN C 34 -18.12 14.87 -3.30
C GLN C 34 -18.12 14.84 -3.35
N GLU C 35 -19.10 14.02 -2.96
CA GLU C 35 -20.07 14.35 -1.90
C GLU C 35 -19.35 14.62 -0.57
N VAL C 36 -18.45 13.73 -0.17
CA VAL C 36 -17.70 13.92 1.07
C VAL C 36 -16.90 15.23 1.02
N ARG C 37 -16.28 15.49 -0.11
CA ARG C 37 -15.48 16.70 -0.20
C ARG C 37 -16.37 17.93 -0.03
N ASN C 38 -17.56 17.92 -0.63
CA ASN C 38 -18.49 19.05 -0.48
C ASN C 38 -18.93 19.22 0.98
N TYR C 39 -19.28 18.11 1.62
CA TYR C 39 -19.70 18.17 3.02
C TYR C 39 -18.60 18.74 3.90
N LEU C 40 -17.37 18.27 3.72
CA LEU C 40 -16.29 18.76 4.56
C LEU C 40 -16.05 20.27 4.38
N GLU C 41 -16.00 20.75 3.14
CA GLU C 41 -15.84 22.18 2.89
C GLU C 41 -16.98 23.02 3.49
N GLU C 42 -18.21 22.53 3.39
CA GLU C 42 -19.34 23.26 3.95
C GLU C 42 -19.30 23.20 5.48
N ALA C 43 -18.84 22.08 6.02
CA ALA C 43 -18.74 21.90 7.46
C ALA C 43 -17.69 22.84 8.06
N LYS C 44 -16.57 22.99 7.35
CA LYS C 44 -15.52 23.91 7.77
C LYS C 44 -16.09 25.31 7.92
N ALA C 45 -16.82 25.76 6.89
CA ALA C 45 -17.46 27.06 6.92
C ALA C 45 -18.52 27.15 8.01
N ALA C 46 -19.33 26.10 8.17
CA ALA C 46 -20.33 26.09 9.24
C ALA C 46 -19.68 26.15 10.62
N GLN C 47 -18.60 25.41 10.80
CA GLN C 47 -18.00 25.33 12.13
C GLN C 47 -17.37 26.68 12.52
N LYS C 48 -16.81 27.38 11.54
CA LYS C 48 -16.27 28.72 11.76
C LYS C 48 -17.35 29.66 12.30
N ILE C 49 -18.54 29.58 11.72
CA ILE C 49 -19.67 30.40 12.18
C ILE C 49 -20.07 29.98 13.61
N LEU C 50 -20.21 28.68 13.84
CA LEU C 50 -20.67 28.18 15.14
C LEU C 50 -19.70 28.55 16.28
N GLU C 51 -18.40 28.55 16.00
CA GLU C 51 -17.38 28.77 17.03
C GLU C 51 -17.44 30.19 17.62
N LYS C 52 -18.04 31.13 16.89
CA LYS C 52 -18.14 32.52 17.35
C LYS C 52 -19.35 32.78 18.27
N MET C 53 -20.23 31.80 18.37
CA MET C 53 -21.43 31.96 19.19
C MET C 53 -21.14 31.84 20.68
N THR C 54 -22.07 32.34 21.51
CA THR C 54 -21.92 32.31 22.96
C THR C 54 -22.35 30.97 23.51
N GLN C 55 -22.09 30.75 24.79
CA GLN C 55 -22.54 29.52 25.41
C GLN C 55 -24.07 29.37 25.31
N SER C 56 -24.82 30.47 25.47
CA SER C 56 -26.28 30.34 25.50
C SER C 56 -26.83 30.05 24.10
N GLU C 57 -26.18 30.59 23.07
CA GLU C 57 -26.57 30.32 21.68
C GLU C 57 -26.33 28.86 21.34
N ILE C 58 -25.17 28.35 21.72
CA ILE C 58 -24.87 26.93 21.57
C ILE C 58 -25.90 26.08 22.31
N ASP C 59 -26.20 26.43 23.57
CA ASP C 59 -27.06 25.55 24.35
C ASP C 59 -28.50 25.52 23.81
N LYS C 60 -28.94 26.63 23.23
CA LYS C 60 -30.25 26.71 22.60
C LYS C 60 -30.30 25.78 21.37
N ILE C 61 -29.23 25.78 20.60
CA ILE C 61 -29.11 24.89 19.44
C ILE C 61 -29.18 23.45 19.91
N VAL C 62 -28.40 23.11 20.92
CA VAL C 62 -28.37 21.73 21.42
C VAL C 62 -29.75 21.29 21.95
N GLU C 63 -30.43 22.20 22.65
CA GLU C 63 -31.76 21.90 23.21
C GLU C 63 -32.79 21.59 22.12
N SER C 64 -32.74 22.40 21.06
CA SER C 64 -33.60 22.19 19.90
C SER C 64 -33.36 20.83 19.27
N MET C 65 -32.09 20.45 19.15
CA MET C 65 -31.74 19.16 18.56
C MET C 65 -32.31 18.01 19.39
N ALA C 66 -32.13 18.12 20.71
CA ALA C 66 -32.59 17.09 21.63
C ALA C 66 -34.13 16.97 21.61
N ASN C 67 -34.83 18.10 21.54
CA ASN C 67 -36.29 18.06 21.46
C ASN C 67 -36.76 17.40 20.15
N ALA C 68 -36.12 17.73 19.04
CA ALA C 68 -36.44 17.07 17.77
C ALA C 68 -36.21 15.56 17.82
N ALA C 69 -35.12 15.13 18.46
CA ALA C 69 -34.86 13.70 18.59
C ALA C 69 -35.94 13.01 19.40
N ARG C 70 -36.35 13.69 20.46
CA ARG C 70 -37.39 13.23 21.37
C ARG C 70 -38.72 13.04 20.62
N GLU C 71 -39.06 14.00 19.76
CA GLU C 71 -40.25 13.92 18.93
C GLU C 71 -40.15 12.84 17.84
N GLU C 72 -38.96 12.64 17.27
CA GLU C 72 -38.80 11.74 16.13
C GLU C 72 -38.40 10.32 16.52
N ALA C 73 -38.27 10.07 17.82
CA ALA C 73 -37.70 8.80 18.29
C ALA C 73 -38.48 7.57 17.83
N GLY C 74 -39.80 7.67 17.73
CA GLY C 74 -40.60 6.55 17.33
C GLY C 74 -40.52 6.34 15.83
N ARG C 75 -40.64 7.44 15.10
CA ARG C 75 -40.57 7.37 13.66
C ARG C 75 -39.22 6.84 13.18
N LEU C 76 -38.12 7.35 13.73
CA LEU C 76 -36.80 6.84 13.33
C LEU C 76 -36.63 5.38 13.75
N ALA C 77 -37.17 5.00 14.91
CA ALA C 77 -37.11 3.61 15.32
C ALA C 77 -37.77 2.69 14.27
N ALA C 78 -38.97 3.06 13.83
CA ALA C 78 -39.70 2.23 12.85
C ALA C 78 -38.94 2.16 11.51
N MET C 79 -38.34 3.28 11.09
CA MET C 79 -37.51 3.28 9.89
C MET C 79 -36.33 2.30 9.98
N ALA C 80 -35.66 2.31 11.13
CA ALA C 80 -34.47 1.47 11.31
C ALA C 80 -34.82 -0.03 11.33
N VAL C 81 -35.92 -0.37 12.02
CA VAL C 81 -36.35 -1.77 12.07
C VAL C 81 -36.68 -2.23 10.64
N GLU C 82 -37.45 -1.40 9.95
CA GLU C 82 -37.83 -1.66 8.56
C GLU C 82 -36.62 -1.86 7.64
N GLU C 83 -35.62 -0.98 7.75
CA GLU C 83 -34.52 -1.04 6.81
C GLU C 83 -33.50 -2.14 7.14
N THR C 84 -33.24 -2.37 8.43
CA THR C 84 -32.21 -3.31 8.83
C THR C 84 -32.73 -4.69 9.18
N GLY C 85 -34.03 -4.76 9.49
CA GLY C 85 -34.62 -5.98 10.02
C GLY C 85 -34.16 -6.37 11.42
N PHE C 86 -33.38 -5.53 12.08
CA PHE C 86 -32.91 -5.83 13.44
C PHE C 86 -33.89 -5.30 14.46
N GLY C 87 -34.10 -6.07 15.54
CA GLY C 87 -34.74 -5.52 16.74
C GLY C 87 -36.23 -5.28 16.62
N ASN C 88 -36.71 -4.30 17.38
CA ASN C 88 -38.12 -3.98 17.42
C ASN C 88 -38.30 -2.50 17.69
N VAL C 89 -39.47 -1.98 17.35
CA VAL C 89 -39.71 -0.54 17.35
C VAL C 89 -39.76 0.07 18.76
N GLU C 90 -40.39 -0.63 19.70
N GLU C 90 -40.40 -0.64 19.70
CA GLU C 90 -40.48 -0.12 21.06
CA GLU C 90 -40.50 -0.18 21.08
C GLU C 90 -39.10 0.08 21.67
C GLU C 90 -39.12 0.05 21.68
N ASP C 91 -38.24 -0.94 21.55
CA ASP C 91 -36.90 -0.85 22.11
C ASP C 91 -36.00 0.16 21.37
N LYS C 92 -36.08 0.22 20.04
CA LYS C 92 -35.34 1.26 19.32
C LYS C 92 -35.85 2.64 19.68
N THR C 93 -37.13 2.74 19.98
CA THR C 93 -37.69 4.03 20.39
C THR C 93 -37.05 4.48 21.72
N LEU C 94 -36.94 3.57 22.67
CA LEU C 94 -36.27 3.86 23.93
C LEU C 94 -34.77 4.20 23.74
N LYS C 95 -34.12 3.50 22.82
CA LYS C 95 -32.71 3.78 22.47
C LYS C 95 -32.54 5.21 21.96
N ASN C 96 -33.42 5.65 21.07
CA ASN C 96 -33.37 7.04 20.62
C ASN C 96 -33.63 8.02 21.77
N LEU C 97 -34.56 7.69 22.66
CA LEU C 97 -34.87 8.56 23.81
C LEU C 97 -33.68 8.63 24.80
N PHE C 98 -32.98 7.51 24.96
CA PHE C 98 -31.76 7.49 25.75
C PHE C 98 -30.80 8.59 25.23
N ALA C 99 -30.64 8.65 23.93
CA ALA C 99 -29.79 9.66 23.31
C ALA C 99 -30.40 11.07 23.43
N ALA C 100 -31.72 11.18 23.27
CA ALA C 100 -32.35 12.50 23.31
C ALA C 100 -32.49 13.05 24.74
N ASN C 101 -32.47 12.15 25.72
CA ASN C 101 -32.69 12.58 27.10
C ASN C 101 -31.47 12.42 28.00
N ASP C 102 -31.00 11.19 28.16
CA ASP C 102 -29.87 10.90 29.02
C ASP C 102 -28.58 11.57 28.55
N VAL C 103 -28.27 11.41 27.27
CA VAL C 103 -27.07 12.05 26.75
C VAL C 103 -27.21 13.54 26.88
N TYR C 104 -28.37 14.07 26.48
CA TYR C 104 -28.59 15.51 26.50
C TYR C 104 -28.44 16.08 27.91
N ASN C 105 -28.97 15.38 28.91
CA ASN C 105 -28.89 15.86 30.29
C ASN C 105 -27.44 15.80 30.82
N SER C 106 -26.66 14.85 30.34
CA SER C 106 -25.29 14.68 30.82
C SER C 106 -24.35 15.77 30.27
N ILE C 107 -24.78 16.52 29.25
CA ILE C 107 -23.91 17.52 28.63
C ILE C 107 -24.46 18.94 28.64
N LYS C 108 -25.74 19.13 28.92
CA LYS C 108 -26.35 20.43 28.70
C LYS C 108 -25.71 21.50 29.58
N ASP C 109 -25.27 21.13 30.77
CA ASP C 109 -24.62 22.11 31.67
C ASP C 109 -23.09 22.10 31.62
N VAL C 110 -22.48 21.41 30.66
CA VAL C 110 -21.02 21.42 30.56
C VAL C 110 -20.56 22.71 29.89
N LYS C 111 -19.56 23.38 30.47
CA LYS C 111 -19.04 24.60 29.85
C LYS C 111 -18.11 24.29 28.68
N THR C 112 -18.40 24.86 27.51
CA THR C 112 -17.65 24.52 26.30
C THR C 112 -17.21 25.76 25.53
N VAL C 113 -17.59 26.95 25.99
CA VAL C 113 -17.21 28.19 25.32
C VAL C 113 -16.30 29.05 26.20
N GLY C 114 -15.20 29.54 25.64
CA GLY C 114 -14.33 30.45 26.38
C GLY C 114 -13.56 29.82 27.54
N ILE C 115 -13.41 30.59 28.60
CA ILE C 115 -12.69 30.14 29.79
C ILE C 115 -13.57 29.23 30.61
N ILE C 116 -13.12 27.98 30.81
CA ILE C 116 -13.93 26.96 31.46
C ILE C 116 -13.41 26.63 32.83
N ARG C 117 -12.21 27.11 33.14
CA ARG C 117 -11.63 26.89 34.46
C ARG C 117 -10.57 27.95 34.81
N ARG C 118 -10.66 28.48 36.02
N ARG C 118 -10.66 28.47 36.02
CA ARG C 118 -9.66 29.41 36.53
CA ARG C 118 -9.67 29.40 36.55
C ARG C 118 -9.02 28.81 37.77
C ARG C 118 -9.02 28.79 37.78
N ASP C 119 -7.69 28.74 37.78
CA ASP C 119 -6.93 28.31 38.96
C ASP C 119 -6.05 29.49 39.38
N GLU C 120 -6.56 30.32 40.29
N GLU C 120 -6.55 30.20 40.37
CA GLU C 120 -5.89 31.58 40.61
CA GLU C 120 -6.05 31.50 40.79
C GLU C 120 -4.59 31.38 41.41
C GLU C 120 -4.67 31.38 41.43
N GLU C 121 -4.51 30.36 42.25
CA GLU C 121 -3.28 30.18 43.01
C GLU C 121 -2.16 29.61 42.13
N ASN C 122 -2.50 28.79 41.11
CA ASN C 122 -1.47 28.30 40.20
C ASN C 122 -1.22 29.25 39.03
N ARG C 123 -2.06 30.28 38.93
CA ARG C 123 -1.96 31.30 37.88
C ARG C 123 -2.12 30.67 36.49
N VAL C 124 -3.19 29.91 36.33
CA VAL C 124 -3.48 29.22 35.07
C VAL C 124 -4.96 29.29 34.82
N TRP C 125 -5.38 29.51 33.58
CA TRP C 125 -6.78 29.24 33.29
C TRP C 125 -6.91 28.43 32.01
N GLU C 126 -8.00 27.67 31.94
CA GLU C 126 -8.28 26.77 30.82
C GLU C 126 -9.29 27.34 29.84
N ILE C 127 -9.01 27.17 28.55
CA ILE C 127 -9.88 27.60 27.47
C ILE C 127 -10.27 26.39 26.62
N ALA C 128 -11.55 26.27 26.33
CA ALA C 128 -12.08 25.19 25.53
C ALA C 128 -11.82 25.47 24.05
N GLN C 129 -11.31 24.47 23.34
CA GLN C 129 -11.01 24.63 21.93
C GLN C 129 -11.67 23.50 21.13
N PRO C 130 -12.65 23.83 20.26
CA PRO C 130 -13.30 22.81 19.42
C PRO C 130 -12.28 22.06 18.57
N VAL C 131 -12.48 20.77 18.36
CA VAL C 131 -11.55 20.00 17.55
C VAL C 131 -11.72 20.35 16.09
N GLY C 132 -12.91 20.85 15.74
CA GLY C 132 -13.19 21.35 14.40
C GLY C 132 -14.22 20.51 13.68
N ILE C 133 -13.77 19.61 12.80
CA ILE C 133 -14.67 18.72 12.06
C ILE C 133 -14.53 17.26 12.48
N VAL C 134 -15.64 16.68 12.89
CA VAL C 134 -15.70 15.32 13.34
C VAL C 134 -16.27 14.39 12.27
N ALA C 135 -15.60 13.28 12.05
CA ALA C 135 -16.09 12.25 11.17
C ALA C 135 -16.72 11.16 12.03
N GLY C 136 -18.01 10.92 11.85
CA GLY C 136 -18.73 9.93 12.64
C GLY C 136 -19.19 8.69 11.87
N ILE C 137 -18.59 7.55 12.21
CA ILE C 137 -18.92 6.28 11.59
C ILE C 137 -20.02 5.61 12.40
N ILE C 138 -21.12 5.26 11.74
CA ILE C 138 -22.34 4.79 12.41
C ILE C 138 -22.62 3.31 12.16
N PRO C 139 -22.87 2.53 13.23
CA PRO C 139 -23.11 1.08 13.09
C PRO C 139 -24.52 0.78 12.55
N SER C 140 -24.75 -0.44 12.07
CA SER C 140 -26.06 -0.88 11.56
C SER C 140 -27.08 -1.19 12.68
N THR C 141 -26.55 -1.53 13.84
CA THR C 141 -27.34 -2.01 14.97
C THR C 141 -28.02 -0.88 15.73
N ASN C 142 -27.35 0.27 15.76
CA ASN C 142 -27.79 1.44 16.52
C ASN C 142 -27.75 2.70 15.65
N PRO C 143 -28.32 2.60 14.44
CA PRO C 143 -28.02 3.66 13.46
C PRO C 143 -28.58 5.04 13.83
N THR C 144 -29.79 5.16 14.36
CA THR C 144 -30.38 6.50 14.55
C THR C 144 -29.98 7.10 15.89
N SER C 145 -30.00 6.28 16.93
CA SER C 145 -29.60 6.72 18.24
C SER C 145 -28.12 7.18 18.27
N THR C 146 -27.24 6.50 17.55
CA THR C 146 -25.82 6.90 17.55
C THR C 146 -25.64 8.23 16.84
N VAL C 147 -26.42 8.46 15.80
CA VAL C 147 -26.42 9.74 15.15
C VAL C 147 -26.85 10.85 16.11
N ILE C 148 -27.93 10.61 16.83
CA ILE C 148 -28.46 11.62 17.76
C ILE C 148 -27.40 11.94 18.83
N PHE C 149 -26.89 10.88 19.47
CA PHE C 149 -25.88 11.01 20.51
C PHE C 149 -24.65 11.78 19.99
N LYS C 150 -24.12 11.39 18.84
CA LYS C 150 -22.92 12.05 18.30
C LYS C 150 -23.15 13.51 17.85
N ALA C 151 -24.28 13.77 17.21
CA ALA C 151 -24.60 15.12 16.80
C ALA C 151 -24.67 16.04 18.03
N LEU C 152 -25.32 15.55 19.08
CA LEU C 152 -25.45 16.31 20.33
C LEU C 152 -24.07 16.65 20.94
N ILE C 153 -23.22 15.66 21.15
CA ILE C 153 -21.95 15.94 21.84
C ILE C 153 -21.01 16.78 20.92
N ALA C 154 -21.05 16.56 19.61
CA ALA C 154 -20.22 17.36 18.70
C ALA C 154 -20.61 18.83 18.67
N VAL C 155 -21.90 19.10 18.55
CA VAL C 155 -22.31 20.49 18.42
C VAL C 155 -22.19 21.20 19.78
N LYS C 156 -22.47 20.49 20.87
CA LYS C 156 -22.30 21.08 22.19
C LYS C 156 -20.84 21.54 22.39
N ALA C 157 -19.91 20.80 21.81
CA ALA C 157 -18.48 21.13 21.87
C ALA C 157 -18.05 22.12 20.77
N ARG C 158 -19.02 22.56 19.96
CA ARG C 158 -18.88 23.60 18.92
C ARG C 158 -18.16 23.10 17.67
N ASN C 159 -18.39 21.83 17.36
CA ASN C 159 -17.87 21.20 16.16
C ASN C 159 -18.94 20.99 15.09
N ALA C 160 -18.48 20.82 13.85
CA ALA C 160 -19.30 20.23 12.78
C ALA C 160 -19.10 18.71 12.76
N ILE C 161 -20.02 17.98 12.13
CA ILE C 161 -19.87 16.53 12.05
C ILE C 161 -20.42 16.02 10.73
N VAL C 162 -19.67 15.10 10.15
CA VAL C 162 -20.04 14.46 8.89
C VAL C 162 -20.17 12.98 9.17
N PHE C 163 -21.34 12.43 8.87
CA PHE C 163 -21.66 11.03 9.21
C PHE C 163 -21.43 10.08 8.06
N SER C 164 -21.01 8.86 8.41
CA SER C 164 -20.88 7.78 7.45
C SER C 164 -21.70 6.56 7.89
N PRO C 165 -22.81 6.29 7.19
CA PRO C 165 -23.63 5.14 7.58
C PRO C 165 -23.12 3.81 7.10
N HIS C 166 -23.47 2.81 7.86
CA HIS C 166 -23.44 1.45 7.41
C HIS C 166 -24.37 1.33 6.19
N PRO C 167 -23.95 0.60 5.16
CA PRO C 167 -24.79 0.49 3.95
C PRO C 167 -26.22 -0.06 4.22
N SER C 168 -26.32 -1.07 5.07
CA SER C 168 -27.64 -1.66 5.31
C SER C 168 -28.54 -0.74 6.15
N ALA C 169 -28.03 0.43 6.55
CA ALA C 169 -28.83 1.42 7.28
C ALA C 169 -28.73 2.85 6.75
N ALA C 170 -28.32 3.01 5.49
CA ALA C 170 -28.08 4.35 4.92
C ALA C 170 -29.25 5.31 5.05
N LYS C 171 -30.47 4.82 4.82
CA LYS C 171 -31.60 5.75 4.75
C LYS C 171 -31.98 6.29 6.12
N CYS C 172 -32.07 5.42 7.11
CA CYS C 172 -32.53 5.88 8.42
C CYS C 172 -31.43 6.70 9.11
N THR C 173 -30.17 6.37 8.82
CA THR C 173 -29.05 7.18 9.35
C THR C 173 -29.02 8.59 8.76
N ALA C 174 -29.11 8.70 7.44
CA ALA C 174 -29.22 10.01 6.79
C ALA C 174 -30.43 10.80 7.30
N GLU C 175 -31.53 10.12 7.56
CA GLU C 175 -32.74 10.81 7.99
C GLU C 175 -32.57 11.35 9.41
N ALA C 176 -31.98 10.54 10.29
CA ALA C 176 -31.61 11.02 11.60
C ALA C 176 -30.69 12.26 11.55
N ALA C 177 -29.69 12.24 10.67
CA ALA C 177 -28.81 13.40 10.50
C ALA C 177 -29.57 14.65 10.03
N ARG C 178 -30.47 14.46 9.07
CA ARG C 178 -31.27 15.58 8.53
C ARG C 178 -32.09 16.28 9.61
N ILE C 179 -32.76 15.48 10.45
CA ILE C 179 -33.59 15.99 11.53
C ILE C 179 -32.74 16.79 12.50
N MET C 180 -31.54 16.30 12.79
CA MET C 180 -30.63 17.02 13.66
C MET C 180 -30.20 18.37 13.04
N GLN C 181 -29.82 18.38 11.77
CA GLN C 181 -29.46 19.62 11.07
C GLN C 181 -30.59 20.64 11.09
N GLU C 182 -31.79 20.22 10.71
CA GLU C 182 -32.90 21.15 10.59
C GLU C 182 -33.27 21.70 11.98
N ALA C 183 -33.24 20.87 13.00
CA ALA C 183 -33.44 21.36 14.37
C ALA C 183 -32.36 22.36 14.79
N ALA C 184 -31.11 22.05 14.49
CA ALA C 184 -30.01 22.98 14.78
C ALA C 184 -30.32 24.31 14.12
N GLU C 185 -30.65 24.23 12.84
CA GLU C 185 -30.90 25.41 12.03
C GLU C 185 -32.05 26.25 12.53
N ARG C 186 -33.10 25.60 13.05
CA ARG C 186 -34.26 26.34 13.57
C ARG C 186 -33.86 27.19 14.74
N ALA C 187 -32.84 26.77 15.46
CA ALA C 187 -32.34 27.50 16.63
C ALA C 187 -31.19 28.45 16.30
N GLY C 188 -30.81 28.56 15.03
CA GLY C 188 -29.87 29.58 14.58
C GLY C 188 -28.54 29.06 14.08
N ALA C 189 -28.40 27.73 14.01
CA ALA C 189 -27.18 27.10 13.53
C ALA C 189 -27.02 27.33 12.04
N PRO C 190 -25.78 27.37 11.56
CA PRO C 190 -25.49 27.54 10.13
C PRO C 190 -25.81 26.31 9.32
N LYS C 191 -26.05 26.50 8.03
CA LYS C 191 -26.26 25.39 7.14
C LYS C 191 -24.96 24.58 7.03
N GLY C 192 -25.10 23.28 6.81
CA GLY C 192 -23.95 22.39 6.60
C GLY C 192 -23.24 21.90 7.86
N LEU C 193 -23.78 22.24 9.02
CA LEU C 193 -23.16 21.86 10.28
C LEU C 193 -23.19 20.35 10.51
N ILE C 194 -24.28 19.71 10.07
CA ILE C 194 -24.47 18.27 10.24
C ILE C 194 -24.85 17.66 8.90
N SER C 195 -24.09 16.65 8.48
CA SER C 195 -24.34 16.03 7.18
C SER C 195 -24.10 14.53 7.23
N CYS C 196 -24.47 13.85 6.15
CA CYS C 196 -24.40 12.40 6.12
C CYS C 196 -24.23 11.91 4.67
N ILE C 197 -23.26 11.03 4.47
CA ILE C 197 -23.08 10.39 3.17
C ILE C 197 -24.39 9.65 2.84
N THR C 198 -24.91 9.85 1.63
CA THR C 198 -26.20 9.29 1.26
C THR C 198 -26.04 7.99 0.50
N GLN C 199 -24.91 7.86 -0.19
CA GLN C 199 -24.58 6.60 -0.83
C GLN C 199 -23.24 6.06 -0.34
N PRO C 200 -23.27 5.26 0.74
CA PRO C 200 -22.02 4.75 1.31
C PRO C 200 -21.25 3.90 0.33
N THR C 201 -19.94 4.11 0.30
CA THR C 201 -19.00 3.29 -0.47
C THR C 201 -17.70 3.20 0.31
N MET C 202 -16.88 2.23 -0.01
CA MET C 202 -15.56 2.13 0.59
C MET C 202 -14.76 3.40 0.32
N ALA C 203 -14.86 3.91 -0.91
CA ALA C 203 -14.14 5.10 -1.34
C ALA C 203 -14.53 6.32 -0.50
N ALA C 204 -15.82 6.41 -0.16
CA ALA C 204 -16.29 7.59 0.57
C ALA C 204 -15.81 7.51 2.02
N THR C 205 -15.84 6.32 2.58
CA THR C 205 -15.39 6.12 3.95
C THR C 205 -13.90 6.46 4.04
N ASN C 206 -13.14 5.99 3.06
CA ASN C 206 -11.72 6.29 2.99
C ASN C 206 -11.48 7.79 2.85
N GLU C 207 -12.20 8.42 1.94
CA GLU C 207 -12.03 9.86 1.74
C GLU C 207 -12.31 10.62 3.03
N LEU C 208 -13.42 10.29 3.68
CA LEU C 208 -13.81 10.97 4.91
C LEU C 208 -12.77 10.82 6.04
N MET C 209 -12.27 9.61 6.23
CA MET C 209 -11.33 9.35 7.32
C MET C 209 -9.98 10.06 7.09
N LYS C 210 -9.58 10.20 5.82
CA LYS C 210 -8.24 10.65 5.48
C LYS C 210 -8.14 12.10 4.99
N HIS C 211 -9.28 12.76 4.74
CA HIS C 211 -9.27 14.08 4.12
C HIS C 211 -8.56 15.12 4.97
N LYS C 212 -7.91 16.07 4.32
CA LYS C 212 -7.17 17.09 5.06
C LYS C 212 -8.05 17.90 6.03
N LEU C 213 -9.35 18.07 5.74
CA LEU C 213 -10.19 18.92 6.61
C LEU C 213 -10.77 18.13 7.79
N THR C 214 -10.65 16.81 7.79
CA THR C 214 -11.17 15.97 8.88
C THR C 214 -10.25 16.01 10.11
N ASP C 215 -10.80 16.37 11.27
CA ASP C 215 -10.00 16.60 12.48
C ASP C 215 -9.94 15.41 13.42
N VAL C 216 -11.10 14.82 13.69
CA VAL C 216 -11.20 13.71 14.61
C VAL C 216 -12.22 12.69 14.11
N ILE C 217 -11.88 11.41 14.22
CA ILE C 217 -12.75 10.32 13.82
C ILE C 217 -13.36 9.65 15.05
N LEU C 218 -14.70 9.61 15.10
CA LEU C 218 -15.43 8.70 16.01
C LEU C 218 -15.82 7.45 15.25
N ALA C 219 -15.13 6.35 15.52
CA ALA C 219 -15.29 5.11 14.78
C ALA C 219 -16.09 4.08 15.60
N THR C 220 -17.41 4.04 15.37
CA THR C 220 -18.26 3.06 16.06
C THR C 220 -18.71 1.98 15.08
N GLY C 221 -18.05 0.84 15.15
CA GLY C 221 -18.20 -0.17 14.11
C GLY C 221 -17.40 -1.39 14.48
N GLY C 222 -17.35 -2.35 13.57
CA GLY C 222 -16.58 -3.56 13.79
C GLY C 222 -15.08 -3.30 13.79
N PRO C 223 -14.29 -4.29 14.19
CA PRO C 223 -12.85 -4.16 14.41
C PRO C 223 -12.10 -3.79 13.14
N GLY C 224 -12.65 -4.18 12.00
CA GLY C 224 -12.08 -3.81 10.72
C GLY C 224 -12.14 -2.32 10.47
N LEU C 225 -13.28 -1.72 10.72
CA LEU C 225 -13.41 -0.30 10.45
C LEU C 225 -12.63 0.54 11.47
N VAL C 226 -12.57 0.06 12.70
CA VAL C 226 -11.88 0.78 13.76
C VAL C 226 -10.39 0.75 13.47
N LYS C 227 -9.92 -0.39 12.96
CA LYS C 227 -8.53 -0.53 12.55
C LYS C 227 -8.21 0.49 11.42
N ALA C 228 -9.13 0.60 10.46
CA ALA C 228 -9.00 1.58 9.39
C ALA C 228 -8.90 2.99 9.98
N ALA C 229 -9.69 3.26 11.01
CA ALA C 229 -9.67 4.57 11.64
C ALA C 229 -8.30 4.85 12.29
N TYR C 230 -7.73 3.85 12.93
CA TYR C 230 -6.40 4.01 13.52
C TYR C 230 -5.25 3.87 12.50
N SER C 231 -5.60 3.72 11.22
CA SER C 231 -4.62 3.70 10.13
C SER C 231 -4.79 4.89 9.20
N SER C 232 -5.65 5.82 9.62
CA SER C 232 -6.09 6.89 8.75
C SER C 232 -5.12 8.05 8.64
N GLY C 233 -4.16 8.10 9.56
CA GLY C 233 -3.35 9.29 9.70
C GLY C 233 -3.99 10.35 10.58
N LYS C 234 -5.17 10.07 11.13
CA LYS C 234 -5.92 11.07 11.93
C LYS C 234 -6.16 10.61 13.35
N PRO C 235 -6.28 11.57 14.28
CA PRO C 235 -6.69 11.23 15.64
C PRO C 235 -8.06 10.56 15.63
N ALA C 236 -8.18 9.46 16.35
CA ALA C 236 -9.41 8.66 16.36
C ALA C 236 -9.83 8.12 17.71
N TYR C 237 -11.14 8.17 17.97
CA TYR C 237 -11.73 7.42 19.08
C TYR C 237 -12.52 6.24 18.57
N GLY C 238 -12.01 5.04 18.84
CA GLY C 238 -12.66 3.81 18.39
C GLY C 238 -13.36 3.05 19.50
N VAL C 239 -14.06 1.99 19.09
CA VAL C 239 -14.60 1.04 20.04
C VAL C 239 -13.98 -0.33 19.77
N GLY C 240 -14.34 -1.28 20.61
CA GLY C 240 -14.07 -2.67 20.37
C GLY C 240 -15.37 -3.44 20.54
N PRO C 241 -15.38 -4.70 20.11
CA PRO C 241 -16.57 -5.52 20.29
C PRO C 241 -16.73 -6.02 21.72
N GLY C 242 -17.96 -6.36 22.10
CA GLY C 242 -18.24 -6.97 23.39
C GLY C 242 -18.44 -8.48 23.34
N ASN C 243 -18.24 -9.15 24.46
CA ASN C 243 -18.68 -10.53 24.64
C ASN C 243 -18.92 -10.75 26.13
N VAL C 244 -19.96 -10.09 26.63
CA VAL C 244 -20.10 -9.78 28.06
C VAL C 244 -20.50 -10.98 28.93
N PRO C 245 -19.60 -11.43 29.82
CA PRO C 245 -19.90 -12.47 30.80
C PRO C 245 -20.41 -11.87 32.10
N VAL C 246 -21.44 -12.47 32.66
CA VAL C 246 -22.05 -12.02 33.91
C VAL C 246 -22.04 -13.14 34.94
N TYR C 247 -21.49 -12.84 36.11
CA TYR C 247 -21.38 -13.79 37.20
C TYR C 247 -22.55 -13.61 38.16
N ILE C 248 -23.33 -14.67 38.36
CA ILE C 248 -24.34 -14.65 39.41
C ILE C 248 -23.80 -15.43 40.60
N HIS C 249 -23.43 -14.68 41.63
CA HIS C 249 -22.92 -15.24 42.86
C HIS C 249 -24.07 -15.73 43.73
N GLU C 250 -23.79 -16.72 44.58
CA GLU C 250 -24.82 -17.32 45.45
C GLU C 250 -25.42 -16.32 46.44
N SER C 251 -24.84 -15.12 46.58
CA SER C 251 -25.44 -14.14 47.48
C SER C 251 -26.46 -13.24 46.78
N ALA C 252 -26.70 -13.48 45.50
CA ALA C 252 -27.57 -12.59 44.71
C ALA C 252 -29.06 -12.76 45.04
N ASN C 253 -29.80 -11.66 44.87
CA ASN C 253 -31.25 -11.69 44.81
C ASN C 253 -31.61 -12.32 43.47
N ILE C 254 -31.97 -13.60 43.48
CA ILE C 254 -32.02 -14.34 42.22
C ILE C 254 -33.13 -13.84 41.30
N ALA C 255 -34.31 -13.57 41.86
CA ALA C 255 -35.42 -13.10 41.03
C ALA C 255 -35.09 -11.75 40.38
N LYS C 256 -34.50 -10.85 41.15
CA LYS C 256 -34.14 -9.54 40.66
C LYS C 256 -33.00 -9.59 39.62
N ALA C 257 -31.99 -10.42 39.86
CA ALA C 257 -30.88 -10.53 38.92
C ALA C 257 -31.36 -11.10 37.58
N VAL C 258 -32.20 -12.13 37.63
CA VAL C 258 -32.73 -12.72 36.40
C VAL C 258 -33.59 -11.68 35.67
N GLN C 259 -34.37 -10.90 36.39
CA GLN C 259 -35.17 -9.87 35.76
C GLN C 259 -34.27 -8.83 35.04
N LEU C 260 -33.27 -8.32 35.75
CA LEU C 260 -32.32 -7.36 35.16
C LEU C 260 -31.63 -7.94 33.92
N ILE C 261 -31.19 -9.20 34.00
CA ILE C 261 -30.48 -9.83 32.89
C ILE C 261 -31.39 -9.96 31.68
N ILE C 262 -32.62 -10.40 31.91
CA ILE C 262 -33.53 -10.68 30.79
C ILE C 262 -33.90 -9.38 30.10
N GLN C 263 -34.27 -8.36 30.88
CA GLN C 263 -34.61 -7.07 30.30
C GLN C 263 -33.46 -6.53 29.45
N SER C 264 -32.24 -6.68 29.94
CA SER C 264 -31.07 -6.16 29.21
C SER C 264 -30.75 -6.99 27.97
N LYS C 265 -30.70 -8.30 28.15
CA LYS C 265 -30.37 -9.21 27.06
C LYS C 265 -31.34 -9.12 25.89
N THR C 266 -32.63 -9.03 26.18
CA THR C 266 -33.63 -9.01 25.11
C THR C 266 -33.88 -7.60 24.57
N PHE C 267 -33.27 -6.57 25.16
CA PHE C 267 -33.48 -5.20 24.67
C PHE C 267 -33.04 -5.08 23.20
N ASP C 268 -33.99 -4.65 22.36
CA ASP C 268 -33.82 -4.58 20.89
C ASP C 268 -33.35 -5.92 20.34
N TYR C 269 -33.82 -6.99 20.97
CA TYR C 269 -33.44 -8.36 20.62
C TYR C 269 -31.92 -8.56 20.66
N GLY C 270 -31.25 -7.81 21.53
CA GLY C 270 -29.86 -8.11 21.86
C GLY C 270 -28.82 -7.49 20.94
N THR C 271 -29.13 -6.33 20.35
CA THR C 271 -28.29 -5.74 19.33
C THR C 271 -27.11 -4.97 19.90
N ILE C 272 -27.15 -4.62 21.19
CA ILE C 272 -26.13 -3.76 21.80
C ILE C 272 -24.90 -4.54 22.29
N ALA C 274 -22.83 -4.21 24.63
CA ALA C 274 -22.74 -4.35 26.09
C ALA C 274 -23.70 -5.38 26.65
N SER C 275 -24.49 -6.02 25.80
CA SER C 275 -25.52 -6.96 26.26
C SER C 275 -24.89 -8.27 26.70
N GLU C 276 -25.53 -8.92 27.67
CA GLU C 276 -25.06 -10.20 28.20
C GLU C 276 -24.92 -11.26 27.10
N GLN C 277 -23.82 -12.03 27.14
CA GLN C 277 -23.61 -13.13 26.20
C GLN C 277 -23.47 -14.48 26.91
N ALA C 278 -23.04 -14.46 28.17
CA ALA C 278 -22.91 -15.69 28.95
C ALA C 278 -23.19 -15.45 30.43
N LEU C 279 -23.88 -16.40 31.04
CA LEU C 279 -24.05 -16.42 32.48
C LEU C 279 -23.13 -17.46 33.10
N LEU C 280 -22.56 -17.10 34.24
CA LEU C 280 -21.60 -17.90 34.98
C LEU C 280 -22.25 -18.01 36.34
N VAL C 281 -22.65 -19.22 36.73
CA VAL C 281 -23.54 -19.37 37.87
C VAL C 281 -23.02 -20.37 38.90
N ASP C 282 -23.03 -19.95 40.16
CA ASP C 282 -22.60 -20.78 41.28
C ASP C 282 -23.44 -22.06 41.34
N GLU C 283 -22.77 -23.19 41.43
CA GLU C 283 -23.42 -24.48 41.49
C GLU C 283 -24.57 -24.46 42.50
N SER C 284 -24.31 -23.87 43.67
CA SER C 284 -25.24 -23.93 44.77
C SER C 284 -26.60 -23.26 44.52
N ILE C 285 -26.69 -22.31 43.58
CA ILE C 285 -27.98 -21.69 43.25
C ILE C 285 -28.42 -22.05 41.84
N LYS C 286 -27.72 -23.00 41.20
CA LYS C 286 -27.99 -23.37 39.82
C LYS C 286 -29.47 -23.65 39.52
N GLU C 287 -30.06 -24.58 40.25
CA GLU C 287 -31.45 -24.96 40.08
C GLU C 287 -32.40 -23.79 40.28
N LYS C 288 -32.20 -22.99 41.32
CA LYS C 288 -33.03 -21.81 41.51
C LYS C 288 -32.97 -20.84 40.32
N VAL C 289 -31.76 -20.58 39.82
CA VAL C 289 -31.60 -19.62 38.71
C VAL C 289 -32.26 -20.13 37.42
N VAL C 290 -32.02 -21.40 37.08
CA VAL C 290 -32.69 -22.06 35.96
C VAL C 290 -34.22 -21.91 36.08
N ALA C 291 -34.75 -22.21 37.26
CA ALA C 291 -36.18 -22.16 37.43
C ALA C 291 -36.67 -20.72 37.25
N GLU C 292 -35.94 -19.78 37.83
CA GLU C 292 -36.30 -18.37 37.72
C GLU C 292 -36.25 -17.89 36.27
N LEU C 293 -35.23 -18.33 35.54
CA LEU C 293 -35.09 -18.00 34.12
C LEU C 293 -36.31 -18.50 33.34
N LYS C 294 -36.66 -19.77 33.51
CA LYS C 294 -37.82 -20.35 32.83
C LYS C 294 -39.10 -19.59 33.17
N GLN C 295 -39.31 -19.34 34.46
CA GLN C 295 -40.45 -18.54 34.91
C GLN C 295 -40.58 -17.20 34.18
N GLN C 296 -39.46 -16.56 33.90
CA GLN C 296 -39.46 -15.20 33.36
C GLN C 296 -39.28 -15.17 31.83
N GLY C 297 -39.33 -16.35 31.22
CA GLY C 297 -39.47 -16.47 29.78
C GLY C 297 -38.32 -17.15 29.05
N ALA C 298 -37.39 -17.75 29.79
CA ALA C 298 -36.24 -18.37 29.16
C ALA C 298 -36.60 -19.79 28.73
N TYR C 299 -36.10 -20.20 27.57
CA TYR C 299 -36.25 -21.56 27.08
C TYR C 299 -34.86 -22.20 27.01
N PHE C 300 -34.64 -23.22 27.84
CA PHE C 300 -33.36 -23.92 27.85
C PHE C 300 -33.34 -25.00 26.78
N LEU C 301 -32.41 -24.88 25.84
CA LEU C 301 -32.30 -25.81 24.73
C LEU C 301 -31.75 -27.16 25.20
N ASN C 302 -32.32 -28.26 24.68
CA ASN C 302 -31.77 -29.58 24.94
C ASN C 302 -30.64 -29.84 23.96
N GLU C 303 -30.01 -31.01 24.04
CA GLU C 303 -28.83 -31.28 23.23
C GLU C 303 -29.16 -31.20 21.75
N GLU C 304 -30.28 -31.84 21.37
CA GLU C 304 -30.75 -31.83 19.99
C GLU C 304 -30.91 -30.40 19.47
N GLU C 305 -31.60 -29.56 20.24
CA GLU C 305 -31.92 -28.21 19.82
C GLU C 305 -30.67 -27.31 19.79
N LYS C 306 -29.81 -27.48 20.81
CA LYS C 306 -28.52 -26.79 20.86
C LYS C 306 -27.77 -26.89 19.54
N GLN C 307 -27.58 -28.12 19.07
CA GLN C 307 -26.81 -28.37 17.85
C GLN C 307 -27.43 -27.68 16.65
N LYS C 308 -28.76 -27.67 16.58
CA LYS C 308 -29.45 -27.00 15.49
C LYS C 308 -29.25 -25.49 15.55
N VAL C 309 -29.37 -24.93 16.74
CA VAL C 309 -29.23 -23.48 16.87
C VAL C 309 -27.77 -23.09 16.59
N ALA C 310 -26.83 -23.90 17.07
CA ALA C 310 -25.40 -23.61 16.85
C ALA C 310 -25.07 -23.55 15.37
N SER C 311 -25.79 -24.33 14.57
CA SER C 311 -25.55 -24.43 13.13
C SER C 311 -25.80 -23.13 12.39
N ILE C 312 -26.62 -22.26 12.96
CA ILE C 312 -26.98 -21.03 12.28
C ILE C 312 -26.35 -19.82 12.96
N ILE C 313 -25.69 -20.03 14.10
CA ILE C 313 -25.08 -18.93 14.84
C ILE C 313 -23.88 -18.40 14.04
N MET C 314 -23.00 -19.29 13.60
CA MET C 314 -21.88 -18.93 12.72
C MET C 314 -22.04 -19.49 11.31
N VAL C 315 -21.90 -18.62 10.31
CA VAL C 315 -21.59 -19.01 8.93
C VAL C 315 -20.12 -18.68 8.69
N ASN C 316 -19.41 -19.55 7.99
CA ASN C 316 -17.95 -19.47 7.93
C ASN C 316 -17.44 -19.49 9.38
N GLY C 317 -16.46 -18.65 9.69
CA GLY C 317 -15.89 -18.62 11.03
C GLY C 317 -16.38 -17.45 11.85
N SER C 318 -17.41 -16.76 11.36
CA SER C 318 -17.93 -15.59 12.06
C SER C 318 -19.45 -15.61 12.26
N LEU C 319 -19.94 -14.67 13.06
CA LEU C 319 -21.35 -14.59 13.43
C LEU C 319 -22.25 -14.43 12.20
N ASN C 320 -23.30 -15.24 12.15
CA ASN C 320 -24.32 -15.15 11.09
C ASN C 320 -25.14 -13.87 11.21
N ALA C 321 -25.08 -13.03 10.18
CA ALA C 321 -25.78 -11.75 10.22
C ALA C 321 -27.28 -11.93 10.26
N LYS C 322 -27.75 -13.08 9.80
CA LYS C 322 -29.18 -13.27 9.65
C LYS C 322 -29.87 -13.54 11.00
N ILE C 323 -29.10 -13.88 12.04
CA ILE C 323 -29.68 -13.98 13.39
C ILE C 323 -29.60 -12.69 14.20
N VAL C 324 -28.84 -11.71 13.73
CA VAL C 324 -28.64 -10.48 14.50
C VAL C 324 -29.96 -9.75 14.76
N GLY C 325 -30.23 -9.48 16.04
CA GLY C 325 -31.40 -8.73 16.43
C GLY C 325 -32.74 -9.35 16.05
N LYS C 326 -32.78 -10.68 15.99
CA LYS C 326 -34.00 -11.43 15.65
C LYS C 326 -34.72 -11.99 16.88
N ALA C 327 -36.05 -11.91 16.90
CA ALA C 327 -36.85 -12.48 17.99
C ALA C 327 -36.56 -13.98 18.12
N PRO C 328 -36.68 -14.55 19.33
CA PRO C 328 -36.34 -15.97 19.52
C PRO C 328 -37.16 -16.91 18.61
N GLN C 329 -38.37 -16.51 18.27
CA GLN C 329 -39.20 -17.32 17.40
C GLN C 329 -38.65 -17.39 15.97
N VAL C 330 -38.01 -16.30 15.53
CA VAL C 330 -37.44 -16.25 14.19
C VAL C 330 -36.23 -17.15 14.14
N ILE C 331 -35.43 -17.09 15.19
CA ILE C 331 -34.26 -17.91 15.31
C ILE C 331 -34.66 -19.38 15.37
N ALA C 332 -35.75 -19.68 16.08
CA ALA C 332 -36.23 -21.06 16.22
C ALA C 332 -36.58 -21.63 14.84
N GLU C 333 -37.43 -20.90 14.12
CA GLU C 333 -37.76 -21.25 12.76
C GLU C 333 -36.51 -21.41 11.90
N MET C 334 -35.60 -20.45 11.96
CA MET C 334 -34.38 -20.53 11.15
C MET C 334 -33.59 -21.79 11.43
N ALA C 335 -33.55 -22.18 12.70
CA ALA C 335 -32.84 -23.39 13.10
C ALA C 335 -33.72 -24.64 12.96
N GLY C 336 -34.99 -24.44 12.64
CA GLY C 336 -35.88 -25.56 12.43
C GLY C 336 -36.24 -26.27 13.72
N ILE C 337 -36.50 -25.48 14.76
CA ILE C 337 -37.04 -26.03 15.99
C ILE C 337 -38.30 -25.28 16.37
N GLU C 338 -39.01 -25.86 17.32
CA GLU C 338 -40.29 -25.32 17.77
C GLU C 338 -40.17 -24.94 19.24
N ILE C 339 -40.57 -23.72 19.55
CA ILE C 339 -40.52 -23.22 20.90
C ILE C 339 -41.83 -22.51 21.16
N PRO C 340 -42.26 -22.45 22.43
CA PRO C 340 -43.50 -21.73 22.77
C PRO C 340 -43.46 -20.26 22.37
N SER C 341 -44.64 -19.71 22.08
CA SER C 341 -44.77 -18.34 21.59
C SER C 341 -44.44 -17.25 22.63
N ASP C 342 -44.38 -17.60 23.90
CA ASP C 342 -44.08 -16.60 24.94
C ASP C 342 -42.59 -16.56 25.33
N VAL C 343 -41.74 -17.29 24.61
CA VAL C 343 -40.32 -17.39 24.98
C VAL C 343 -39.64 -16.05 24.70
N LYS C 344 -38.94 -15.49 25.68
CA LYS C 344 -38.23 -14.22 25.50
C LYS C 344 -36.77 -14.40 25.07
N LEU C 345 -36.16 -15.53 25.42
CA LEU C 345 -34.78 -15.81 25.03
C LEU C 345 -34.48 -17.27 25.08
N LEU C 346 -33.52 -17.70 24.26
CA LEU C 346 -32.98 -19.04 24.31
C LEU C 346 -31.72 -19.09 25.17
N VAL C 347 -31.59 -20.19 25.91
CA VAL C 347 -30.43 -20.43 26.78
C VAL C 347 -29.87 -21.81 26.53
N ALA C 348 -28.54 -21.91 26.47
CA ALA C 348 -27.88 -23.19 26.28
C ALA C 348 -26.82 -23.38 27.34
N GLU C 349 -26.88 -24.53 28.00
CA GLU C 349 -25.86 -24.88 28.98
C GLU C 349 -24.59 -25.24 28.22
N GLU C 350 -23.45 -24.75 28.71
CA GLU C 350 -22.18 -24.90 27.99
C GLU C 350 -21.03 -25.14 28.96
N THR C 351 -19.95 -25.73 28.45
CA THR C 351 -18.74 -25.94 29.24
C THR C 351 -17.48 -25.39 28.57
N GLU C 352 -17.50 -25.27 27.24
CA GLU C 352 -16.30 -24.87 26.51
C GLU C 352 -16.34 -23.40 26.08
N VAL C 353 -15.17 -22.80 25.94
CA VAL C 353 -15.05 -21.45 25.40
C VAL C 353 -14.07 -21.41 24.25
N GLY C 354 -14.45 -20.76 23.16
CA GLY C 354 -13.54 -20.61 22.03
C GLY C 354 -14.29 -20.31 20.75
N LYS C 355 -13.59 -19.82 19.74
CA LYS C 355 -14.23 -19.29 18.55
C LYS C 355 -14.88 -20.37 17.70
N GLU C 356 -14.65 -21.63 18.08
CA GLU C 356 -15.24 -22.77 17.40
C GLU C 356 -16.47 -23.31 18.15
N TYR C 357 -16.71 -22.80 19.35
CA TYR C 357 -17.91 -23.11 20.11
C TYR C 357 -18.93 -21.97 20.03
N PRO C 358 -19.83 -22.01 19.03
CA PRO C 358 -20.73 -20.90 18.70
C PRO C 358 -21.51 -20.31 19.88
N PHE C 359 -21.84 -21.07 20.92
CA PHE C 359 -22.54 -20.48 22.03
C PHE C 359 -21.65 -19.60 22.92
N SER C 360 -20.33 -19.68 22.77
CA SER C 360 -19.42 -18.88 23.60
C SER C 360 -19.06 -17.52 22.99
N ILE C 361 -19.41 -17.29 21.72
CA ILE C 361 -19.07 -16.01 21.08
C ILE C 361 -20.13 -14.99 21.37
N GLU C 362 -19.86 -13.75 20.92
CA GLU C 362 -20.84 -12.68 20.96
C GLU C 362 -21.94 -12.97 19.95
N LYS C 363 -23.19 -13.02 20.40
CA LYS C 363 -24.27 -13.53 19.57
C LYS C 363 -25.23 -12.46 19.03
N LEU C 364 -25.17 -11.26 19.60
CA LEU C 364 -26.01 -10.13 19.18
C LEU C 364 -27.49 -10.50 18.89
N SER C 365 -28.04 -11.32 19.78
CA SER C 365 -29.38 -11.86 19.60
C SER C 365 -29.85 -12.45 20.92
N PRO C 366 -31.15 -12.80 21.05
CA PRO C 366 -31.67 -13.30 22.33
C PRO C 366 -31.28 -14.74 22.65
N ILE C 367 -29.97 -15.00 22.57
CA ILE C 367 -29.36 -16.27 22.91
C ILE C 367 -28.31 -16.04 24.00
N LEU C 368 -28.33 -16.90 25.01
CA LEU C 368 -27.46 -16.73 26.17
C LEU C 368 -26.79 -18.07 26.45
N ALA C 369 -25.46 -18.10 26.62
CA ALA C 369 -24.81 -19.31 27.14
C ALA C 369 -24.95 -19.33 28.66
N PHE C 370 -24.76 -20.51 29.23
CA PHE C 370 -25.03 -20.76 30.66
C PHE C 370 -24.00 -21.73 31.22
N TYR C 371 -23.03 -21.22 31.98
CA TYR C 371 -21.94 -22.02 32.54
C TYR C 371 -22.14 -22.19 34.03
N ILE C 372 -21.89 -23.40 34.52
CA ILE C 372 -21.89 -23.68 35.95
C ILE C 372 -20.49 -23.56 36.53
N VAL C 373 -20.38 -22.91 37.70
CA VAL C 373 -19.06 -22.74 38.31
C VAL C 373 -19.12 -23.08 39.76
N LYS C 374 -18.00 -23.57 40.27
CA LYS C 374 -17.93 -24.01 41.66
C LYS C 374 -17.94 -22.79 42.56
N GLY C 375 -17.37 -21.70 42.06
CA GLY C 375 -17.34 -20.45 42.80
C GLY C 375 -16.61 -19.36 42.05
N MET C 376 -16.21 -18.33 42.80
CA MET C 376 -15.64 -17.10 42.24
C MET C 376 -14.37 -17.27 41.41
N GLU C 377 -13.44 -18.11 41.87
CA GLU C 377 -12.20 -18.28 41.15
C GLU C 377 -12.45 -18.90 39.78
N GLU C 378 -13.32 -19.90 39.71
CA GLU C 378 -13.62 -20.54 38.43
C GLU C 378 -14.41 -19.59 37.54
N ALA C 379 -15.25 -18.77 38.17
CA ALA C 379 -16.00 -17.75 37.44
C ALA C 379 -15.05 -16.75 36.77
N SER C 380 -14.03 -16.28 37.52
CA SER C 380 -13.04 -15.35 37.00
C SER C 380 -12.29 -15.93 35.82
N GLU C 381 -11.86 -17.18 35.98
CA GLU C 381 -11.12 -17.89 34.97
C GLU C 381 -11.91 -17.95 33.65
N LEU C 382 -13.19 -18.25 33.78
CA LEU C 382 -14.07 -18.40 32.63
C LEU C 382 -14.36 -17.04 31.97
N ALA C 383 -14.56 -16.03 32.78
CA ALA C 383 -14.82 -14.70 32.29
C ALA C 383 -13.62 -14.19 31.47
N GLN C 384 -12.42 -14.43 31.97
N GLN C 384 -12.42 -14.43 31.97
CA GLN C 384 -11.21 -14.06 31.25
CA GLN C 384 -11.22 -14.07 31.24
C GLN C 384 -11.16 -14.76 29.89
C GLN C 384 -11.20 -14.75 29.88
N LYS C 385 -11.44 -16.06 29.88
CA LYS C 385 -11.49 -16.83 28.63
C LYS C 385 -12.51 -16.28 27.66
N LEU C 386 -13.69 -15.93 28.18
CA LEU C 386 -14.78 -15.43 27.35
C LEU C 386 -14.45 -14.05 26.77
N LEU C 387 -13.87 -13.14 27.56
CA LEU C 387 -13.49 -11.84 27.03
C LEU C 387 -12.41 -12.01 25.95
N GLU C 388 -11.51 -12.95 26.14
CA GLU C 388 -10.49 -13.21 25.11
C GLU C 388 -11.12 -13.58 23.76
N VAL C 389 -12.35 -14.10 23.80
CA VAL C 389 -13.11 -14.38 22.60
C VAL C 389 -13.94 -13.15 22.24
N GLY C 390 -13.24 -12.04 21.98
CA GLY C 390 -13.85 -10.88 21.36
C GLY C 390 -14.60 -9.95 22.28
N GLY C 391 -14.14 -9.81 23.53
CA GLY C 391 -14.79 -8.90 24.47
C GLY C 391 -13.84 -8.01 25.26
N LEU C 392 -12.55 -8.10 24.98
CA LEU C 392 -11.53 -7.45 25.82
C LEU C 392 -11.72 -5.94 25.93
N GLY C 393 -11.69 -5.45 27.16
CA GLY C 393 -11.81 -4.03 27.41
C GLY C 393 -13.21 -3.44 27.36
N HIS C 394 -14.22 -4.26 27.10
CA HIS C 394 -15.58 -3.74 26.92
C HIS C 394 -16.37 -3.73 28.24
N THR C 395 -17.14 -4.79 28.51
CA THR C 395 -18.02 -4.79 29.68
C THR C 395 -18.08 -6.18 30.31
N VAL C 396 -18.24 -6.21 31.64
CA VAL C 396 -18.51 -7.41 32.40
C VAL C 396 -19.57 -7.06 33.43
N GLY C 397 -20.20 -8.08 34.00
CA GLY C 397 -21.21 -7.87 35.01
C GLY C 397 -21.12 -8.88 36.15
N ILE C 398 -21.59 -8.48 37.32
CA ILE C 398 -21.79 -9.42 38.43
C ILE C 398 -23.04 -9.09 39.23
N HIS C 399 -23.78 -10.13 39.64
CA HIS C 399 -24.88 -9.98 40.59
C HIS C 399 -24.50 -10.65 41.90
N ALA C 400 -24.54 -9.87 42.98
CA ALA C 400 -24.08 -10.34 44.28
C ALA C 400 -24.46 -9.32 45.31
N GLU C 401 -24.71 -9.79 46.53
CA GLU C 401 -24.97 -8.88 47.64
C GLU C 401 -23.81 -8.91 48.62
N ASP C 402 -22.81 -9.75 48.36
CA ASP C 402 -21.61 -9.84 49.21
C ASP C 402 -20.54 -8.87 48.71
N GLU C 403 -20.27 -7.83 49.49
CA GLU C 403 -19.33 -6.76 49.12
C GLU C 403 -17.91 -7.23 48.94
N LYS C 404 -17.48 -8.17 49.78
CA LYS C 404 -16.11 -8.67 49.70
C LYS C 404 -15.90 -9.39 48.37
N VAL C 405 -16.91 -10.16 47.97
CA VAL C 405 -16.85 -10.91 46.73
C VAL C 405 -16.83 -9.95 45.54
N ILE C 406 -17.67 -8.93 45.58
CA ILE C 406 -17.71 -7.92 44.52
C ILE C 406 -16.32 -7.30 44.32
N GLU C 407 -15.68 -6.91 45.41
CA GLU C 407 -14.36 -6.26 45.33
C GLU C 407 -13.32 -7.20 44.74
N ALA C 408 -13.35 -8.47 45.15
CA ALA C 408 -12.32 -9.42 44.74
C ALA C 408 -12.52 -9.88 43.30
N TYR C 409 -13.77 -9.93 42.85
CA TYR C 409 -14.09 -10.35 41.50
C TYR C 409 -13.78 -9.27 40.48
N THR C 410 -14.19 -8.04 40.78
CA THR C 410 -14.10 -6.95 39.81
C THR C 410 -12.69 -6.37 39.60
N ILE C 411 -11.84 -6.44 40.62
CA ILE C 411 -10.59 -5.68 40.62
C ILE C 411 -9.73 -5.95 39.36
N ASP C 412 -9.63 -7.21 38.96
CA ASP C 412 -8.74 -7.59 37.87
C ASP C 412 -9.40 -7.94 36.53
N LYS C 413 -10.63 -7.52 36.32
CA LYS C 413 -11.30 -7.79 35.04
C LYS C 413 -10.98 -6.73 33.98
N PRO C 414 -10.56 -7.17 32.79
CA PRO C 414 -10.20 -6.24 31.72
C PRO C 414 -11.42 -5.69 30.98
N ALA C 415 -12.14 -4.77 31.62
CA ALA C 415 -13.28 -4.13 30.99
C ALA C 415 -13.36 -2.72 31.52
N GLY C 416 -13.66 -1.77 30.64
CA GLY C 416 -13.78 -0.38 31.02
C GLY C 416 -15.07 -0.13 31.82
N ARG C 417 -16.08 -0.96 31.58
CA ARG C 417 -17.36 -0.92 32.32
C ARG C 417 -17.57 -2.21 33.11
N ILE C 418 -17.54 -2.13 34.43
CA ILE C 418 -17.70 -3.31 35.27
C ILE C 418 -19.00 -3.10 36.03
N VAL C 419 -20.04 -3.79 35.57
CA VAL C 419 -21.41 -3.50 35.97
C VAL C 419 -21.85 -4.37 37.15
N VAL C 420 -22.27 -3.75 38.26
CA VAL C 420 -22.71 -4.49 39.44
C VAL C 420 -24.21 -4.33 39.68
N ASN C 421 -24.92 -5.46 39.74
CA ASN C 421 -26.34 -5.49 40.08
C ASN C 421 -27.19 -4.61 39.17
N ALA C 422 -27.03 -4.79 37.87
CA ALA C 422 -27.75 -4.04 36.85
C ALA C 422 -27.66 -4.83 35.57
N GLY C 423 -28.54 -4.57 34.62
CA GLY C 423 -28.41 -5.22 33.31
C GLY C 423 -27.22 -4.58 32.61
N THR C 424 -26.43 -5.35 31.87
CA THR C 424 -25.19 -4.81 31.31
C THR C 424 -25.43 -3.91 30.07
N THR C 425 -26.49 -4.16 29.31
CA THR C 425 -26.86 -3.27 28.21
C THR C 425 -27.03 -1.86 28.77
N PHE C 426 -27.90 -1.73 29.76
CA PHE C 426 -28.25 -0.42 30.30
C PHE C 426 -27.15 0.15 31.18
N GLY C 427 -26.41 -0.74 31.84
CA GLY C 427 -25.31 -0.33 32.68
C GLY C 427 -24.18 0.19 31.82
N GLY C 428 -23.79 -0.61 30.82
CA GLY C 428 -22.62 -0.27 30.00
C GLY C 428 -22.74 1.09 29.37
N ILE C 429 -23.93 1.43 28.86
CA ILE C 429 -24.13 2.71 28.19
C ILE C 429 -24.42 3.86 29.17
N GLY C 430 -24.63 3.52 30.44
CA GLY C 430 -24.84 4.55 31.45
C GLY C 430 -26.30 4.95 31.67
N ALA C 431 -27.22 4.06 31.36
CA ALA C 431 -28.64 4.31 31.61
C ALA C 431 -28.96 4.06 33.09
N THR C 432 -28.48 2.92 33.61
CA THR C 432 -28.84 2.49 34.95
C THR C 432 -27.69 2.46 35.94
N VAL C 433 -26.46 2.78 35.49
CA VAL C 433 -25.34 3.02 36.39
C VAL C 433 -24.65 4.32 35.97
N ASN C 434 -23.89 4.88 36.89
CA ASN C 434 -23.33 6.22 36.68
C ASN C 434 -21.99 6.26 35.91
N VAL C 435 -22.00 5.78 34.67
CA VAL C 435 -20.95 6.10 33.69
C VAL C 435 -21.59 7.08 32.70
N LYS C 436 -20.79 7.84 31.96
CA LYS C 436 -21.34 8.88 31.08
C LYS C 436 -22.23 8.25 30.01
N PRO C 437 -23.46 8.77 29.85
CA PRO C 437 -24.33 8.27 28.79
C PRO C 437 -23.63 8.31 27.43
N SER C 438 -23.58 7.17 26.77
CA SER C 438 -22.85 7.09 25.52
C SER C 438 -23.26 5.88 24.71
N LEU C 439 -23.13 6.01 23.40
CA LEU C 439 -23.25 4.86 22.51
C LEU C 439 -21.95 4.54 21.77
N THR C 440 -20.84 5.14 22.22
CA THR C 440 -19.49 4.88 21.71
C THR C 440 -18.59 4.52 22.89
N LEU C 441 -18.46 3.23 23.13
CA LEU C 441 -17.80 2.70 24.31
C LEU C 441 -16.36 2.30 24.02
N GLY C 442 -15.40 3.12 24.45
CA GLY C 442 -13.99 2.80 24.26
C GLY C 442 -13.55 1.58 25.03
N CYS C 443 -12.79 0.71 24.40
CA CYS C 443 -12.32 -0.50 25.05
C CYS C 443 -10.85 -0.45 25.51
N GLY C 444 -10.28 0.75 25.56
CA GLY C 444 -8.93 0.91 26.05
C GLY C 444 -7.87 0.28 25.16
N ALA C 445 -6.63 0.32 25.63
CA ALA C 445 -5.51 -0.18 24.84
C ALA C 445 -5.68 -1.67 24.59
N ILE C 446 -6.28 -2.39 25.53
CA ILE C 446 -6.41 -3.83 25.37
C ILE C 446 -7.37 -4.17 24.22
N GLY C 447 -8.28 -3.25 23.92
CA GLY C 447 -9.17 -3.39 22.78
C GLY C 447 -8.79 -2.49 21.62
N ASN C 448 -7.52 -2.09 21.56
CA ASN C 448 -6.97 -1.30 20.45
C ASN C 448 -7.61 0.08 20.30
N ASN C 449 -7.88 0.72 21.43
CA ASN C 449 -8.50 2.05 21.46
C ASN C 449 -7.69 3.02 22.30
N ILE C 450 -7.82 4.31 22.01
CA ILE C 450 -7.14 5.37 22.74
C ILE C 450 -7.73 5.63 24.13
N THR C 451 -8.98 5.25 24.35
CA THR C 451 -9.60 5.41 25.67
C THR C 451 -10.54 4.27 26.02
N SER C 452 -10.68 4.08 27.33
CA SER C 452 -11.61 3.11 27.88
C SER C 452 -12.89 3.82 28.30
N ASP C 453 -12.94 5.13 28.07
CA ASP C 453 -14.09 5.95 28.44
C ASP C 453 -15.33 5.69 27.59
N ASN C 454 -16.50 5.88 28.19
CA ASN C 454 -17.71 6.18 27.44
C ASN C 454 -17.50 7.54 26.76
N VAL C 455 -17.41 7.57 25.44
CA VAL C 455 -17.10 8.84 24.76
C VAL C 455 -18.25 9.85 24.90
N THR C 456 -17.89 11.09 25.22
CA THR C 456 -18.87 12.15 25.45
C THR C 456 -18.27 13.50 25.06
N VAL C 457 -18.93 14.59 25.44
CA VAL C 457 -18.62 15.91 24.90
C VAL C 457 -17.16 16.35 25.20
N THR C 458 -16.60 15.91 26.32
CA THR C 458 -15.26 16.33 26.71
C THR C 458 -14.16 15.72 25.84
N HIS C 459 -14.51 14.70 25.07
CA HIS C 459 -13.57 14.15 24.11
C HIS C 459 -13.50 14.96 22.81
N LEU C 460 -14.38 15.94 22.66
CA LEU C 460 -14.51 16.65 21.40
C LEU C 460 -14.15 18.13 21.51
N PHE C 461 -13.50 18.50 22.60
CA PHE C 461 -12.75 19.75 22.61
C PHE C 461 -11.40 19.59 23.32
N ASN C 462 -10.42 20.32 22.80
CA ASN C 462 -9.09 20.39 23.37
C ASN C 462 -9.06 21.49 24.45
N ILE C 463 -8.26 21.30 25.47
CA ILE C 463 -8.04 22.35 26.46
C ILE C 463 -6.73 23.11 26.21
N LYS C 464 -6.83 24.44 26.16
CA LYS C 464 -5.69 25.35 26.04
C LYS C 464 -5.44 25.93 27.40
N ARG C 465 -4.17 26.05 27.78
CA ARG C 465 -3.82 26.58 29.09
C ARG C 465 -3.03 27.88 28.97
N VAL C 466 -3.66 28.94 29.46
CA VAL C 466 -3.00 30.21 29.65
C VAL C 466 -2.30 30.12 31.00
N ALA C 467 -0.98 30.24 31.04
CA ALA C 467 -0.24 30.06 32.29
C ALA C 467 0.86 31.11 32.47
N PHE C 468 0.95 31.64 33.68
CA PHE C 468 1.85 32.75 33.98
C PHE C 468 3.18 32.26 34.56
N GLY C 469 4.24 33.02 34.31
CA GLY C 469 5.52 32.81 34.99
C GLY C 469 5.41 32.82 36.51
N VAL C 470 5.83 31.73 37.13
CA VAL C 470 5.74 31.59 38.58
C VAL C 470 7.07 31.10 39.19
N ARG C 471 7.99 30.65 38.34
CA ARG C 471 9.28 30.14 38.80
C ARG C 471 10.37 30.65 37.88
N GLU C 472 11.58 30.79 38.40
CA GLU C 472 12.72 31.17 37.58
C GLU C 472 13.52 29.90 37.21
N MET C 473 14.02 29.88 35.98
CA MET C 473 14.82 28.74 35.50
C MET C 473 16.29 28.95 35.88
N PRO C 474 16.92 27.95 36.52
CA PRO C 474 18.35 28.11 36.78
C PRO C 474 19.16 28.18 35.48
N LYS C 475 20.22 28.99 35.48
CA LYS C 475 21.09 29.13 34.32
C LYS C 475 22.26 28.15 34.36
N LYS C 476 22.70 27.83 35.56
CA LYS C 476 23.86 26.97 35.78
C LYS C 476 23.47 25.70 36.54
N VAL C 477 24.26 24.65 36.38
CA VAL C 477 24.03 23.41 37.09
C VAL C 477 24.60 23.50 38.50
N LEU D 25 26.04 -6.47 7.24
N LEU D 25 20.62 -14.76 10.84
CA LEU D 25 25.37 -5.20 6.98
CA LEU D 25 20.27 -13.44 10.34
C LEU D 25 24.14 -5.37 6.07
C LEU D 25 21.51 -12.52 10.22
N ARG D 26 24.22 -6.28 5.11
N ARG D 26 21.87 -12.13 8.99
CA ARG D 26 23.15 -6.46 4.13
CA ARG D 26 23.05 -11.30 8.73
C ARG D 26 21.78 -6.61 4.81
C ARG D 26 22.72 -9.82 8.48
N ASP D 27 21.79 -7.26 5.97
N ASP D 27 21.69 -9.56 7.69
CA ASP D 27 20.58 -7.74 6.65
CA ASP D 27 21.40 -8.19 7.23
C ASP D 27 20.38 -7.15 8.05
C ASP D 27 20.72 -7.33 8.31
N ILE D 28 21.02 -6.02 8.32
CA ILE D 28 20.71 -5.24 9.50
C ILE D 28 19.20 -4.96 9.59
N ASP D 29 18.55 -4.82 8.45
CA ASP D 29 17.12 -4.58 8.49
C ASP D 29 16.45 -5.78 9.18
N LEU D 30 16.81 -7.00 8.79
CA LEU D 30 16.20 -8.20 9.38
C LEU D 30 16.57 -8.37 10.86
N GLN D 31 17.83 -8.12 11.18
CA GLN D 31 18.31 -8.23 12.56
C GLN D 31 17.55 -7.27 13.46
N SER D 32 17.38 -6.03 12.98
CA SER D 32 16.65 -5.01 13.73
C SER D 32 15.17 -5.40 13.92
N ILE D 33 14.56 -6.06 12.94
CA ILE D 33 13.19 -6.54 13.14
C ILE D 33 13.16 -7.61 14.23
N GLN D 34 14.10 -8.54 14.19
N GLN D 34 14.11 -8.54 14.17
CA GLN D 34 14.16 -9.60 15.20
CA GLN D 34 14.22 -9.61 15.17
C GLN D 34 14.41 -9.01 16.59
C GLN D 34 14.44 -9.03 16.56
N GLU D 35 15.26 -7.97 16.65
CA GLU D 35 15.52 -7.31 17.93
C GLU D 35 14.24 -6.72 18.56
N VAL D 36 13.44 -6.04 17.74
CA VAL D 36 12.17 -5.47 18.17
C VAL D 36 11.24 -6.56 18.71
N ARG D 37 11.12 -7.67 17.99
CA ARG D 37 10.26 -8.77 18.42
C ARG D 37 10.76 -9.36 19.75
N ASN D 38 12.06 -9.52 19.89
CA ASN D 38 12.61 -9.99 21.17
C ASN D 38 12.27 -9.01 22.31
N TYR D 39 12.47 -7.71 22.08
CA TYR D 39 12.15 -6.72 23.11
C TYR D 39 10.67 -6.74 23.51
N LEU D 40 9.78 -6.88 22.54
CA LEU D 40 8.35 -6.82 22.80
C LEU D 40 7.92 -8.03 23.64
N GLU D 41 8.45 -9.21 23.30
N GLU D 41 8.46 -9.18 23.24
CA GLU D 41 8.11 -10.42 24.04
CA GLU D 41 8.26 -10.45 23.94
C GLU D 41 8.66 -10.34 25.47
C GLU D 41 8.67 -10.36 25.41
N GLU D 42 9.87 -9.82 25.63
CA GLU D 42 10.43 -9.67 26.96
C GLU D 42 9.68 -8.56 27.71
N ALA D 43 9.31 -7.51 26.98
CA ALA D 43 8.50 -6.43 27.56
C ALA D 43 7.17 -6.97 28.10
N LYS D 44 6.56 -7.86 27.34
CA LYS D 44 5.28 -8.43 27.73
C LYS D 44 5.40 -9.13 29.08
N ALA D 45 6.36 -10.05 29.15
CA ALA D 45 6.63 -10.78 30.38
C ALA D 45 6.91 -9.85 31.56
N ALA D 46 7.75 -8.83 31.33
CA ALA D 46 8.13 -7.87 32.37
C ALA D 46 6.94 -7.07 32.91
N GLN D 47 6.13 -6.57 32.00
CA GLN D 47 4.96 -5.77 32.39
C GLN D 47 3.99 -6.60 33.23
N LYS D 48 3.89 -7.89 32.94
CA LYS D 48 2.96 -8.75 33.69
C LYS D 48 3.42 -8.84 35.13
N ILE D 49 4.74 -8.92 35.33
CA ILE D 49 5.29 -8.97 36.69
C ILE D 49 5.15 -7.62 37.38
N LEU D 50 5.39 -6.55 36.64
CA LEU D 50 5.26 -5.22 37.21
C LEU D 50 3.84 -4.88 37.66
N GLU D 51 2.86 -5.35 36.91
CA GLU D 51 1.45 -5.01 37.16
C GLU D 51 0.95 -5.55 38.50
N LYS D 52 1.60 -6.60 38.99
CA LYS D 52 1.24 -7.21 40.27
C LYS D 52 1.81 -6.49 41.50
N MET D 53 2.70 -5.52 41.30
CA MET D 53 3.32 -4.84 42.42
C MET D 53 2.38 -3.85 43.12
N THR D 54 2.69 -3.56 44.37
CA THR D 54 1.96 -2.56 45.15
C THR D 54 2.37 -1.17 44.69
N GLN D 55 1.59 -0.16 45.07
CA GLN D 55 1.95 1.23 44.80
C GLN D 55 3.30 1.56 45.40
N SER D 56 3.58 0.97 46.56
CA SER D 56 4.80 1.26 47.27
C SER D 56 6.01 0.72 46.49
N GLU D 57 5.89 -0.52 46.02
CA GLU D 57 6.94 -1.10 45.21
C GLU D 57 7.16 -0.32 43.89
N ILE D 58 6.08 0.12 43.26
CA ILE D 58 6.21 0.93 42.03
C ILE D 58 6.95 2.24 42.36
N ASP D 59 6.57 2.91 43.43
CA ASP D 59 7.10 4.22 43.73
C ASP D 59 8.58 4.16 44.04
N LYS D 60 9.02 3.06 44.65
CA LYS D 60 10.43 2.83 44.91
C LYS D 60 11.21 2.64 43.60
N ILE D 61 10.65 1.90 42.67
CA ILE D 61 11.30 1.74 41.36
C ILE D 61 11.43 3.09 40.65
N VAL D 62 10.35 3.87 40.63
CA VAL D 62 10.37 5.14 39.94
C VAL D 62 11.38 6.08 40.59
N GLU D 63 11.44 6.04 41.92
CA GLU D 63 12.36 6.92 42.64
C GLU D 63 13.80 6.58 42.27
N SER D 64 14.09 5.27 42.21
CA SER D 64 15.43 4.82 41.90
C SER D 64 15.83 5.27 40.49
N MET D 65 14.91 5.14 39.54
CA MET D 65 15.11 5.66 38.18
C MET D 65 15.43 7.15 38.17
N ALA D 66 14.66 7.95 38.93
CA ALA D 66 14.85 9.40 38.90
C ALA D 66 16.20 9.75 39.52
N ASN D 67 16.57 9.04 40.58
CA ASN D 67 17.91 9.19 41.19
C ASN D 67 19.05 8.94 40.22
N ALA D 68 18.99 7.84 39.49
CA ALA D 68 20.03 7.52 38.55
C ALA D 68 20.09 8.56 37.43
N ALA D 69 18.92 8.99 36.95
CA ALA D 69 18.88 10.03 35.90
C ALA D 69 19.60 11.30 36.36
N ARG D 70 19.30 11.71 37.59
CA ARG D 70 19.92 12.87 38.21
C ARG D 70 21.45 12.75 38.23
N GLU D 71 21.96 11.61 38.72
CA GLU D 71 23.40 11.34 38.75
C GLU D 71 24.08 11.34 37.38
N GLU D 72 23.37 10.83 36.36
CA GLU D 72 23.94 10.62 35.03
C GLU D 72 23.66 11.78 34.08
N ALA D 73 23.05 12.84 34.61
CA ALA D 73 22.56 13.91 33.77
C ALA D 73 23.69 14.55 32.93
N GLY D 74 24.82 14.80 33.57
CA GLY D 74 25.93 15.45 32.88
C GLY D 74 26.56 14.54 31.85
N ARG D 75 26.76 13.29 32.24
CA ARG D 75 27.38 12.32 31.37
C ARG D 75 26.55 12.08 30.11
N LEU D 76 25.23 11.93 30.29
CA LEU D 76 24.34 11.72 29.16
C LEU D 76 24.35 12.95 28.26
N ALA D 77 24.31 14.11 28.87
CA ALA D 77 24.42 15.38 28.16
C ALA D 77 25.67 15.45 27.29
N ALA D 78 26.83 15.08 27.84
CA ALA D 78 28.07 15.12 27.06
C ALA D 78 27.99 14.13 25.89
N MET D 79 27.43 12.94 26.11
CA MET D 79 27.33 11.97 25.01
C MET D 79 26.44 12.48 23.90
N ALA D 80 25.34 13.14 24.26
CA ALA D 80 24.36 13.57 23.28
C ALA D 80 24.91 14.73 22.44
N VAL D 81 25.60 15.67 23.07
CA VAL D 81 26.22 16.76 22.33
C VAL D 81 27.26 16.22 21.35
N GLU D 82 28.06 15.26 21.81
CA GLU D 82 29.11 14.70 20.98
C GLU D 82 28.51 13.91 19.81
N GLU D 83 27.47 13.13 20.08
CA GLU D 83 26.92 12.26 19.05
C GLU D 83 26.15 13.08 18.02
N THR D 84 25.35 14.05 18.48
CA THR D 84 24.42 14.74 17.58
C THR D 84 24.98 16.02 16.98
N GLY D 85 25.94 16.63 17.67
CA GLY D 85 26.40 17.96 17.29
C GLY D 85 25.50 19.11 17.72
N PHE D 86 24.37 18.79 18.35
CA PHE D 86 23.41 19.81 18.74
C PHE D 86 23.67 20.33 20.16
N GLY D 87 23.47 21.63 20.36
CA GLY D 87 23.39 22.19 21.69
C GLY D 87 24.70 22.24 22.46
N ASN D 88 24.61 22.27 23.78
CA ASN D 88 25.78 22.36 24.63
C ASN D 88 25.53 21.56 25.89
N VAL D 89 26.61 21.16 26.55
CA VAL D 89 26.54 20.18 27.61
C VAL D 89 25.88 20.73 28.86
N GLU D 90 26.13 21.98 29.18
CA GLU D 90 25.49 22.59 30.32
C GLU D 90 23.96 22.60 30.21
N ASP D 91 23.41 23.00 29.06
CA ASP D 91 21.95 23.10 28.91
C ASP D 91 21.33 21.72 28.80
N LYS D 92 22.04 20.80 28.15
CA LYS D 92 21.57 19.44 28.09
C LYS D 92 21.60 18.79 29.46
N THR D 93 22.55 19.21 30.31
CA THR D 93 22.57 18.68 31.68
C THR D 93 21.31 19.16 32.42
N LEU D 94 20.99 20.43 32.25
CA LEU D 94 19.77 20.98 32.81
C LEU D 94 18.51 20.33 32.24
N LYS D 95 18.52 20.01 30.95
CA LYS D 95 17.37 19.36 30.34
C LYS D 95 17.15 17.98 30.94
N ASN D 96 18.22 17.21 31.14
CA ASN D 96 18.10 15.91 31.79
C ASN D 96 17.63 15.99 33.25
N LEU D 97 18.03 17.06 33.92
CA LEU D 97 17.66 17.24 35.33
C LEU D 97 16.19 17.66 35.44
N PHE D 98 15.69 18.39 34.45
CA PHE D 98 14.28 18.73 34.36
C PHE D 98 13.44 17.44 34.33
N ALA D 99 13.86 16.47 33.53
CA ALA D 99 13.18 15.17 33.49
C ALA D 99 13.36 14.41 34.78
N ALA D 100 14.56 14.43 35.35
CA ALA D 100 14.81 13.66 36.56
C ALA D 100 14.17 14.30 37.81
N ASN D 101 13.97 15.61 37.78
CA ASN D 101 13.46 16.34 38.94
C ASN D 101 12.00 16.78 38.76
N ASP D 102 11.75 17.69 37.82
CA ASP D 102 10.41 18.24 37.66
C ASP D 102 9.41 17.15 37.27
N VAL D 103 9.78 16.27 36.35
CA VAL D 103 8.83 15.26 35.91
C VAL D 103 8.55 14.27 37.05
N TYR D 104 9.61 13.82 37.70
CA TYR D 104 9.46 12.94 38.85
C TYR D 104 8.53 13.54 39.93
N ASN D 105 8.73 14.80 40.25
CA ASN D 105 7.95 15.44 41.30
C ASN D 105 6.48 15.55 40.92
N SER D 106 6.21 15.64 39.63
CA SER D 106 4.83 15.79 39.15
C SER D 106 4.04 14.48 39.13
N ILE D 107 4.73 13.34 39.23
CA ILE D 107 4.07 12.05 39.15
C ILE D 107 4.22 11.20 40.41
N LYS D 108 5.12 11.58 41.31
CA LYS D 108 5.50 10.64 42.37
C LYS D 108 4.37 10.37 43.34
N ASP D 109 3.43 11.32 43.45
CA ASP D 109 2.27 11.13 44.33
C ASP D 109 0.98 10.80 43.59
N VAL D 110 1.08 10.50 42.29
CA VAL D 110 -0.13 10.12 41.56
C VAL D 110 -0.46 8.66 41.83
N LYS D 111 -1.73 8.38 42.14
CA LYS D 111 -2.19 7.01 42.36
C LYS D 111 -2.37 6.28 41.03
N THR D 112 -1.77 5.10 40.92
CA THR D 112 -1.74 4.38 39.64
C THR D 112 -1.96 2.88 39.79
N VAL D 113 -2.00 2.39 41.02
CA VAL D 113 -2.25 0.98 41.30
C VAL D 113 -3.64 0.75 41.89
N GLY D 114 -4.42 -0.13 41.26
CA GLY D 114 -5.68 -0.58 41.83
C GLY D 114 -6.74 0.52 41.83
N ILE D 115 -7.48 0.62 42.93
CA ILE D 115 -8.53 1.60 43.05
C ILE D 115 -7.96 2.97 43.36
N ILE D 116 -8.21 3.92 42.47
CA ILE D 116 -7.61 5.22 42.53
C ILE D 116 -8.61 6.31 42.87
N ARG D 117 -9.88 5.96 42.91
CA ARG D 117 -10.91 6.92 43.24
C ARG D 117 -12.20 6.20 43.58
N ARG D 118 -12.91 6.72 44.59
CA ARG D 118 -14.14 6.10 45.09
C ARG D 118 -15.19 7.16 45.19
N ASP D 119 -16.43 6.79 44.89
CA ASP D 119 -17.54 7.72 44.85
C ASP D 119 -18.78 7.01 45.38
N GLU D 120 -19.06 7.22 46.67
CA GLU D 120 -20.17 6.59 47.35
C GLU D 120 -21.52 7.14 46.91
N GLU D 121 -21.57 8.43 46.55
CA GLU D 121 -22.87 9.01 46.25
C GLU D 121 -23.32 8.56 44.87
N ASN D 122 -22.40 8.39 43.92
CA ASN D 122 -22.78 7.87 42.60
C ASN D 122 -22.65 6.35 42.54
N ARG D 123 -22.05 5.77 43.57
CA ARG D 123 -21.82 4.32 43.64
C ARG D 123 -20.93 3.81 42.49
N VAL D 124 -19.75 4.45 42.35
CA VAL D 124 -18.76 4.09 41.33
C VAL D 124 -17.37 4.09 41.93
N TRP D 125 -16.54 3.10 41.54
N TRP D 125 -16.49 3.16 41.55
CA TRP D 125 -15.09 3.12 41.80
CA TRP D 125 -15.09 3.40 41.83
C TRP D 125 -14.32 3.29 40.49
C TRP D 125 -14.19 3.07 40.63
N GLU D 126 -13.10 3.80 40.56
CA GLU D 126 -12.20 3.80 39.42
C GLU D 126 -10.97 2.95 39.69
N ILE D 127 -10.66 2.08 38.75
CA ILE D 127 -9.47 1.24 38.78
C ILE D 127 -8.51 1.64 37.65
N ALA D 128 -7.25 1.83 37.99
CA ALA D 128 -6.22 2.12 37.01
C ALA D 128 -5.81 0.84 36.30
N GLN D 129 -5.80 0.91 34.97
CA GLN D 129 -5.45 -0.21 34.11
C GLN D 129 -4.28 0.22 33.22
N PRO D 130 -3.09 -0.39 33.40
CA PRO D 130 -1.94 -0.06 32.52
C PRO D 130 -2.24 -0.32 31.07
N VAL D 131 -1.70 0.48 30.15
CA VAL D 131 -1.95 0.25 28.73
C VAL D 131 -1.21 -0.99 28.23
N GLY D 132 -0.13 -1.37 28.91
CA GLY D 132 0.63 -2.56 28.53
C GLY D 132 2.05 -2.22 28.11
N ILE D 133 2.29 -2.25 26.81
CA ILE D 133 3.60 -1.91 26.24
C ILE D 133 3.55 -0.64 25.42
N VAL D 134 4.42 0.31 25.79
CA VAL D 134 4.55 1.61 25.12
C VAL D 134 5.76 1.58 24.17
N ALA D 135 5.52 2.01 22.93
CA ALA D 135 6.56 2.29 21.94
C ALA D 135 6.89 3.76 22.02
N GLY D 136 8.09 4.07 22.49
CA GLY D 136 8.51 5.46 22.62
C GLY D 136 9.44 5.91 21.50
N ILE D 137 8.97 6.79 20.62
CA ILE D 137 9.82 7.32 19.55
C ILE D 137 10.55 8.58 20.08
N ILE D 138 11.87 8.61 19.92
CA ILE D 138 12.73 9.64 20.55
C ILE D 138 13.39 10.54 19.52
N PRO D 139 13.21 11.87 19.65
CA PRO D 139 13.83 12.79 18.69
C PRO D 139 15.36 12.95 18.86
N SER D 140 16.01 13.58 17.90
CA SER D 140 17.46 13.74 17.92
C SER D 140 17.87 14.95 18.73
N THR D 141 16.93 15.87 18.91
CA THR D 141 17.20 17.13 19.60
C THR D 141 17.21 17.02 21.12
N ASN D 142 16.30 16.20 21.64
CA ASN D 142 16.13 15.96 23.09
C ASN D 142 16.28 14.48 23.44
N PRO D 143 17.35 13.83 22.98
CA PRO D 143 17.31 12.37 23.01
C PRO D 143 17.38 11.73 24.42
N THR D 144 18.22 12.23 25.32
CA THR D 144 18.38 11.57 26.60
C THR D 144 17.31 12.04 27.59
N SER D 145 16.96 13.33 27.55
CA SER D 145 15.94 13.84 28.46
C SER D 145 14.56 13.22 28.16
N THR D 146 14.26 12.99 26.89
CA THR D 146 12.98 12.44 26.51
C THR D 146 12.88 10.96 26.94
N VAL D 147 13.98 10.22 26.88
CA VAL D 147 13.99 8.85 27.40
C VAL D 147 13.72 8.83 28.92
N ILE D 148 14.35 9.73 29.66
CA ILE D 148 14.17 9.77 31.11
C ILE D 148 12.72 10.08 31.48
N PHE D 149 12.18 11.12 30.87
CA PHE D 149 10.78 11.51 31.05
C PHE D 149 9.82 10.37 30.69
N LYS D 150 9.97 9.76 29.52
CA LYS D 150 9.02 8.74 29.07
C LYS D 150 9.13 7.49 29.93
N ALA D 151 10.34 7.13 30.33
CA ALA D 151 10.52 5.95 31.17
C ALA D 151 9.85 6.13 32.51
N LEU D 152 10.03 7.32 33.11
CA LEU D 152 9.46 7.59 34.43
C LEU D 152 7.93 7.48 34.34
N ILE D 153 7.31 8.17 33.38
CA ILE D 153 5.84 8.17 33.36
C ILE D 153 5.27 6.82 32.94
N ALA D 154 5.96 6.12 32.05
CA ALA D 154 5.52 4.78 31.63
C ALA D 154 5.60 3.75 32.76
N VAL D 155 6.70 3.76 33.49
CA VAL D 155 6.86 2.72 34.49
C VAL D 155 5.98 3.05 35.71
N LYS D 156 5.79 4.34 35.99
CA LYS D 156 4.91 4.78 37.08
C LYS D 156 3.46 4.33 36.85
N ALA D 157 3.03 4.33 35.59
CA ALA D 157 1.72 3.85 35.21
C ALA D 157 1.67 2.32 35.08
N ARG D 158 2.80 1.66 35.34
CA ARG D 158 2.94 0.19 35.39
C ARG D 158 2.98 -0.48 34.02
N ASN D 159 3.60 0.21 33.08
CA ASN D 159 3.83 -0.28 31.73
C ASN D 159 5.27 -0.68 31.49
N ALA D 160 5.49 -1.46 30.44
CA ALA D 160 6.83 -1.63 29.88
C ALA D 160 6.98 -0.60 28.76
N ILE D 161 8.21 -0.30 28.34
CA ILE D 161 8.42 0.63 27.25
C ILE D 161 9.63 0.22 26.41
N VAL D 162 9.43 0.26 25.10
CA VAL D 162 10.47 -0.02 24.10
C VAL D 162 10.73 1.25 23.33
N PHE D 163 11.97 1.73 23.38
CA PHE D 163 12.37 2.96 22.71
C PHE D 163 12.91 2.75 21.28
N SER D 164 12.62 3.73 20.44
CA SER D 164 13.14 3.80 19.08
C SER D 164 13.86 5.13 18.85
N PRO D 165 15.20 5.13 18.85
CA PRO D 165 15.95 6.37 18.66
C PRO D 165 16.01 6.86 17.22
N HIS D 166 16.16 8.16 17.06
CA HIS D 166 16.63 8.77 15.82
C HIS D 166 18.02 8.22 15.50
N PRO D 167 18.31 7.95 14.21
CA PRO D 167 19.61 7.36 13.88
C PRO D 167 20.81 8.24 14.30
N SER D 168 20.66 9.56 14.23
CA SER D 168 21.69 10.51 14.67
C SER D 168 22.01 10.50 16.18
N ALA D 169 21.15 9.88 17.00
CA ALA D 169 21.33 9.87 18.44
C ALA D 169 21.19 8.46 19.04
N ALA D 170 21.45 7.45 18.24
CA ALA D 170 21.22 6.08 18.62
C ALA D 170 21.94 5.66 19.92
N LYS D 171 23.20 6.04 20.05
CA LYS D 171 24.01 5.53 21.17
C LYS D 171 23.61 6.17 22.48
N CYS D 172 23.50 7.50 22.50
CA CYS D 172 23.15 8.17 23.76
C CYS D 172 21.72 7.80 24.18
N THR D 173 20.85 7.56 23.21
CA THR D 173 19.45 7.21 23.53
C THR D 173 19.43 5.83 24.16
N ALA D 174 20.12 4.86 23.57
CA ALA D 174 20.18 3.53 24.14
C ALA D 174 20.81 3.55 25.55
N GLU D 175 21.83 4.39 25.76
CA GLU D 175 22.50 4.46 27.06
C GLU D 175 21.56 5.04 28.13
N ALA D 176 20.81 6.09 27.78
CA ALA D 176 19.81 6.60 28.69
C ALA D 176 18.85 5.48 29.08
N ALA D 177 18.35 4.74 28.10
CA ALA D 177 17.47 3.60 28.36
C ALA D 177 18.13 2.58 29.30
N ARG D 178 19.41 2.27 29.04
CA ARG D 178 20.13 1.22 29.81
C ARG D 178 20.22 1.61 31.28
N ILE D 179 20.52 2.88 31.51
CA ILE D 179 20.62 3.46 32.83
C ILE D 179 19.28 3.40 33.56
N MET D 180 18.18 3.70 32.87
CA MET D 180 16.86 3.61 33.51
C MET D 180 16.55 2.17 33.90
N GLN D 181 16.76 1.23 32.97
CA GLN D 181 16.51 -0.18 33.25
C GLN D 181 17.33 -0.71 34.44
N GLU D 182 18.61 -0.37 34.47
N GLU D 182 18.62 -0.38 34.49
CA GLU D 182 19.52 -0.77 35.54
CA GLU D 182 19.46 -0.86 35.59
C GLU D 182 19.03 -0.22 36.88
C GLU D 182 19.02 -0.23 36.91
N ALA D 183 18.67 1.05 36.89
CA ALA D 183 18.14 1.71 38.07
C ALA D 183 16.82 1.07 38.54
N ALA D 184 15.92 0.82 37.59
CA ALA D 184 14.65 0.18 37.90
C ALA D 184 14.89 -1.20 38.50
N GLU D 185 15.72 -1.98 37.83
CA GLU D 185 16.05 -3.33 38.25
C GLU D 185 16.67 -3.37 39.65
N ARG D 186 17.55 -2.42 39.97
CA ARG D 186 18.14 -2.35 41.30
C ARG D 186 17.09 -2.25 42.40
N ALA D 187 15.95 -1.64 42.09
CA ALA D 187 14.90 -1.39 43.07
C ALA D 187 13.80 -2.47 42.99
N GLY D 188 14.05 -3.48 42.16
CA GLY D 188 13.26 -4.70 42.14
C GLY D 188 12.49 -4.97 40.86
N ALA D 189 12.63 -4.06 39.90
CA ALA D 189 11.90 -4.18 38.65
C ALA D 189 12.43 -5.38 37.89
N PRO D 190 11.58 -6.03 37.08
CA PRO D 190 11.97 -7.18 36.27
C PRO D 190 12.82 -6.83 35.07
N LYS D 191 13.65 -7.77 34.63
CA LYS D 191 14.42 -7.60 33.40
C LYS D 191 13.48 -7.38 32.21
N GLY D 192 13.92 -6.57 31.25
CA GLY D 192 13.21 -6.40 30.00
C GLY D 192 12.14 -5.31 30.04
N LEU D 193 12.02 -4.63 31.17
CA LEU D 193 10.99 -3.59 31.31
C LEU D 193 11.22 -2.36 30.41
N ILE D 194 12.47 -1.96 30.27
CA ILE D 194 12.86 -0.78 29.51
C ILE D 194 13.94 -1.16 28.51
N SER D 195 13.71 -0.95 27.22
CA SER D 195 14.64 -1.40 26.17
C SER D 195 14.73 -0.35 25.06
N CYS D 196 15.66 -0.54 24.15
CA CYS D 196 15.92 0.44 23.11
C CYS D 196 16.54 -0.21 21.88
N ILE D 197 15.93 0.03 20.72
CA ILE D 197 16.45 -0.44 19.46
C ILE D 197 17.89 0.08 19.34
N THR D 198 18.82 -0.82 19.03
CA THR D 198 20.23 -0.44 19.03
C THR D 198 20.67 0.02 17.66
N GLN D 199 20.13 -0.59 16.61
CA GLN D 199 20.40 -0.09 15.25
C GLN D 199 19.11 0.35 14.57
N PRO D 200 18.85 1.66 14.58
CA PRO D 200 17.63 2.17 13.97
C PRO D 200 17.56 1.87 12.48
N THR D 201 16.41 1.37 12.03
CA THR D 201 16.10 1.22 10.61
C THR D 201 14.62 1.56 10.40
N MET D 202 14.23 1.74 9.15
CA MET D 202 12.82 1.96 8.85
C MET D 202 12.01 0.71 9.15
N ALA D 203 12.62 -0.44 8.85
CA ALA D 203 11.98 -1.72 9.07
C ALA D 203 11.65 -1.90 10.56
N ALA D 204 12.63 -1.64 11.40
CA ALA D 204 12.44 -1.75 12.84
C ALA D 204 11.41 -0.72 13.40
N THR D 205 11.47 0.52 12.94
CA THR D 205 10.46 1.49 13.31
C THR D 205 9.04 0.98 12.91
N ASN D 206 8.91 0.48 11.69
CA ASN D 206 7.63 -0.05 11.22
C ASN D 206 7.15 -1.22 12.06
N GLU D 207 8.07 -2.09 12.42
CA GLU D 207 7.76 -3.27 13.23
C GLU D 207 7.25 -2.88 14.62
N LEU D 208 7.94 -1.97 15.27
CA LEU D 208 7.59 -1.57 16.63
C LEU D 208 6.21 -0.90 16.64
N MET D 209 5.95 -0.07 15.65
CA MET D 209 4.68 0.65 15.61
C MET D 209 3.49 -0.25 15.29
N LYS D 210 3.70 -1.31 14.51
CA LYS D 210 2.59 -2.13 14.01
C LYS D 210 2.49 -3.51 14.66
N HIS D 211 3.47 -3.88 15.47
CA HIS D 211 3.47 -5.19 16.09
C HIS D 211 2.25 -5.46 16.97
N LYS D 212 1.77 -6.70 16.91
N LYS D 212 1.80 -6.72 16.94
CA LYS D 212 0.66 -7.19 17.71
CA LYS D 212 0.64 -7.17 17.70
C LYS D 212 0.73 -6.79 19.18
C LYS D 212 0.72 -6.88 19.20
N LEU D 213 1.92 -6.90 19.77
CA LEU D 213 2.09 -6.68 21.21
C LEU D 213 2.22 -5.20 21.58
N THR D 214 2.40 -4.33 20.60
CA THR D 214 2.50 -2.88 20.93
C THR D 214 1.11 -2.34 21.25
N ASP D 215 0.99 -1.65 22.39
CA ASP D 215 -0.32 -1.16 22.83
C ASP D 215 -0.56 0.32 22.53
N VAL D 216 0.46 1.17 22.78
CA VAL D 216 0.34 2.62 22.59
C VAL D 216 1.66 3.19 22.08
N ILE D 217 1.55 4.06 21.08
CA ILE D 217 2.71 4.78 20.56
C ILE D 217 2.76 6.20 21.11
N LEU D 218 3.92 6.54 21.68
CA LEU D 218 4.24 7.91 22.06
C LEU D 218 5.22 8.42 21.01
N ALA D 219 4.74 9.28 20.13
CA ALA D 219 5.51 9.67 18.96
C ALA D 219 6.01 11.09 19.06
N THR D 220 7.27 11.25 19.48
CA THR D 220 7.87 12.57 19.61
C THR D 220 8.92 12.71 18.51
N GLY D 221 8.57 13.47 17.47
CA GLY D 221 9.40 13.56 16.30
C GLY D 221 8.76 14.47 15.29
N GLY D 222 9.30 14.48 14.07
CA GLY D 222 8.76 15.31 13.00
C GLY D 222 7.41 14.83 12.51
N PRO D 223 6.68 15.71 11.78
CA PRO D 223 5.33 15.44 11.30
C PRO D 223 5.20 14.15 10.50
N GLY D 224 6.31 13.71 9.92
CA GLY D 224 6.33 12.48 9.16
C GLY D 224 6.27 11.24 10.01
N LEU D 225 7.03 11.19 11.12
CA LEU D 225 6.96 10.05 12.04
C LEU D 225 5.61 10.06 12.76
N VAL D 226 5.14 11.26 13.09
CA VAL D 226 3.86 11.39 13.78
C VAL D 226 2.72 10.88 12.88
N LYS D 227 2.73 11.27 11.62
CA LYS D 227 1.76 10.77 10.66
C LYS D 227 1.80 9.24 10.59
N ALA D 228 3.02 8.69 10.50
CA ALA D 228 3.19 7.25 10.47
C ALA D 228 2.60 6.63 11.73
N ALA D 229 2.77 7.29 12.87
CA ALA D 229 2.22 6.76 14.13
C ALA D 229 0.69 6.74 14.09
N TYR D 230 0.07 7.78 13.53
CA TYR D 230 -1.39 7.78 13.40
C TYR D 230 -1.87 7.00 12.17
N SER D 231 -0.94 6.32 11.49
CA SER D 231 -1.27 5.47 10.33
C SER D 231 -0.96 4.00 10.62
N SER D 232 -0.66 3.70 11.88
CA SER D 232 -0.09 2.40 12.25
C SER D 232 -1.12 1.33 12.58
N GLY D 233 -2.36 1.76 12.76
CA GLY D 233 -3.37 0.86 13.32
C GLY D 233 -3.45 0.85 14.83
N LYS D 234 -2.62 1.64 15.48
CA LYS D 234 -2.54 1.66 16.95
C LYS D 234 -2.91 3.00 17.55
N PRO D 235 -3.44 2.98 18.78
CA PRO D 235 -3.60 4.22 19.54
C PRO D 235 -2.27 4.95 19.67
N ALA D 236 -2.27 6.24 19.40
CA ALA D 236 -1.03 7.03 19.44
C ALA D 236 -1.23 8.43 20.04
N TYR D 237 -0.24 8.86 20.81
CA TYR D 237 -0.09 10.25 21.23
C TYR D 237 1.07 10.86 20.44
N GLY D 238 0.76 11.76 19.53
CA GLY D 238 1.76 12.43 18.71
C GLY D 238 2.03 13.83 19.20
N VAL D 239 3.05 14.46 18.62
CA VAL D 239 3.27 15.88 18.83
C VAL D 239 3.11 16.55 17.49
N GLY D 240 3.24 17.87 17.48
CA GLY D 240 3.40 18.62 16.26
C GLY D 240 4.56 19.58 16.45
N PRO D 241 5.03 20.19 15.35
CA PRO D 241 6.13 21.15 15.45
C PRO D 241 5.67 22.49 16.02
N GLY D 242 6.60 23.26 16.57
CA GLY D 242 6.34 24.62 17.03
C GLY D 242 6.81 25.66 16.04
N ASN D 243 6.28 26.87 16.16
CA ASN D 243 6.86 28.03 15.50
C ASN D 243 6.46 29.26 16.28
N VAL D 244 7.00 29.35 17.49
CA VAL D 244 6.40 30.15 18.55
C VAL D 244 6.58 31.67 18.38
N PRO D 245 5.47 32.40 18.15
CA PRO D 245 5.54 33.85 18.10
C PRO D 245 5.33 34.43 19.49
N VAL D 246 6.09 35.47 19.82
CA VAL D 246 5.99 36.13 21.13
C VAL D 246 5.78 37.61 20.96
N TYR D 247 4.72 38.10 21.59
CA TYR D 247 4.33 39.49 21.53
C TYR D 247 4.87 40.24 22.74
N ILE D 248 5.60 41.31 22.49
CA ILE D 248 6.01 42.20 23.57
C ILE D 248 5.14 43.44 23.48
N HIS D 249 4.18 43.53 24.40
CA HIS D 249 3.27 44.66 24.50
C HIS D 249 3.93 45.85 25.19
N GLU D 250 3.51 47.07 24.83
CA GLU D 250 4.16 48.28 25.31
C GLU D 250 4.13 48.41 26.83
N SER D 251 3.30 47.61 27.49
CA SER D 251 3.22 47.60 28.95
C SER D 251 4.25 46.70 29.63
N ALA D 252 5.03 45.97 28.84
CA ALA D 252 5.98 44.98 29.37
C ALA D 252 7.11 45.62 30.17
N ASN D 253 7.64 44.88 31.14
CA ASN D 253 8.94 45.20 31.70
C ASN D 253 10.03 44.76 30.71
N ILE D 254 10.53 45.69 29.89
CA ILE D 254 11.34 45.33 28.73
C ILE D 254 12.64 44.57 29.06
N ALA D 255 13.37 45.04 30.06
CA ALA D 255 14.63 44.39 30.43
C ALA D 255 14.42 42.94 30.87
N LYS D 256 13.28 42.69 31.49
CA LYS D 256 12.97 41.37 32.00
C LYS D 256 12.44 40.45 30.89
N ALA D 257 11.63 41.01 29.99
CA ALA D 257 11.10 40.23 28.88
C ALA D 257 12.25 39.76 28.02
N VAL D 258 13.15 40.69 27.71
CA VAL D 258 14.28 40.38 26.85
C VAL D 258 15.10 39.27 27.49
N GLN D 259 15.34 39.37 28.78
CA GLN D 259 16.13 38.38 29.50
C GLN D 259 15.46 37.01 29.46
N LEU D 260 14.16 36.97 29.74
CA LEU D 260 13.44 35.71 29.71
C LEU D 260 13.47 35.13 28.30
N ILE D 261 13.33 36.00 27.31
CA ILE D 261 13.30 35.56 25.91
C ILE D 261 14.65 34.96 25.52
N ILE D 262 15.73 35.67 25.84
CA ILE D 262 17.07 35.23 25.47
C ILE D 262 17.47 33.94 26.17
N GLN D 263 17.16 33.82 27.46
CA GLN D 263 17.51 32.60 28.18
C GLN D 263 16.78 31.37 27.59
N SER D 264 15.56 31.57 27.12
CA SER D 264 14.73 30.48 26.59
C SER D 264 15.16 30.11 25.18
N LYS D 265 15.39 31.14 24.38
CA LYS D 265 15.71 30.98 22.97
C LYS D 265 17.04 30.30 22.76
N THR D 266 18.00 30.61 23.64
CA THR D 266 19.38 30.19 23.45
C THR D 266 19.65 28.91 24.23
N PHE D 267 18.67 28.46 25.00
CA PHE D 267 18.77 27.20 25.72
C PHE D 267 19.02 26.05 24.76
N ASP D 268 20.14 25.38 24.99
CA ASP D 268 20.62 24.30 24.16
C ASP D 268 20.72 24.73 22.70
N TYR D 269 20.99 26.02 22.51
CA TYR D 269 21.08 26.61 21.20
C TYR D 269 19.81 26.42 20.36
N GLY D 270 18.64 26.47 21.02
CA GLY D 270 17.37 26.61 20.32
C GLY D 270 16.71 25.31 19.84
N THR D 271 17.09 24.18 20.43
CA THR D 271 16.61 22.88 19.98
C THR D 271 15.20 22.49 20.44
N ILE D 272 14.61 23.22 21.37
CA ILE D 272 13.31 22.81 21.91
C ILE D 272 12.15 23.44 21.14
N ALA D 274 9.18 24.35 21.72
CA ALA D 274 8.50 25.47 22.37
C ALA D 274 9.28 26.80 22.35
N SER D 275 10.48 26.80 21.79
CA SER D 275 11.36 27.99 21.84
C SER D 275 10.86 29.12 20.91
N GLU D 276 11.03 30.37 21.35
CA GLU D 276 10.65 31.55 20.56
C GLU D 276 11.27 31.51 19.15
N GLN D 277 10.49 31.88 18.14
CA GLN D 277 11.01 31.96 16.76
C GLN D 277 10.85 33.36 16.18
N ALA D 278 9.93 34.14 16.73
CA ALA D 278 9.68 35.49 16.24
C ALA D 278 9.14 36.36 17.35
N LEU D 279 9.64 37.59 17.37
CA LEU D 279 9.16 38.62 18.25
C LEU D 279 8.25 39.56 17.47
N LEU D 280 7.11 39.88 18.06
CA LEU D 280 6.17 40.87 17.56
C LEU D 280 6.22 42.01 18.58
N VAL D 281 6.64 43.20 18.14
CA VAL D 281 6.95 44.27 19.09
C VAL D 281 6.14 45.53 18.79
N ASP D 282 5.50 46.08 19.82
CA ASP D 282 4.80 47.35 19.75
C ASP D 282 5.72 48.47 19.29
N GLU D 283 5.32 49.10 18.18
CA GLU D 283 6.01 50.25 17.59
C GLU D 283 6.54 51.18 18.64
N SER D 284 5.68 51.52 19.58
CA SER D 284 5.97 52.51 20.62
C SER D 284 7.12 52.14 21.57
N ILE D 285 7.58 50.88 21.55
CA ILE D 285 8.70 50.49 22.41
C ILE D 285 9.84 49.86 21.59
N LYS D 286 9.72 49.91 20.27
CA LYS D 286 10.64 49.20 19.38
C LYS D 286 12.09 49.50 19.70
N GLU D 287 12.43 50.78 19.81
CA GLU D 287 13.81 51.21 20.02
C GLU D 287 14.39 50.65 21.33
N LYS D 288 13.62 50.71 22.43
CA LYS D 288 14.10 50.18 23.71
C LYS D 288 14.33 48.68 23.66
N VAL D 289 13.46 47.96 22.96
CA VAL D 289 13.60 46.51 22.87
C VAL D 289 14.87 46.16 22.09
N VAL D 290 15.07 46.81 20.95
CA VAL D 290 16.26 46.59 20.13
C VAL D 290 17.52 46.86 20.97
N ALA D 291 17.58 48.02 21.59
CA ALA D 291 18.73 48.39 22.40
C ALA D 291 18.95 47.38 23.52
N GLU D 292 17.87 47.00 24.17
CA GLU D 292 17.98 46.05 25.27
C GLU D 292 18.43 44.67 24.78
N LEU D 293 17.96 44.27 23.60
CA LEU D 293 18.39 42.99 23.01
C LEU D 293 19.89 43.02 22.72
N LYS D 294 20.34 44.10 22.09
CA LYS D 294 21.75 44.22 21.76
C LYS D 294 22.59 44.15 23.03
N GLN D 295 22.17 44.93 24.02
CA GLN D 295 22.84 44.96 25.31
C GLN D 295 22.95 43.56 25.93
N GLN D 296 21.96 42.71 25.70
CA GLN D 296 21.95 41.39 26.33
C GLN D 296 22.50 40.27 25.41
N GLY D 297 23.09 40.64 24.29
CA GLY D 297 23.86 39.71 23.47
C GLY D 297 23.36 39.43 22.06
N ALA D 298 22.28 40.11 21.64
CA ALA D 298 21.77 39.99 20.27
C ALA D 298 22.60 40.77 19.23
N TYR D 299 22.80 40.12 18.08
CA TYR D 299 23.43 40.72 16.92
C TYR D 299 22.36 40.93 15.83
N PHE D 300 22.05 42.19 15.52
CA PHE D 300 21.07 42.48 14.46
C PHE D 300 21.72 42.48 13.10
N LEU D 301 21.24 41.62 12.22
CA LEU D 301 21.80 41.50 10.89
C LEU D 301 21.39 42.67 9.99
N ASN D 302 22.32 43.21 9.20
CA ASN D 302 21.98 44.20 8.19
C ASN D 302 21.42 43.43 6.99
N GLU D 303 20.93 44.16 6.01
N GLU D 303 20.94 44.15 6.00
CA GLU D 303 20.17 43.53 4.93
CA GLU D 303 20.15 43.52 4.94
C GLU D 303 21.00 42.47 4.23
C GLU D 303 20.97 42.55 4.10
N GLU D 304 22.29 42.77 4.03
CA GLU D 304 23.15 41.84 3.29
C GLU D 304 23.42 40.59 4.12
N GLU D 305 23.68 40.80 5.40
CA GLU D 305 23.89 39.70 6.35
C GLU D 305 22.65 38.80 6.44
N LYS D 306 21.47 39.44 6.44
CA LYS D 306 20.20 38.72 6.49
C LYS D 306 20.07 37.76 5.32
N GLN D 307 20.42 38.22 4.13
CA GLN D 307 20.28 37.39 2.94
C GLN D 307 21.22 36.19 3.01
N LYS D 308 22.40 36.39 3.56
CA LYS D 308 23.36 35.31 3.64
C LYS D 308 22.93 34.26 4.66
N VAL D 309 22.36 34.70 5.78
CA VAL D 309 21.90 33.73 6.80
C VAL D 309 20.64 33.03 6.30
N ALA D 310 19.73 33.78 5.70
CA ALA D 310 18.53 33.20 5.11
C ALA D 310 18.90 32.05 4.18
N SER D 311 20.00 32.23 3.47
CA SER D 311 20.44 31.26 2.45
C SER D 311 20.79 29.89 3.01
N ILE D 312 21.11 29.83 4.29
CA ILE D 312 21.47 28.55 4.88
C ILE D 312 20.44 28.07 5.90
N ILE D 313 19.43 28.88 6.19
CA ILE D 313 18.35 28.44 7.06
C ILE D 313 17.62 27.31 6.36
N MET D 314 17.28 27.52 5.09
CA MET D 314 16.57 26.52 4.29
C MET D 314 17.45 25.86 3.23
N VAL D 315 17.36 24.54 3.17
CA VAL D 315 18.04 23.75 2.14
C VAL D 315 17.03 22.82 1.48
N ASN D 316 16.78 23.04 0.19
CA ASN D 316 15.86 22.22 -0.56
C ASN D 316 14.43 22.36 -0.02
N GLY D 317 14.06 23.61 0.28
CA GLY D 317 12.70 23.90 0.75
C GLY D 317 12.36 23.40 2.14
N SER D 318 13.36 23.08 2.93
CA SER D 318 13.12 22.72 4.32
C SER D 318 14.29 23.13 5.23
N LEU D 319 14.05 23.09 6.54
CA LEU D 319 15.04 23.54 7.51
C LEU D 319 16.35 22.75 7.37
N ASN D 320 17.42 23.49 7.16
CA ASN D 320 18.76 22.91 7.07
C ASN D 320 19.20 22.29 8.39
N ALA D 321 19.33 20.97 8.39
CA ALA D 321 19.71 20.25 9.59
C ALA D 321 21.03 20.71 10.13
N LYS D 322 21.85 21.30 9.26
CA LYS D 322 23.21 21.65 9.64
C LYS D 322 23.30 22.90 10.51
N ILE D 323 22.24 23.70 10.61
CA ILE D 323 22.25 24.81 11.58
C ILE D 323 21.54 24.48 12.90
N VAL D 324 20.86 23.34 12.97
CA VAL D 324 20.08 22.97 14.16
C VAL D 324 20.99 22.85 15.38
N GLY D 325 20.60 23.51 16.45
CA GLY D 325 21.34 23.50 17.69
C GLY D 325 22.79 23.97 17.63
N LYS D 326 23.09 24.89 16.72
CA LYS D 326 24.45 25.42 16.58
C LYS D 326 24.60 26.81 17.19
N ALA D 327 25.77 27.08 17.75
CA ALA D 327 26.10 28.39 18.29
C ALA D 327 26.01 29.42 17.20
N PRO D 328 25.68 30.66 17.55
CA PRO D 328 25.55 31.69 16.53
C PRO D 328 26.86 31.91 15.76
N GLN D 329 28.01 31.67 16.40
CA GLN D 329 29.30 31.86 15.70
C GLN D 329 29.48 30.81 14.63
N VAL D 330 28.98 29.61 14.90
CA VAL D 330 29.05 28.52 13.94
C VAL D 330 28.17 28.84 12.76
N ILE D 331 26.96 29.35 13.03
CA ILE D 331 26.04 29.75 11.98
C ILE D 331 26.67 30.89 11.15
N ALA D 332 27.32 31.83 11.83
CA ALA D 332 28.00 32.94 11.14
C ALA D 332 29.07 32.44 10.17
N GLU D 333 29.88 31.48 10.62
N GLU D 333 29.88 31.46 10.58
CA GLU D 333 30.89 30.85 9.76
CA GLU D 333 30.89 30.94 9.67
C GLU D 333 30.23 30.33 8.48
C GLU D 333 30.25 30.31 8.44
N MET D 334 29.22 29.50 8.66
CA MET D 334 28.52 28.85 7.55
C MET D 334 27.93 29.85 6.55
N ALA D 335 27.53 31.02 7.04
CA ALA D 335 26.87 32.02 6.20
C ALA D 335 27.87 32.96 5.53
N GLY D 336 29.11 32.96 6.02
CA GLY D 336 30.15 33.83 5.51
C GLY D 336 30.02 35.25 6.07
N ILE D 337 29.60 35.34 7.32
CA ILE D 337 29.56 36.63 8.00
C ILE D 337 30.45 36.57 9.23
N GLU D 338 30.68 37.72 9.82
CA GLU D 338 31.66 37.88 10.90
C GLU D 338 31.01 38.56 12.09
N ILE D 339 30.99 37.89 13.24
CA ILE D 339 30.32 38.42 14.41
C ILE D 339 31.21 38.27 15.62
N PRO D 340 31.01 39.12 16.64
CA PRO D 340 31.78 38.97 17.87
C PRO D 340 31.55 37.64 18.60
N SER D 341 32.52 37.28 19.43
CA SER D 341 32.52 36.07 20.23
C SER D 341 31.43 36.03 21.28
N ASP D 342 31.13 37.18 21.87
CA ASP D 342 30.18 37.21 22.97
C ASP D 342 28.71 37.28 22.50
N VAL D 343 28.46 37.16 21.20
CA VAL D 343 27.08 37.20 20.67
C VAL D 343 26.33 35.92 21.05
N LYS D 344 25.11 36.10 21.56
CA LYS D 344 24.29 34.99 22.02
C LYS D 344 23.20 34.56 21.03
N LEU D 345 22.74 35.49 20.20
CA LEU D 345 21.73 35.18 19.21
C LEU D 345 21.78 36.17 18.07
N LEU D 346 21.35 35.71 16.91
CA LEU D 346 21.16 36.54 15.72
C LEU D 346 19.71 36.96 15.58
N VAL D 347 19.48 38.21 15.17
CA VAL D 347 18.12 38.72 15.00
C VAL D 347 18.01 39.43 13.65
N ALA D 348 16.92 39.20 12.94
CA ALA D 348 16.66 39.89 11.67
C ALA D 348 15.29 40.52 11.70
N GLU D 349 15.20 41.78 11.28
CA GLU D 349 13.91 42.41 11.13
C GLU D 349 13.24 41.81 9.91
N GLU D 350 11.94 41.55 10.05
CA GLU D 350 11.16 40.89 9.02
C GLU D 350 9.76 41.51 8.93
N THR D 351 9.15 41.42 7.75
CA THR D 351 7.80 41.93 7.52
C THR D 351 6.86 40.85 6.97
N GLU D 352 7.42 39.88 6.25
CA GLU D 352 6.65 38.83 5.57
C GLU D 352 6.61 37.48 6.32
N VAL D 353 5.60 36.66 6.02
CA VAL D 353 5.44 35.34 6.65
C VAL D 353 5.13 34.30 5.58
N GLY D 354 5.90 33.21 5.58
CA GLY D 354 5.71 32.15 4.61
C GLY D 354 6.95 31.32 4.44
N LYS D 355 6.78 30.12 3.90
CA LYS D 355 7.91 29.20 3.64
C LYS D 355 8.96 29.83 2.77
N GLU D 356 8.56 30.75 1.90
CA GLU D 356 9.50 31.42 1.01
C GLU D 356 10.26 32.56 1.73
N TYR D 357 10.00 32.70 3.03
CA TYR D 357 10.69 33.66 3.89
C TYR D 357 11.34 32.95 5.09
N PRO D 358 12.58 32.46 4.91
CA PRO D 358 13.24 31.62 5.91
C PRO D 358 13.23 32.18 7.34
N PHE D 359 13.22 33.49 7.53
CA PHE D 359 13.25 33.99 8.89
C PHE D 359 11.90 33.82 9.56
N SER D 360 10.85 33.49 8.80
CA SER D 360 9.51 33.34 9.39
C SER D 360 9.19 31.91 9.82
N ILE D 361 10.05 30.95 9.47
CA ILE D 361 9.82 29.54 9.80
C ILE D 361 10.47 29.12 11.13
N GLU D 362 10.17 27.91 11.59
CA GLU D 362 10.79 27.40 12.80
C GLU D 362 12.26 27.10 12.50
N LYS D 363 13.18 27.65 13.30
CA LYS D 363 14.60 27.63 12.92
C LYS D 363 15.46 26.67 13.76
N LEU D 364 14.94 26.24 14.91
CA LEU D 364 15.62 25.34 15.85
C LEU D 364 17.12 25.65 16.07
N SER D 365 17.39 26.93 16.29
CA SER D 365 18.75 27.46 16.41
C SER D 365 18.62 28.89 16.98
N PRO D 366 19.74 29.48 17.43
CA PRO D 366 19.70 30.81 18.05
C PRO D 366 19.53 31.95 17.03
N ILE D 367 18.42 31.89 16.31
CA ILE D 367 18.00 32.91 15.34
C ILE D 367 16.54 33.35 15.62
N LEU D 368 16.28 34.65 15.69
CA LEU D 368 14.93 35.19 15.90
C LEU D 368 14.56 36.14 14.79
N ALA D 369 13.27 36.12 14.40
CA ALA D 369 12.68 37.15 13.53
C ALA D 369 12.17 38.32 14.39
N PHE D 370 12.17 39.52 13.81
CA PHE D 370 11.76 40.72 14.54
C PHE D 370 10.74 41.51 13.71
N TYR D 371 9.49 41.47 14.15
CA TYR D 371 8.40 42.17 13.49
C TYR D 371 7.93 43.32 14.34
N ILE D 372 7.75 44.46 13.69
CA ILE D 372 7.11 45.64 14.28
C ILE D 372 5.62 45.59 14.01
N VAL D 373 4.81 45.87 15.03
CA VAL D 373 3.36 45.94 14.88
C VAL D 373 2.82 47.23 15.49
N LYS D 374 1.69 47.70 15.00
CA LYS D 374 1.08 48.93 15.54
C LYS D 374 0.45 48.71 16.92
N GLY D 375 -0.03 47.50 17.17
CA GLY D 375 -0.63 47.17 18.45
C GLY D 375 -1.15 45.75 18.44
N MET D 376 -1.88 45.40 19.49
CA MET D 376 -2.36 44.04 19.73
C MET D 376 -3.06 43.40 18.54
N GLU D 377 -3.86 44.16 17.81
CA GLU D 377 -4.64 43.60 16.72
C GLU D 377 -3.74 43.09 15.60
N GLU D 378 -2.71 43.86 15.26
CA GLU D 378 -1.79 43.41 14.21
C GLU D 378 -0.93 42.26 14.75
N ALA D 379 -0.72 42.22 16.06
CA ALA D 379 0.11 41.20 16.67
C ALA D 379 -0.61 39.87 16.55
N SER D 380 -1.90 39.87 16.90
CA SER D 380 -2.75 38.69 16.74
C SER D 380 -2.82 38.19 15.30
N GLU D 381 -2.96 39.10 14.34
N GLU D 381 -2.99 39.11 14.37
CA GLU D 381 -3.05 38.71 12.94
CA GLU D 381 -3.03 38.79 12.94
C GLU D 381 -1.73 38.13 12.46
C GLU D 381 -1.74 38.09 12.53
N LEU D 382 -0.63 38.65 12.99
CA LEU D 382 0.69 38.18 12.61
C LEU D 382 0.96 36.84 13.29
N ALA D 383 0.53 36.73 14.54
CA ALA D 383 0.76 35.54 15.34
C ALA D 383 0.03 34.36 14.69
N GLN D 384 -1.20 34.60 14.25
CA GLN D 384 -1.97 33.59 13.55
C GLN D 384 -1.23 33.13 12.29
N LYS D 385 -0.69 34.06 11.50
CA LYS D 385 -0.03 33.66 10.25
C LYS D 385 1.26 32.87 10.50
N LEU D 386 2.01 33.24 11.54
CA LEU D 386 3.22 32.52 11.91
C LEU D 386 2.89 31.09 12.38
N LEU D 387 1.85 30.94 13.20
CA LEU D 387 1.44 29.60 13.60
C LEU D 387 1.04 28.73 12.41
N GLU D 388 0.43 29.34 11.39
CA GLU D 388 0.00 28.54 10.23
C GLU D 388 1.18 28.04 9.42
N VAL D 389 2.35 28.65 9.63
CA VAL D 389 3.59 28.09 9.11
C VAL D 389 4.18 27.15 10.16
N GLY D 390 3.64 25.94 10.26
CA GLY D 390 4.25 24.91 11.07
C GLY D 390 4.32 25.13 12.57
N GLY D 391 3.32 25.80 13.13
CA GLY D 391 3.21 25.95 14.58
C GLY D 391 1.86 25.65 15.22
N LEU D 392 0.84 25.30 14.45
CA LEU D 392 -0.53 25.24 15.01
C LEU D 392 -0.62 24.28 16.18
N GLY D 393 -1.30 24.74 17.21
CA GLY D 393 -1.63 23.91 18.35
C GLY D 393 -0.52 23.81 19.38
N HIS D 394 0.65 24.36 19.08
CA HIS D 394 1.79 24.18 19.97
C HIS D 394 1.86 25.27 21.06
N THR D 395 2.64 26.33 20.84
CA THR D 395 2.89 27.32 21.89
C THR D 395 2.90 28.76 21.37
N VAL D 396 2.46 29.69 22.21
CA VAL D 396 2.61 31.12 21.96
C VAL D 396 3.01 31.82 23.25
N GLY D 397 3.55 33.02 23.13
CA GLY D 397 3.95 33.80 24.28
C GLY D 397 3.51 35.26 24.24
N ILE D 398 3.27 35.84 25.42
CA ILE D 398 3.07 37.28 25.52
C ILE D 398 3.75 37.81 26.77
N HIS D 399 4.33 39.00 26.63
CA HIS D 399 4.92 39.75 27.74
C HIS D 399 4.16 41.06 27.91
N ALA D 400 3.53 41.25 29.07
CA ALA D 400 2.70 42.43 29.29
C ALA D 400 2.32 42.54 30.75
N GLU D 401 1.95 43.76 31.17
CA GLU D 401 1.54 44.00 32.56
C GLU D 401 0.08 44.44 32.62
N ASP D 402 -0.48 44.74 31.46
CA ASP D 402 -1.89 45.09 31.31
C ASP D 402 -2.76 43.82 31.22
N GLU D 403 -3.43 43.49 32.33
CA GLU D 403 -4.21 42.26 32.43
C GLU D 403 -5.28 42.16 31.37
N LYS D 404 -5.83 43.28 30.95
CA LYS D 404 -6.91 43.28 30.00
C LYS D 404 -6.37 42.95 28.62
N VAL D 405 -5.17 43.43 28.33
CA VAL D 405 -4.56 43.16 27.04
C VAL D 405 -4.19 41.67 26.99
N ILE D 406 -3.65 41.15 28.09
CA ILE D 406 -3.34 39.73 28.20
C ILE D 406 -4.57 38.87 27.89
N GLU D 407 -5.67 39.12 28.60
CA GLU D 407 -6.92 38.37 28.38
C GLU D 407 -7.42 38.47 26.94
N ALA D 408 -7.38 39.68 26.41
CA ALA D 408 -7.87 39.93 25.07
C ALA D 408 -7.02 39.22 24.01
N TYR D 409 -5.71 39.18 24.25
CA TYR D 409 -4.78 38.63 23.28
C TYR D 409 -4.81 37.10 23.28
N THR D 410 -4.96 36.52 24.46
CA THR D 410 -4.75 35.08 24.60
C THR D 410 -5.97 34.25 24.22
N ILE D 411 -7.18 34.76 24.48
CA ILE D 411 -8.39 33.95 24.34
C ILE D 411 -8.51 33.19 23.01
N ASP D 412 -8.09 33.80 21.90
CA ASP D 412 -8.28 33.18 20.58
C ASP D 412 -7.03 32.56 19.92
N LYS D 413 -5.96 32.32 20.66
CA LYS D 413 -4.76 31.76 20.05
C LYS D 413 -4.82 30.22 20.03
N PRO D 414 -4.65 29.61 18.83
CA PRO D 414 -4.69 28.14 18.76
C PRO D 414 -3.35 27.49 19.19
N ALA D 415 -3.12 27.43 20.49
CA ALA D 415 -1.95 26.80 21.05
C ALA D 415 -2.38 26.20 22.36
N GLY D 416 -1.93 24.99 22.64
CA GLY D 416 -2.28 24.33 23.89
C GLY D 416 -1.53 24.94 25.06
N ARG D 417 -0.43 25.62 24.75
CA ARG D 417 0.36 26.35 25.75
C ARG D 417 0.40 27.82 25.36
N ILE D 418 -0.15 28.67 26.22
CA ILE D 418 -0.18 30.12 26.02
C ILE D 418 0.56 30.74 27.20
N VAL D 419 1.83 31.04 26.97
CA VAL D 419 2.79 31.38 28.01
C VAL D 419 2.85 32.89 28.24
N VAL D 420 2.57 33.31 29.47
CA VAL D 420 2.57 34.74 29.81
C VAL D 420 3.69 35.12 30.76
N ASN D 421 4.51 36.08 30.34
CA ASN D 421 5.59 36.62 31.16
C ASN D 421 6.54 35.50 31.59
N ALA D 422 7.00 34.75 30.61
CA ALA D 422 7.93 33.66 30.83
C ALA D 422 8.59 33.29 29.52
N GLY D 423 9.75 32.65 29.59
CA GLY D 423 10.40 32.13 28.39
C GLY D 423 9.56 30.98 27.88
N THR D 424 9.37 30.88 26.56
CA THR D 424 8.43 29.88 26.03
C THR D 424 9.03 28.48 26.06
N THR D 425 10.36 28.36 26.05
CA THR D 425 10.97 27.04 26.21
C THR D 425 10.55 26.43 27.52
N PHE D 426 10.77 27.19 28.59
CA PHE D 426 10.62 26.70 29.96
C PHE D 426 9.14 26.71 30.41
N GLY D 427 8.36 27.59 29.81
CA GLY D 427 6.93 27.67 30.07
C GLY D 427 6.23 26.49 29.44
N GLY D 428 6.48 26.28 28.15
CA GLY D 428 5.83 25.22 27.40
C GLY D 428 6.02 23.83 27.98
N ILE D 429 7.23 23.53 28.41
CA ILE D 429 7.50 22.23 29.01
C ILE D 429 7.05 22.14 30.49
N GLY D 430 6.70 23.26 31.10
CA GLY D 430 6.18 23.25 32.46
C GLY D 430 7.23 23.46 33.55
N ALA D 431 8.40 23.97 33.16
CA ALA D 431 9.45 24.29 34.15
C ALA D 431 9.06 25.52 34.94
N THR D 432 8.60 26.56 34.26
CA THR D 432 8.44 27.87 34.89
C THR D 432 7.00 28.39 34.91
N VAL D 433 6.07 27.67 34.27
CA VAL D 433 4.64 27.92 34.47
C VAL D 433 3.96 26.59 34.81
N ASN D 434 2.79 26.66 35.44
CA ASN D 434 2.14 25.44 35.91
C ASN D 434 1.31 24.73 34.83
N VAL D 435 2.01 24.13 33.86
CA VAL D 435 1.49 23.01 33.06
C VAL D 435 2.28 21.77 33.45
N LYS D 436 1.76 20.57 33.16
CA LYS D 436 2.44 19.36 33.58
C LYS D 436 3.82 19.24 32.93
N PRO D 437 4.87 19.07 33.75
CA PRO D 437 6.22 18.83 33.23
C PRO D 437 6.25 17.71 32.19
N SER D 438 6.76 17.99 31.00
CA SER D 438 6.69 17.05 29.89
C SER D 438 7.61 17.45 28.76
N LEU D 439 8.07 16.46 27.99
CA LEU D 439 8.82 16.71 26.76
C LEU D 439 8.06 16.16 25.54
N THR D 440 6.77 15.89 25.71
CA THR D 440 5.89 15.45 24.62
C THR D 440 4.66 16.35 24.64
N LEU D 441 4.70 17.37 23.81
CA LEU D 441 3.70 18.43 23.88
C LEU D 441 2.68 18.22 22.78
N GLY D 442 1.54 17.65 23.16
CA GLY D 442 0.48 17.36 22.19
C GLY D 442 -0.06 18.67 21.64
N CYS D 443 -0.34 18.72 20.34
CA CYS D 443 -0.80 19.97 19.72
C CYS D 443 -2.29 19.96 19.33
N GLY D 444 -3.05 19.02 19.90
CA GLY D 444 -4.49 18.98 19.66
C GLY D 444 -4.89 18.60 18.23
N ALA D 445 -6.20 18.56 17.98
CA ALA D 445 -6.68 18.23 16.65
C ALA D 445 -6.10 19.17 15.58
N ILE D 446 -5.94 20.44 15.89
CA ILE D 446 -5.41 21.36 14.90
C ILE D 446 -3.96 21.00 14.51
N GLY D 447 -3.24 20.33 15.41
CA GLY D 447 -1.91 19.82 15.12
C GLY D 447 -1.88 18.34 14.78
N ASN D 448 -3.02 17.79 14.34
CA ASN D 448 -3.14 16.36 14.02
C ASN D 448 -2.78 15.44 15.19
N ASN D 449 -3.07 15.88 16.41
CA ASN D 449 -2.84 15.09 17.60
C ASN D 449 -4.15 14.78 18.34
N ILE D 450 -4.19 13.66 19.07
CA ILE D 450 -5.34 13.25 19.86
C ILE D 450 -5.52 14.10 21.12
N THR D 451 -4.46 14.80 21.56
CA THR D 451 -4.57 15.72 22.69
C THR D 451 -3.71 16.96 22.57
N SER D 452 -4.13 18.00 23.30
CA SER D 452 -3.39 19.23 23.42
C SER D 452 -2.61 19.28 24.73
N ASP D 453 -2.77 18.24 25.55
CA ASP D 453 -2.06 18.19 26.82
C ASP D 453 -0.54 17.98 26.66
N ASN D 454 0.20 18.47 27.64
CA ASN D 454 1.53 17.99 27.94
C ASN D 454 1.37 16.57 28.40
N VAL D 455 1.91 15.62 27.63
CA VAL D 455 1.65 14.21 27.92
C VAL D 455 2.35 13.82 29.22
N THR D 456 1.63 13.11 30.08
CA THR D 456 2.16 12.72 31.37
C THR D 456 1.60 11.36 31.80
N VAL D 457 1.73 11.02 33.10
CA VAL D 457 1.51 9.61 33.52
C VAL D 457 0.04 9.19 33.28
N THR D 458 -0.88 10.13 33.37
CA THR D 458 -2.31 9.82 33.25
C THR D 458 -2.71 9.43 31.84
N HIS D 459 -1.84 9.71 30.87
CA HIS D 459 -2.13 9.32 29.49
C HIS D 459 -1.75 7.87 29.24
N LEU D 460 -1.13 7.22 30.23
CA LEU D 460 -0.59 5.88 30.05
C LEU D 460 -1.23 4.81 30.93
N PHE D 461 -2.36 5.14 31.53
CA PHE D 461 -3.24 4.10 32.05
C PHE D 461 -4.70 4.43 31.68
N ASN D 462 -5.47 3.38 31.38
CA ASN D 462 -6.90 3.51 31.17
C ASN D 462 -7.62 3.46 32.54
N ILE D 463 -8.79 4.08 32.63
CA ILE D 463 -9.65 3.94 33.81
C ILE D 463 -10.80 2.96 33.56
N LYS D 464 -10.91 1.98 34.44
CA LYS D 464 -12.07 1.08 34.49
C LYS D 464 -12.99 1.54 35.57
N ARG D 465 -14.30 1.53 35.30
CA ARG D 465 -15.28 1.94 36.31
C ARG D 465 -16.15 0.79 36.77
N VAL D 466 -16.08 0.53 38.06
CA VAL D 466 -16.97 -0.40 38.70
C VAL D 466 -18.20 0.40 39.13
N ALA D 467 -19.34 0.13 38.51
CA ALA D 467 -20.52 0.95 38.75
C ALA D 467 -21.78 0.12 39.08
N PHE D 468 -22.50 0.57 40.11
CA PHE D 468 -23.63 -0.18 40.66
C PHE D 468 -24.97 0.32 40.13
N GLY D 469 -25.95 -0.57 40.05
CA GLY D 469 -27.30 -0.17 39.66
C GLY D 469 -27.84 0.91 40.58
N VAL D 470 -28.26 2.04 40.01
CA VAL D 470 -28.89 3.09 40.81
C VAL D 470 -30.22 3.53 40.21
N ARG D 471 -30.56 3.04 39.02
CA ARG D 471 -31.79 3.47 38.34
C ARG D 471 -32.44 2.28 37.66
N GLU D 472 -33.75 2.38 37.47
CA GLU D 472 -34.51 1.36 36.76
C GLU D 472 -34.70 1.80 35.31
N MET D 473 -34.69 0.83 34.40
CA MET D 473 -34.94 1.09 32.99
C MET D 473 -36.42 0.84 32.69
N PRO D 474 -37.09 1.81 32.03
CA PRO D 474 -38.56 1.76 31.83
C PRO D 474 -39.03 1.04 30.57
N LYS D 475 -40.32 1.21 30.24
CA LYS D 475 -40.90 0.85 28.93
C LYS D 475 -41.92 1.91 28.49
N LYS D 476 -41.93 2.24 27.19
CA LYS D 476 -42.77 3.31 26.64
C LYS D 476 -42.30 4.68 27.10
#